data_6EA8
#
_entry.id   6EA8
#
_cell.length_a   59.428
_cell.length_b   92.330
_cell.length_c   257.088
_cell.angle_alpha   90.00
_cell.angle_beta   93.66
_cell.angle_gamma   90.00
#
_symmetry.space_group_name_H-M   'P 1 21 1'
#
loop_
_entity.id
_entity.type
_entity.pdbx_description
1 polymer 'Protein B2'
2 non-polymer (2S,5R,7R,8R,10R,12aR,14R,15R,15aS,16R)-7-(2-amino-6-oxo-3,6-dihydro-9H-purin-9-yl)-14-(6-amino-9H-purin-9-yl)-15,16-dihydroxy-2,10-disulfanyloctahydro-2H,10H,12H-5,8-methano-2lambda~5~,10lambda~5~-furo[3,2-l][1,3,6,9,11,2,10]pentaoxadiphosphacyclotetradecine-2,10-dione
3 non-polymer 'O-[(1R,2R,3R)-5-{[(S)-{[(2R,3R,4R,5R)-2-(2-amino-6-oxo-3,6-dihydro-9H-purin-9-yl)-4-hydroxy-5-(hydroxymethyl)tetrahydro furan-3-yl]oxy}(sulfanyl)phosphoryl]oxy}-1-(6-amino-9H-purin-9-yl)-1,2-dihydroxypentan-3-yl] dihydrogen (R)-phosphorothioate'
4 water water
#
_entity_poly.entity_id   1
_entity_poly.type   'polypeptide(L)'
_entity_poly.pdbx_seq_one_letter_code
;SMAMFYAHALGGYDENLHAFPGISSTVANDVRKYSVVSVYNNKYDIVKDKYMWCYSQVNKRYIGALLPMFECNEYLQIGD
PIHDQEGNQISIITYRHKNYYALSGIGYESLDLCLEGVGIHHHVLETGNAVYGKVQHDYSTIKEKAKEMNALSPGPIIDY
HVWIGDCICQVTAVDVHGKEIMRMRFKKGAVLPIPNLVKVKLGENDTENLSSTISAAPSR
;
_entity_poly.pdbx_strand_id   A,B,C,D,E,F,G,H,I,J
#
# COMPACT_ATOMS: atom_id res chain seq x y z
N SER A 1 40.94 40.75 -15.84
CA SER A 1 40.81 42.09 -15.26
C SER A 1 41.57 42.20 -13.93
N MET A 2 41.54 43.39 -13.34
CA MET A 2 42.30 43.64 -12.13
C MET A 2 41.85 42.75 -10.99
N ALA A 3 42.80 42.30 -10.17
CA ALA A 3 42.51 41.48 -9.01
C ALA A 3 42.05 42.37 -7.87
N MET A 4 40.76 42.33 -7.56
CA MET A 4 40.17 43.17 -6.51
C MET A 4 39.94 42.35 -5.24
N PHE A 5 40.06 43.01 -4.10
CA PHE A 5 39.71 42.44 -2.81
C PHE A 5 38.84 43.45 -2.08
N TYR A 6 37.60 43.07 -1.79
CA TYR A 6 36.67 43.93 -1.05
C TYR A 6 36.43 43.33 0.33
N ALA A 7 36.58 44.17 1.36
CA ALA A 7 36.41 43.73 2.73
C ALA A 7 34.92 43.72 3.08
N HIS A 8 34.46 42.59 3.64
CA HIS A 8 33.06 42.48 4.03
C HIS A 8 32.68 43.48 5.11
N ALA A 9 33.61 43.78 6.02
CA ALA A 9 33.35 44.70 7.11
C ALA A 9 33.10 46.14 6.64
N LEU A 10 33.42 46.45 5.38
CA LEU A 10 33.13 47.76 4.80
C LEU A 10 32.02 47.67 3.76
N GLY A 11 31.20 46.62 3.81
CA GLY A 11 30.10 46.46 2.88
C GLY A 11 30.49 45.98 1.50
N GLY A 12 31.62 45.30 1.36
CA GLY A 12 32.13 44.92 0.07
C GLY A 12 31.64 43.58 -0.48
N TYR A 13 30.70 42.92 0.19
CA TYR A 13 30.28 41.60 -0.26
C TYR A 13 29.65 41.66 -1.65
N ASP A 14 30.12 40.80 -2.54
CA ASP A 14 29.56 40.63 -3.87
C ASP A 14 29.36 39.14 -4.10
N GLU A 15 28.10 38.75 -4.34
CA GLU A 15 27.80 37.33 -4.54
C GLU A 15 28.40 36.79 -5.83
N ASN A 16 28.71 37.66 -6.79
CA ASN A 16 29.30 37.24 -8.05
C ASN A 16 30.82 37.10 -7.98
N LEU A 17 31.42 37.37 -6.83
CA LEU A 17 32.85 37.19 -6.62
C LEU A 17 33.09 36.03 -5.67
N HIS A 18 34.32 35.55 -5.66
CA HIS A 18 34.71 34.53 -4.70
C HIS A 18 34.55 35.07 -3.28
N ALA A 19 33.99 34.24 -2.40
CA ALA A 19 33.65 34.65 -1.05
C ALA A 19 34.46 33.83 -0.07
N PHE A 20 35.19 34.51 0.81
CA PHE A 20 35.93 33.92 1.91
C PHE A 20 35.59 34.71 3.16
N PRO A 21 35.95 34.20 4.35
CA PRO A 21 35.75 34.99 5.58
C PRO A 21 36.24 36.42 5.43
N GLY A 22 35.30 37.37 5.45
CA GLY A 22 35.62 38.79 5.42
C GLY A 22 36.08 39.34 4.09
N ILE A 23 36.06 38.53 3.02
CA ILE A 23 36.64 38.95 1.74
C ILE A 23 35.73 38.52 0.60
N SER A 24 35.46 39.44 -0.32
CA SER A 24 34.99 39.12 -1.66
C SER A 24 36.08 39.55 -2.64
N SER A 25 36.52 38.63 -3.48
CA SER A 25 37.66 38.89 -4.36
C SER A 25 37.40 38.34 -5.75
N THR A 26 38.06 38.97 -6.74
CA THR A 26 37.91 38.53 -8.12
C THR A 26 38.66 37.22 -8.39
N VAL A 27 39.72 36.96 -7.62
CA VAL A 27 40.49 35.72 -7.75
C VAL A 27 40.38 34.95 -6.44
N ALA A 28 40.60 33.64 -6.54
CA ALA A 28 40.53 32.73 -5.40
C ALA A 28 41.95 32.24 -5.10
N ASN A 29 42.57 32.81 -4.07
CA ASN A 29 43.93 32.47 -3.70
C ASN A 29 43.93 31.38 -2.65
N ASP A 30 44.70 30.32 -2.91
CA ASP A 30 44.94 29.29 -1.90
C ASP A 30 46.06 29.79 -0.98
N VAL A 31 45.71 30.12 0.26
CA VAL A 31 46.67 30.68 1.20
C VAL A 31 47.33 29.61 2.06
N ARG A 32 47.06 28.32 1.81
CA ARG A 32 47.66 27.26 2.60
C ARG A 32 49.16 27.14 2.36
N LYS A 33 49.62 27.52 1.18
CA LYS A 33 50.99 27.24 0.73
C LYS A 33 52.03 28.19 1.32
N TYR A 34 51.62 29.29 1.96
CA TYR A 34 52.56 30.33 2.35
C TYR A 34 53.01 30.14 3.80
N SER A 35 54.32 30.27 4.02
CA SER A 35 54.86 30.29 5.38
C SER A 35 55.27 31.69 5.82
N VAL A 36 55.47 32.62 4.89
CA VAL A 36 55.74 34.01 5.21
C VAL A 36 54.91 34.90 4.31
N VAL A 37 54.37 35.99 4.87
CA VAL A 37 53.65 37.00 4.12
C VAL A 37 54.26 38.36 4.42
N SER A 38 53.92 39.34 3.59
CA SER A 38 54.43 40.70 3.76
C SER A 38 53.29 41.70 3.72
N VAL A 39 53.35 42.70 4.61
CA VAL A 39 52.40 43.79 4.66
C VAL A 39 53.22 45.08 4.73
N TYR A 40 53.21 45.85 3.63
CA TYR A 40 53.98 47.09 3.52
C TYR A 40 55.46 46.83 3.80
N ASN A 41 56.06 45.98 2.96
CA ASN A 41 57.48 45.66 2.99
C ASN A 41 57.92 45.05 4.31
N ASN A 42 57.00 44.55 5.12
CA ASN A 42 57.32 43.91 6.39
C ASN A 42 56.92 42.45 6.35
N LYS A 43 57.86 41.57 6.65
CA LYS A 43 57.63 40.12 6.59
C LYS A 43 57.18 39.60 7.95
N TYR A 44 56.22 38.67 7.93
CA TYR A 44 55.74 38.01 9.13
C TYR A 44 55.65 36.51 8.89
N ASP A 45 55.78 35.75 9.97
CA ASP A 45 55.80 34.29 9.90
C ASP A 45 54.41 33.71 10.14
N ILE A 46 54.03 32.75 9.31
CA ILE A 46 52.75 32.04 9.49
C ILE A 46 52.89 31.07 10.63
N VAL A 47 51.91 31.07 11.54
CA VAL A 47 51.93 30.17 12.69
C VAL A 47 51.68 28.75 12.24
N LYS A 48 52.55 27.83 12.67
CA LYS A 48 52.43 26.42 12.32
C LYS A 48 51.55 25.70 13.33
N ASP A 49 50.63 24.87 12.83
CA ASP A 49 49.78 23.99 13.63
C ASP A 49 48.86 24.74 14.58
N LYS A 50 48.61 26.01 14.32
CA LYS A 50 47.59 26.77 15.03
C LYS A 50 46.90 27.66 14.03
N TYR A 51 45.57 27.71 14.10
CA TYR A 51 44.77 28.37 13.07
C TYR A 51 43.76 29.29 13.74
N MET A 52 42.99 30.00 12.92
CA MET A 52 41.98 30.94 13.41
C MET A 52 40.67 30.63 12.71
N TRP A 53 39.62 30.38 13.48
CA TRP A 53 38.30 30.19 12.90
C TRP A 53 37.70 31.55 12.59
N CYS A 54 37.53 31.87 11.32
CA CYS A 54 37.00 33.15 10.89
C CYS A 54 35.71 32.94 10.10
N TYR A 55 34.78 33.88 10.26
CA TYR A 55 33.48 33.78 9.63
C TYR A 55 32.95 35.17 9.37
N SER A 56 32.09 35.27 8.36
CA SER A 56 31.32 36.49 8.12
C SER A 56 29.91 36.11 7.71
N GLN A 57 28.93 36.84 8.22
CA GLN A 57 27.52 36.58 7.96
C GLN A 57 26.97 37.72 7.12
N VAL A 58 26.74 37.45 5.84
CA VAL A 58 26.24 38.45 4.89
C VAL A 58 24.94 37.93 4.29
N ASN A 59 23.94 38.82 4.20
CA ASN A 59 22.56 38.42 3.91
C ASN A 59 22.16 37.31 4.88
N LYS A 60 21.77 36.16 4.36
CA LYS A 60 21.49 34.99 5.17
C LYS A 60 22.49 33.87 4.88
N ARG A 61 23.75 34.21 4.61
CA ARG A 61 24.77 33.25 4.22
C ARG A 61 25.94 33.32 5.19
N TYR A 62 26.23 32.20 5.84
CA TYR A 62 27.38 32.09 6.72
C TYR A 62 28.57 31.53 5.92
N ILE A 63 29.73 32.13 6.13
CA ILE A 63 30.97 31.73 5.46
C ILE A 63 32.05 31.60 6.53
N GLY A 64 32.31 30.38 6.98
CA GLY A 64 33.32 30.13 7.99
C GLY A 64 34.42 29.23 7.48
N ALA A 65 35.61 29.36 8.09
CA ALA A 65 36.74 28.54 7.70
C ALA A 65 37.85 28.67 8.74
N LEU A 66 38.67 27.63 8.80
CA LEU A 66 39.93 27.67 9.55
C LEU A 66 41.01 28.27 8.66
N LEU A 67 41.63 29.35 9.12
CA LEU A 67 42.55 30.08 8.26
C LEU A 67 43.96 30.07 8.84
N PRO A 68 44.97 30.22 7.99
CA PRO A 68 46.32 30.48 8.49
C PRO A 68 46.37 31.84 9.19
N MET A 69 47.35 31.99 10.08
CA MET A 69 47.50 33.26 10.78
C MET A 69 48.98 33.52 10.99
N PHE A 70 49.36 34.79 10.86
CA PHE A 70 50.73 35.24 11.11
C PHE A 70 50.73 36.20 12.30
N GLU A 71 51.86 36.27 12.98
CA GLU A 71 51.97 37.11 14.16
C GLU A 71 52.63 38.44 13.79
N CYS A 72 52.07 39.52 14.33
CA CYS A 72 52.53 40.87 14.05
C CYS A 72 52.19 41.73 15.26
N ASN A 73 53.21 42.29 15.90
CA ASN A 73 53.00 43.11 17.09
C ASN A 73 52.48 44.50 16.76
N GLU A 74 52.59 44.93 15.51
CA GLU A 74 52.14 46.25 15.12
C GLU A 74 50.67 46.21 14.69
N TYR A 75 50.02 47.36 14.76
CA TYR A 75 48.63 47.46 14.37
C TYR A 75 48.52 47.52 12.85
N LEU A 76 47.76 46.60 12.27
CA LEU A 76 47.50 46.57 10.85
C LEU A 76 46.01 46.76 10.61
N GLN A 77 45.68 47.59 9.63
CA GLN A 77 44.31 48.02 9.40
C GLN A 77 43.57 47.04 8.49
N ILE A 78 42.28 46.83 8.79
CA ILE A 78 41.41 46.10 7.87
C ILE A 78 41.55 46.70 6.48
N GLY A 79 41.69 45.83 5.48
CA GLY A 79 41.87 46.26 4.12
C GLY A 79 43.31 46.36 3.66
N ASP A 80 44.27 46.35 4.58
CA ASP A 80 45.67 46.44 4.20
C ASP A 80 46.05 45.25 3.33
N PRO A 81 46.58 45.48 2.13
CA PRO A 81 46.93 44.37 1.24
C PRO A 81 48.04 43.50 1.84
N ILE A 82 47.90 42.20 1.64
CA ILE A 82 48.90 41.22 2.05
C ILE A 82 49.55 40.67 0.78
N HIS A 83 50.87 40.62 0.77
CA HIS A 83 51.61 40.14 -0.39
C HIS A 83 52.38 38.87 -0.06
N ASP A 84 52.72 38.13 -1.11
CA ASP A 84 53.71 37.07 -0.99
C ASP A 84 55.09 37.65 -1.34
N GLN A 85 56.11 36.80 -1.32
CA GLN A 85 57.46 37.27 -1.60
C GLN A 85 57.71 37.54 -3.08
N GLU A 86 56.76 37.24 -3.95
CA GLU A 86 56.88 37.46 -5.39
C GLU A 86 56.23 38.77 -5.84
N GLY A 87 55.61 39.52 -4.94
CA GLY A 87 54.94 40.75 -5.28
C GLY A 87 53.45 40.61 -5.53
N ASN A 88 52.93 39.38 -5.54
CA ASN A 88 51.50 39.15 -5.72
C ASN A 88 50.74 39.52 -4.45
N GLN A 89 49.59 40.17 -4.62
CA GLN A 89 48.66 40.33 -3.51
C GLN A 89 47.83 39.06 -3.39
N ILE A 90 47.81 38.48 -2.19
CA ILE A 90 47.10 37.24 -1.97
C ILE A 90 45.89 37.39 -1.05
N SER A 91 45.81 38.47 -0.29
CA SER A 91 44.71 38.65 0.66
C SER A 91 44.72 40.09 1.15
N ILE A 92 43.84 40.38 2.13
CA ILE A 92 43.82 41.64 2.85
C ILE A 92 43.68 41.33 4.33
N ILE A 93 44.09 42.29 5.16
CA ILE A 93 43.90 42.16 6.60
C ILE A 93 42.40 42.07 6.87
N THR A 94 42.03 41.10 7.71
CA THR A 94 40.62 40.93 8.08
C THR A 94 40.48 40.83 9.59
N TYR A 95 40.70 39.64 10.12
CA TYR A 95 40.43 39.32 11.51
C TYR A 95 41.73 39.30 12.31
N ARG A 96 41.58 39.46 13.63
CA ARG A 96 42.71 39.59 14.53
C ARG A 96 42.39 38.91 15.85
N HIS A 97 43.41 38.33 16.46
CA HIS A 97 43.32 37.77 17.81
C HIS A 97 44.63 38.13 18.50
N LYS A 98 44.58 39.18 19.34
CA LYS A 98 45.78 39.77 19.92
C LYS A 98 46.81 40.05 18.83
N ASN A 99 47.98 39.42 18.92
CA ASN A 99 49.05 39.64 17.96
C ASN A 99 49.01 38.67 16.79
N TYR A 100 47.89 38.01 16.56
CA TYR A 100 47.73 37.09 15.43
C TYR A 100 46.76 37.69 14.41
N TYR A 101 47.12 37.60 13.14
CA TYR A 101 46.30 38.12 12.04
C TYR A 101 45.95 36.98 11.10
N ALA A 102 44.66 36.77 10.88
CA ALA A 102 44.22 35.74 9.95
C ALA A 102 44.68 36.07 8.54
N LEU A 103 44.80 35.02 7.73
CA LEU A 103 45.17 35.12 6.32
C LEU A 103 44.03 34.49 5.52
N SER A 104 43.11 35.30 5.03
CA SER A 104 41.87 34.79 4.48
C SER A 104 42.00 34.47 3.00
N GLY A 105 41.22 33.50 2.56
CA GLY A 105 41.29 32.93 1.23
C GLY A 105 40.88 31.48 1.30
N ILE A 106 41.23 30.72 0.26
CA ILE A 106 41.04 29.27 0.33
C ILE A 106 42.00 28.73 1.40
N GLY A 107 41.43 28.31 2.53
CA GLY A 107 42.23 27.82 3.63
C GLY A 107 41.99 26.36 3.91
N TYR A 108 41.70 26.04 5.17
CA TYR A 108 41.53 24.65 5.58
C TYR A 108 40.06 24.30 5.73
N GLU A 109 39.68 23.61 6.80
CA GLU A 109 38.31 23.14 6.95
C GLU A 109 37.34 24.31 7.04
N SER A 110 36.24 24.22 6.30
CA SER A 110 35.33 25.34 6.11
C SER A 110 33.87 24.91 6.33
N LEU A 111 33.02 25.91 6.54
CA LEU A 111 31.59 25.68 6.79
C LEU A 111 30.78 26.81 6.16
N ASP A 112 29.81 26.45 5.33
CA ASP A 112 28.91 27.40 4.67
C ASP A 112 27.48 27.04 5.00
N LEU A 113 26.67 28.05 5.32
CA LEU A 113 25.31 27.83 5.83
C LEU A 113 24.33 28.85 5.28
N CYS A 114 23.14 28.38 4.96
CA CYS A 114 21.97 29.25 4.80
C CYS A 114 21.40 29.51 6.19
N LEU A 115 21.55 30.74 6.67
CA LEU A 115 21.14 31.08 8.03
C LEU A 115 19.65 31.40 8.15
N GLU A 116 18.88 31.23 7.08
CA GLU A 116 17.44 31.45 7.19
C GLU A 116 16.82 30.33 8.02
N GLY A 117 16.09 30.72 9.07
CA GLY A 117 15.41 29.77 9.92
C GLY A 117 16.23 29.21 11.05
N VAL A 118 17.56 29.34 10.99
CA VAL A 118 18.43 28.77 12.01
C VAL A 118 19.41 29.83 12.49
N GLY A 119 19.88 29.67 13.73
CA GLY A 119 20.91 30.50 14.28
C GLY A 119 22.25 29.78 14.32
N ILE A 120 23.28 30.52 14.68
CA ILE A 120 24.63 29.97 14.81
C ILE A 120 25.33 30.68 15.95
N HIS A 121 26.12 29.92 16.71
CA HIS A 121 26.77 30.45 17.90
C HIS A 121 28.18 29.89 18.00
N HIS A 122 29.07 30.68 18.57
CA HIS A 122 30.48 30.35 18.64
C HIS A 122 30.95 30.28 20.09
N HIS A 123 31.71 29.25 20.40
CA HIS A 123 32.17 29.01 21.76
C HIS A 123 33.64 28.64 21.74
N VAL A 124 34.35 29.05 22.79
CA VAL A 124 35.71 28.58 23.05
C VAL A 124 35.60 27.26 23.80
N LEU A 125 36.04 26.17 23.17
CA LEU A 125 35.96 24.85 23.78
C LEU A 125 37.08 24.70 24.80
N GLU A 126 36.73 24.71 26.07
CA GLU A 126 37.72 24.51 27.12
C GLU A 126 38.39 23.15 26.99
N THR A 127 39.71 23.12 27.19
CA THR A 127 40.47 21.90 26.99
C THR A 127 40.00 20.81 27.95
N GLY A 128 39.88 19.60 27.43
CA GLY A 128 39.41 18.46 28.20
C GLY A 128 37.91 18.25 28.17
N ASN A 129 37.15 19.19 27.63
CA ASN A 129 35.69 19.09 27.59
C ASN A 129 35.22 18.33 26.36
N ALA A 130 34.18 17.53 26.55
CA ALA A 130 33.46 16.92 25.44
C ALA A 130 32.31 17.83 25.03
N VAL A 131 31.68 17.49 23.90
CA VAL A 131 30.63 18.32 23.33
C VAL A 131 29.45 17.45 22.95
N TYR A 132 28.26 17.82 23.44
CA TYR A 132 27.01 17.29 22.92
C TYR A 132 26.05 18.45 22.70
N GLY A 133 25.51 18.55 21.49
CA GLY A 133 24.44 19.50 21.24
C GLY A 133 24.88 20.94 21.42
N LYS A 134 24.26 21.62 22.38
CA LYS A 134 24.54 23.02 22.66
C LYS A 134 25.25 23.22 23.99
N VAL A 135 25.86 22.17 24.54
CA VAL A 135 26.56 22.25 25.82
C VAL A 135 27.91 21.58 25.69
N GLN A 136 28.82 21.96 26.58
CA GLN A 136 30.13 21.34 26.71
C GLN A 136 30.40 21.05 28.18
N HIS A 137 30.91 19.85 28.46
CA HIS A 137 31.19 19.42 29.83
C HIS A 137 32.21 18.29 29.79
N ASP A 138 32.50 17.75 30.96
CA ASP A 138 33.36 16.57 31.08
C ASP A 138 32.72 15.38 30.36
N TYR A 139 33.57 14.42 29.99
CA TYR A 139 33.13 13.29 29.18
C TYR A 139 31.95 12.56 29.82
N SER A 140 32.04 12.28 31.12
CA SER A 140 31.02 11.51 31.80
C SER A 140 29.65 12.16 31.69
N THR A 141 29.59 13.48 31.88
CA THR A 141 28.31 14.18 31.82
C THR A 141 27.78 14.25 30.39
N ILE A 142 28.66 14.55 29.43
CA ILE A 142 28.25 14.57 28.02
C ILE A 142 27.76 13.20 27.59
N LYS A 143 28.49 12.15 27.99
CA LYS A 143 28.12 10.79 27.62
C LYS A 143 26.74 10.42 28.15
N GLU A 144 26.48 10.71 29.44
CA GLU A 144 25.19 10.38 30.03
C GLU A 144 24.06 11.18 29.39
N LYS A 145 24.32 12.44 29.04
CA LYS A 145 23.28 13.23 28.37
C LYS A 145 22.97 12.69 26.98
N ALA A 146 24.01 12.29 26.23
CA ALA A 146 23.79 11.73 24.91
C ALA A 146 22.90 10.49 24.97
N LYS A 147 23.10 9.66 25.99
CA LYS A 147 22.23 8.50 26.17
C LYS A 147 20.82 8.92 26.57
N GLU A 148 20.70 9.96 27.40
CA GLU A 148 19.38 10.45 27.80
C GLU A 148 18.63 11.01 26.61
N MET A 149 19.26 11.90 25.85
CA MET A 149 18.66 12.47 24.65
C MET A 149 18.48 11.45 23.54
N ASN A 150 19.08 10.26 23.67
CA ASN A 150 19.02 9.26 22.60
C ASN A 150 17.60 8.73 22.41
N ALA A 151 16.81 8.67 23.48
CA ALA A 151 15.45 8.17 23.40
C ALA A 151 14.47 9.19 22.82
N LEU A 152 14.94 10.37 22.44
CA LEU A 152 14.06 11.39 21.88
C LEU A 152 14.03 11.32 20.36
N SER A 153 12.88 11.68 19.80
CA SER A 153 12.75 11.73 18.35
C SER A 153 13.38 13.02 17.83
N PRO A 154 14.18 12.97 16.77
CA PRO A 154 14.88 14.18 16.31
C PRO A 154 13.91 15.18 15.69
N GLY A 155 14.00 16.42 16.15
CA GLY A 155 13.26 17.50 15.54
C GLY A 155 14.08 18.16 14.45
N PRO A 156 13.53 19.20 13.83
CA PRO A 156 14.29 19.94 12.82
C PRO A 156 15.37 20.80 13.45
N ILE A 157 16.45 21.01 12.69
CA ILE A 157 17.54 21.86 13.16
C ILE A 157 17.04 23.29 13.36
N ILE A 158 17.38 23.87 14.51
CA ILE A 158 17.11 25.28 14.75
C ILE A 158 18.39 26.07 15.01
N ASP A 159 19.46 25.45 15.49
CA ASP A 159 20.66 26.19 15.85
C ASP A 159 21.90 25.38 15.50
N TYR A 160 22.95 26.11 15.11
CA TYR A 160 24.28 25.54 14.96
C TYR A 160 25.18 26.10 16.05
N HIS A 161 26.15 25.29 16.46
CA HIS A 161 27.08 25.69 17.51
C HIS A 161 28.48 25.32 17.07
N VAL A 162 29.39 26.29 17.11
CA VAL A 162 30.78 26.10 16.73
C VAL A 162 31.62 26.08 18.00
N TRP A 163 32.46 25.05 18.12
CA TRP A 163 33.31 24.85 19.28
C TRP A 163 34.76 24.91 18.82
N ILE A 164 35.50 25.91 19.28
CA ILE A 164 36.88 26.14 18.86
C ILE A 164 37.78 25.86 20.05
N GLY A 165 38.57 24.78 19.95
CA GLY A 165 39.46 24.36 21.00
C GLY A 165 40.91 24.41 20.58
N ASP A 166 41.81 24.30 21.56
CA ASP A 166 43.24 24.39 21.30
C ASP A 166 43.78 23.19 20.54
N CYS A 167 43.02 22.10 20.43
CA CYS A 167 43.47 20.92 19.68
C CYS A 167 42.42 20.35 18.75
N ILE A 168 41.14 20.74 18.87
CA ILE A 168 40.09 20.22 18.01
C ILE A 168 39.03 21.29 17.85
N CYS A 169 38.30 21.23 16.73
CA CYS A 169 37.16 22.10 16.48
C CYS A 169 35.98 21.25 16.03
N GLN A 170 34.79 21.57 16.53
CA GLN A 170 33.59 20.80 16.24
C GLN A 170 32.43 21.74 15.95
N VAL A 171 31.52 21.27 15.11
CA VAL A 171 30.26 21.97 14.84
C VAL A 171 29.12 20.99 15.06
N THR A 172 28.14 21.39 15.88
CA THR A 172 26.96 20.60 16.16
C THR A 172 25.72 21.35 15.69
N ALA A 173 24.63 20.59 15.50
CA ALA A 173 23.33 21.14 15.15
C ALA A 173 22.28 20.53 16.06
N VAL A 174 21.40 21.37 16.60
CA VAL A 174 20.43 20.93 17.59
C VAL A 174 19.02 21.26 17.12
N ASP A 175 18.06 20.54 17.67
CA ASP A 175 16.64 20.80 17.47
C ASP A 175 16.13 21.66 18.62
N VAL A 176 14.80 21.77 18.73
CA VAL A 176 14.22 22.60 19.77
C VAL A 176 14.42 22.00 21.16
N HIS A 177 14.68 20.70 21.25
CA HIS A 177 14.87 20.02 22.52
C HIS A 177 16.33 19.94 22.94
N GLY A 178 17.25 20.55 22.18
CA GLY A 178 18.65 20.45 22.47
C GLY A 178 19.30 19.16 22.06
N LYS A 179 18.56 18.28 21.37
CA LYS A 179 19.14 17.04 20.89
C LYS A 179 20.08 17.31 19.73
N GLU A 180 21.24 16.65 19.77
CA GLU A 180 22.22 16.79 18.70
C GLU A 180 21.75 16.05 17.46
N ILE A 181 21.64 16.77 16.34
CA ILE A 181 21.12 16.22 15.09
C ILE A 181 22.29 15.90 14.16
N MET A 182 23.40 16.62 14.34
CA MET A 182 24.53 16.53 13.43
C MET A 182 25.78 16.96 14.17
N ARG A 183 26.93 16.43 13.74
CA ARG A 183 28.20 16.80 14.36
C ARG A 183 29.34 16.58 13.38
N MET A 184 30.16 17.61 13.20
CA MET A 184 31.37 17.55 12.40
C MET A 184 32.57 17.84 13.29
N ARG A 185 33.72 17.25 12.94
CA ARG A 185 34.95 17.46 13.70
C ARG A 185 36.07 17.88 12.76
N PHE A 186 36.77 18.95 13.13
CA PHE A 186 38.00 19.36 12.46
C PHE A 186 39.15 19.08 13.41
N LYS A 187 40.10 18.26 12.96
CA LYS A 187 41.22 17.85 13.81
C LYS A 187 42.36 18.87 13.70
N LYS A 188 42.07 20.08 14.15
CA LYS A 188 43.03 21.17 14.19
C LYS A 188 42.72 22.03 15.40
N GLY A 189 43.77 22.60 16.00
CA GLY A 189 43.60 23.58 17.05
C GLY A 189 43.47 24.98 16.48
N ALA A 190 42.70 25.83 17.16
CA ALA A 190 42.39 27.14 16.61
C ALA A 190 41.98 28.10 17.69
N VAL A 191 41.86 29.37 17.30
CA VAL A 191 41.35 30.45 18.14
C VAL A 191 40.30 31.23 17.36
N LEU A 192 39.48 32.01 18.10
CA LEU A 192 38.45 32.87 17.56
C LEU A 192 38.92 34.33 17.49
N PRO A 193 38.41 35.11 16.55
CA PRO A 193 38.82 36.51 16.45
C PRO A 193 38.28 37.32 17.62
N ILE A 194 39.09 38.30 18.03
CA ILE A 194 38.69 39.26 19.07
C ILE A 194 38.33 40.56 18.38
N PRO A 195 37.06 40.98 18.36
CA PRO A 195 36.59 42.20 17.69
C PRO A 195 37.29 43.46 18.20
N SER B 1 38.56 -2.49 32.72
CA SER B 1 38.73 -3.93 32.56
C SER B 1 39.40 -4.25 31.23
N MET B 2 39.09 -5.42 30.68
CA MET B 2 39.74 -5.87 29.46
C MET B 2 39.35 -5.02 28.26
N ALA B 3 40.33 -4.65 27.45
CA ALA B 3 40.11 -3.85 26.25
C ALA B 3 39.43 -4.71 25.19
N MET B 4 38.20 -4.35 24.85
CA MET B 4 37.39 -5.11 23.89
C MET B 4 37.11 -4.26 22.66
N PHE B 5 37.04 -4.94 21.51
CA PHE B 5 36.73 -4.31 20.24
C PHE B 5 35.61 -5.10 19.58
N TYR B 6 34.46 -4.46 19.36
CA TYR B 6 33.34 -5.11 18.71
C TYR B 6 33.12 -4.52 17.32
N ALA B 7 32.90 -5.41 16.35
CA ALA B 7 32.68 -5.01 14.97
C ALA B 7 31.21 -4.69 14.75
N HIS B 8 30.92 -3.48 14.26
CA HIS B 8 29.54 -3.11 13.98
C HIS B 8 28.92 -4.02 12.93
N ALA B 9 29.73 -4.50 11.97
CA ALA B 9 29.20 -5.38 10.93
C ALA B 9 28.70 -6.70 11.51
N LEU B 10 29.27 -7.14 12.64
CA LEU B 10 28.87 -8.38 13.29
C LEU B 10 27.86 -8.13 14.42
N GLY B 11 27.23 -6.97 14.45
CA GLY B 11 26.22 -6.67 15.43
C GLY B 11 26.74 -6.23 16.78
N GLY B 12 27.98 -5.76 16.85
CA GLY B 12 28.60 -5.42 18.11
C GLY B 12 28.47 -3.98 18.57
N TYR B 13 27.56 -3.20 17.98
CA TYR B 13 27.40 -1.83 18.44
C TYR B 13 26.85 -1.80 19.86
N ASP B 14 27.53 -1.07 20.73
CA ASP B 14 27.11 -0.87 22.11
C ASP B 14 27.12 0.62 22.39
N GLU B 15 25.95 1.17 22.73
CA GLU B 15 25.85 2.61 22.93
C GLU B 15 26.64 3.09 24.14
N ASN B 16 26.94 2.19 25.09
CA ASN B 16 27.73 2.55 26.27
C ASN B 16 29.23 2.55 26.01
N LEU B 17 29.67 2.13 24.83
CA LEU B 17 31.09 2.10 24.50
C LEU B 17 31.46 3.28 23.60
N HIS B 18 32.76 3.39 23.33
CA HIS B 18 33.22 4.36 22.35
C HIS B 18 32.86 3.89 20.95
N ALA B 19 32.42 4.81 20.11
CA ALA B 19 31.97 4.50 18.77
C ALA B 19 32.86 5.17 17.74
N PHE B 20 33.34 4.38 16.80
CA PHE B 20 34.10 4.83 15.64
C PHE B 20 33.54 4.08 14.45
N PRO B 21 33.88 4.49 13.21
CA PRO B 21 33.39 3.75 12.04
C PRO B 21 33.63 2.25 12.14
N GLY B 22 32.55 1.49 12.29
CA GLY B 22 32.61 0.05 12.32
C GLY B 22 33.03 -0.58 13.63
N ILE B 23 33.34 0.21 14.66
CA ILE B 23 33.90 -0.31 15.89
C ILE B 23 33.14 0.23 17.10
N SER B 24 32.87 -0.65 18.06
CA SER B 24 32.57 -0.27 19.43
C SER B 24 33.65 -0.86 20.32
N SER B 25 34.35 0.00 21.06
CA SER B 25 35.46 -0.44 21.89
C SER B 25 35.35 0.18 23.28
N THR B 26 35.96 -0.51 24.25
CA THR B 26 36.04 -0.01 25.61
C THR B 26 37.08 1.08 25.77
N VAL B 27 37.99 1.21 24.82
CA VAL B 27 39.05 2.22 24.85
C VAL B 27 38.98 3.01 23.55
N ALA B 28 39.36 4.28 23.63
CA ALA B 28 39.42 5.17 22.47
C ALA B 28 40.89 5.34 22.11
N ASN B 29 41.28 4.76 20.97
CA ASN B 29 42.65 4.84 20.50
C ASN B 29 42.78 5.92 19.43
N ASP B 30 43.73 6.82 19.61
CA ASP B 30 44.07 7.83 18.61
C ASP B 30 44.97 7.15 17.58
N VAL B 31 44.40 6.81 16.42
CA VAL B 31 45.14 6.06 15.40
C VAL B 31 45.86 6.98 14.42
N ARG B 32 45.84 8.29 14.63
CA ARG B 32 46.52 9.20 13.71
C ARG B 32 48.04 9.13 13.86
N LYS B 33 48.53 8.73 15.03
CA LYS B 33 49.96 8.83 15.32
C LYS B 33 50.78 7.68 14.75
N TYR B 34 50.14 6.65 14.21
CA TYR B 34 50.86 5.46 13.76
C TYR B 34 51.24 5.57 12.30
N SER B 35 52.50 5.26 11.99
CA SER B 35 52.95 5.14 10.61
C SER B 35 53.07 3.68 10.17
N VAL B 36 53.16 2.74 11.11
CA VAL B 36 53.18 1.32 10.80
C VAL B 36 52.28 0.58 11.78
N VAL B 37 51.60 -0.46 11.27
CA VAL B 37 50.78 -1.34 12.08
C VAL B 37 51.19 -2.78 11.78
N SER B 38 50.68 -3.70 12.59
CA SER B 38 50.96 -5.11 12.41
C SER B 38 49.68 -5.91 12.57
N VAL B 39 49.49 -6.89 11.67
CA VAL B 39 48.37 -7.83 11.73
C VAL B 39 48.97 -9.22 11.57
N TYR B 40 48.93 -10.01 12.65
CA TYR B 40 49.50 -11.36 12.67
C TYR B 40 51.01 -11.31 12.38
N ASN B 41 51.72 -10.46 13.13
CA ASN B 41 53.17 -10.33 13.08
C ASN B 41 53.68 -9.85 11.72
N ASN B 42 52.79 -9.33 10.87
CA ASN B 42 53.17 -8.77 9.58
C ASN B 42 52.99 -7.26 9.63
N LYS B 43 54.05 -6.53 9.26
CA LYS B 43 54.05 -5.08 9.33
C LYS B 43 53.61 -4.47 8.02
N TYR B 44 52.81 -3.40 8.11
CA TYR B 44 52.33 -2.67 6.95
C TYR B 44 52.44 -1.18 7.22
N ASP B 45 52.76 -0.42 6.17
CA ASP B 45 52.96 1.01 6.29
C ASP B 45 51.65 1.76 6.11
N ILE B 46 51.48 2.82 6.90
CA ILE B 46 50.32 3.71 6.76
C ILE B 46 50.54 4.61 5.54
N VAL B 47 49.57 4.63 4.64
CA VAL B 47 49.65 5.51 3.47
C VAL B 47 49.65 6.95 3.94
N LYS B 48 50.57 7.74 3.38
CA LYS B 48 50.69 9.15 3.72
C LYS B 48 49.82 9.99 2.79
N ASP B 49 49.09 10.94 3.37
CA ASP B 49 48.32 11.96 2.63
C ASP B 49 47.22 11.36 1.78
N LYS B 50 46.73 10.18 2.14
CA LYS B 50 45.58 9.56 1.48
C LYS B 50 44.83 8.77 2.53
N TYR B 51 43.50 8.87 2.51
CA TYR B 51 42.68 8.36 3.60
C TYR B 51 41.50 7.58 3.02
N MET B 52 40.70 6.99 3.92
CA MET B 52 39.52 6.24 3.52
C MET B 52 38.33 6.75 4.31
N TRP B 53 37.30 7.21 3.61
CA TRP B 53 36.08 7.66 4.28
C TRP B 53 35.25 6.44 4.65
N CYS B 54 35.18 6.14 5.94
CA CYS B 54 34.48 4.96 6.43
C CYS B 54 33.33 5.36 7.33
N TYR B 55 32.23 4.61 7.23
CA TYR B 55 31.02 4.93 7.96
C TYR B 55 30.27 3.64 8.28
N SER B 56 29.61 3.64 9.44
CA SER B 56 28.65 2.60 9.78
C SER B 56 27.36 3.25 10.26
N GLN B 57 26.25 2.58 9.99
CA GLN B 57 24.92 3.08 10.33
C GLN B 57 24.28 2.08 11.28
N VAL B 58 24.24 2.43 12.56
CA VAL B 58 23.74 1.55 13.60
C VAL B 58 22.81 2.33 14.52
N ASN B 59 21.65 1.75 14.81
CA ASN B 59 20.71 2.30 15.79
C ASN B 59 20.29 3.73 15.42
N LYS B 60 19.91 3.91 14.15
CA LYS B 60 19.50 5.21 13.60
C LYS B 60 20.55 6.28 13.86
N ARG B 61 21.82 5.91 13.77
CA ARG B 61 22.93 6.82 14.06
C ARG B 61 24.02 6.62 13.01
N TYR B 62 24.48 7.71 12.40
CA TYR B 62 25.53 7.67 11.40
C TYR B 62 26.86 8.07 12.04
N ILE B 63 27.90 7.30 11.74
CA ILE B 63 29.24 7.51 12.30
C ILE B 63 30.23 7.41 11.15
N GLY B 64 30.63 8.55 10.59
CA GLY B 64 31.59 8.58 9.51
C GLY B 64 32.82 9.39 9.87
N ALA B 65 33.94 9.08 9.23
CA ALA B 65 35.19 9.77 9.48
C ALA B 65 36.20 9.40 8.41
N LEU B 66 37.23 10.24 8.28
CA LEU B 66 38.39 9.96 7.44
C LEU B 66 39.39 9.18 8.27
N LEU B 67 39.71 7.97 7.84
CA LEU B 67 40.58 7.12 8.62
C LEU B 67 41.91 6.89 7.91
N PRO B 68 42.98 6.63 8.66
CA PRO B 68 44.22 6.18 8.01
C PRO B 68 44.00 4.83 7.36
N MET B 69 44.88 4.50 6.41
CA MET B 69 44.77 3.22 5.74
C MET B 69 46.18 2.71 5.40
N PHE B 70 46.33 1.40 5.40
CA PHE B 70 47.60 0.76 5.12
C PHE B 70 47.42 -0.23 3.98
N GLU B 71 48.52 -0.53 3.29
CA GLU B 71 48.50 -1.39 2.12
C GLU B 71 48.87 -2.82 2.52
N CYS B 72 47.99 -3.78 2.20
CA CYS B 72 48.17 -5.17 2.58
C CYS B 72 47.65 -6.05 1.46
N ASN B 73 48.55 -6.80 0.82
CA ASN B 73 48.17 -7.68 -0.28
C ASN B 73 47.52 -8.97 0.21
N GLU B 74 47.66 -9.30 1.49
CA GLU B 74 47.05 -10.50 2.04
C GLU B 74 45.58 -10.27 2.36
N TYR B 75 44.88 -11.36 2.65
CA TYR B 75 43.47 -11.30 2.99
C TYR B 75 43.33 -11.17 4.51
N LEU B 76 42.76 -10.05 4.95
CA LEU B 76 42.43 -9.82 6.36
C LEU B 76 40.93 -9.67 6.48
N GLN B 77 40.32 -10.46 7.35
CA GLN B 77 38.86 -10.44 7.49
C GLN B 77 38.44 -9.52 8.62
N ILE B 78 37.16 -9.15 8.59
CA ILE B 78 36.62 -8.21 9.57
C ILE B 78 36.80 -8.76 10.98
N GLY B 79 37.35 -7.94 11.87
CA GLY B 79 37.52 -8.30 13.26
C GLY B 79 38.93 -8.73 13.64
N ASP B 80 39.80 -8.96 12.67
CA ASP B 80 41.17 -9.34 13.00
C ASP B 80 41.86 -8.22 13.77
N PRO B 81 42.50 -8.52 14.90
CA PRO B 81 43.14 -7.46 15.68
C PRO B 81 44.28 -6.80 14.93
N ILE B 82 44.34 -5.47 15.01
CA ILE B 82 45.44 -4.67 14.49
C ILE B 82 46.30 -4.24 15.66
N HIS B 83 47.61 -4.42 15.55
CA HIS B 83 48.53 -4.08 16.63
C HIS B 83 49.44 -2.93 16.22
N ASP B 84 50.08 -2.33 17.22
CA ASP B 84 51.14 -1.36 16.99
C ASP B 84 52.48 -2.09 17.05
N GLN B 85 53.57 -1.36 17.30
CA GLN B 85 54.89 -2.00 17.36
C GLN B 85 55.16 -2.65 18.70
N GLU B 86 54.47 -2.24 19.76
CA GLU B 86 54.70 -2.76 21.10
C GLU B 86 53.78 -3.94 21.46
N GLY B 87 53.03 -4.46 20.49
CA GLY B 87 52.13 -5.55 20.78
C GLY B 87 50.80 -5.14 21.37
N ASN B 88 50.51 -3.84 21.43
CA ASN B 88 49.19 -3.39 21.86
C ASN B 88 48.20 -3.48 20.71
N GLN B 89 47.02 -4.02 20.99
CA GLN B 89 45.94 -3.97 20.03
C GLN B 89 45.36 -2.56 20.02
N ILE B 90 45.29 -1.95 18.84
CA ILE B 90 44.83 -0.57 18.71
C ILE B 90 43.55 -0.44 17.90
N SER B 91 43.13 -1.49 17.20
CA SER B 91 41.96 -1.43 16.31
C SER B 91 41.65 -2.85 15.85
N ILE B 92 40.74 -2.97 14.89
CA ILE B 92 40.43 -4.22 14.23
C ILE B 92 40.22 -3.93 12.75
N ILE B 93 40.38 -4.97 11.93
CA ILE B 93 40.09 -4.83 10.51
C ILE B 93 38.62 -4.51 10.35
N THR B 94 38.31 -3.52 9.52
CA THR B 94 36.92 -3.10 9.32
C THR B 94 36.59 -2.95 7.84
N TYR B 95 37.20 -1.99 7.18
CA TYR B 95 36.88 -1.63 5.80
C TYR B 95 38.10 -1.79 4.92
N ARG B 96 37.86 -2.08 3.64
CA ARG B 96 38.95 -2.23 2.68
C ARG B 96 38.57 -1.61 1.35
N HIS B 97 39.60 -1.15 0.63
CA HIS B 97 39.49 -0.70 -0.75
C HIS B 97 40.62 -1.38 -1.50
N LYS B 98 40.30 -2.50 -2.15
CA LYS B 98 41.31 -3.35 -2.78
C LYS B 98 42.43 -3.68 -1.80
N ASN B 99 43.63 -3.17 -2.06
CA ASN B 99 44.78 -3.47 -1.23
C ASN B 99 44.98 -2.48 -0.08
N TYR B 100 43.98 -1.67 0.23
CA TYR B 100 44.06 -0.70 1.32
C TYR B 100 43.05 -1.07 2.41
N TYR B 101 43.52 -1.10 3.65
CA TYR B 101 42.70 -1.44 4.80
C TYR B 101 42.63 -0.25 5.75
N ALA B 102 41.41 0.13 6.13
CA ALA B 102 41.22 1.25 7.02
C ALA B 102 41.68 0.93 8.44
N LEU B 103 42.16 1.96 9.12
CA LEU B 103 42.59 1.88 10.52
C LEU B 103 41.64 2.73 11.35
N SER B 104 40.63 2.09 11.94
CA SER B 104 39.54 2.82 12.58
C SER B 104 39.86 3.13 14.04
N GLY B 105 39.14 4.11 14.57
CA GLY B 105 39.36 4.69 15.87
C GLY B 105 39.19 6.19 15.79
N ILE B 106 39.81 6.91 16.72
CA ILE B 106 39.90 8.37 16.62
C ILE B 106 40.81 8.70 15.45
N GLY B 107 40.23 9.28 14.40
CA GLY B 107 40.98 9.63 13.22
C GLY B 107 40.92 11.11 12.88
N TYR B 108 40.66 11.41 11.60
CA TYR B 108 40.66 12.80 11.18
C TYR B 108 39.25 13.35 11.06
N GLU B 109 39.00 14.16 10.04
CA GLU B 109 37.72 14.84 9.91
C GLU B 109 36.58 13.83 9.86
N SER B 110 35.50 14.12 10.61
CA SER B 110 34.44 13.16 10.82
C SER B 110 33.08 13.81 10.60
N LEU B 111 32.05 12.96 10.55
CA LEU B 111 30.67 13.41 10.39
C LEU B 111 29.75 12.42 11.08
N ASP B 112 28.93 12.91 12.01
CA ASP B 112 27.97 12.08 12.71
C ASP B 112 26.56 12.65 12.51
N LEU B 113 25.60 11.75 12.33
CA LEU B 113 24.25 12.14 12.00
C LEU B 113 23.24 11.30 12.77
N CYS B 114 22.11 11.92 13.09
CA CYS B 114 20.91 11.20 13.53
C CYS B 114 20.10 10.88 12.29
N LEU B 115 20.06 9.60 11.91
CA LEU B 115 19.56 9.19 10.61
C LEU B 115 18.04 9.21 10.50
N GLU B 116 17.31 9.49 11.58
CA GLU B 116 15.86 9.47 11.51
C GLU B 116 15.36 10.71 10.78
N GLY B 117 14.62 10.49 9.68
CA GLY B 117 14.04 11.57 8.92
C GLY B 117 14.91 12.15 7.84
N VAL B 118 16.19 11.78 7.77
CA VAL B 118 17.09 12.25 6.73
C VAL B 118 17.77 11.06 6.11
N GLY B 119 18.15 11.19 4.84
CA GLY B 119 18.93 10.18 4.17
C GLY B 119 20.35 10.66 3.94
N ILE B 120 21.27 9.74 3.69
CA ILE B 120 22.65 10.10 3.38
C ILE B 120 23.12 9.23 2.23
N HIS B 121 23.87 9.84 1.31
CA HIS B 121 24.30 9.17 0.09
C HIS B 121 25.76 9.54 -0.16
N HIS B 122 26.54 8.56 -0.61
CA HIS B 122 27.96 8.74 -0.83
C HIS B 122 28.27 8.69 -2.31
N HIS B 123 29.19 9.54 -2.74
CA HIS B 123 29.60 9.62 -4.14
C HIS B 123 31.11 9.77 -4.21
N VAL B 124 31.69 9.22 -5.28
CA VAL B 124 33.06 9.54 -5.64
C VAL B 124 33.05 10.82 -6.46
N LEU B 125 33.88 11.78 -6.07
CA LEU B 125 33.97 13.06 -6.75
C LEU B 125 34.94 12.89 -7.93
N GLU B 126 34.39 12.82 -9.14
CA GLU B 126 35.22 12.72 -10.33
C GLU B 126 36.14 13.92 -10.45
N THR B 127 37.37 13.67 -10.89
CA THR B 127 38.36 14.73 -11.00
C THR B 127 37.92 15.77 -12.02
N GLY B 128 38.07 17.04 -11.66
CA GLY B 128 37.64 18.13 -12.50
C GLY B 128 36.18 18.51 -12.38
N ASN B 129 35.41 17.80 -11.56
CA ASN B 129 34.00 18.07 -11.40
C ASN B 129 33.76 18.99 -10.21
N ALA B 130 32.74 19.82 -10.33
CA ALA B 130 32.26 20.67 -9.24
C ALA B 130 31.01 20.06 -8.64
N VAL B 131 30.63 20.56 -7.47
CA VAL B 131 29.50 20.04 -6.71
C VAL B 131 28.54 21.18 -6.40
N TYR B 132 27.25 20.97 -6.67
CA TYR B 132 26.18 21.73 -6.05
C TYR B 132 25.14 20.76 -5.53
N GLY B 133 24.83 20.88 -4.24
CA GLY B 133 23.74 20.12 -3.65
C GLY B 133 23.89 18.62 -3.75
N LYS B 134 23.05 17.99 -4.57
CA LYS B 134 23.02 16.54 -4.71
C LYS B 134 23.58 16.07 -6.05
N VAL B 135 24.15 16.98 -6.84
CA VAL B 135 24.64 16.64 -8.18
C VAL B 135 26.09 17.09 -8.32
N GLN B 136 26.78 16.47 -9.28
CA GLN B 136 28.12 16.86 -9.66
C GLN B 136 28.23 16.92 -11.18
N HIS B 137 28.92 17.93 -11.68
CA HIS B 137 29.16 18.11 -13.11
C HIS B 137 30.43 18.93 -13.28
N ASP B 138 30.74 19.31 -14.52
CA ASP B 138 31.80 20.27 -14.74
C ASP B 138 31.40 21.63 -14.17
N TYR B 139 32.40 22.49 -13.96
CA TYR B 139 32.13 23.76 -13.28
C TYR B 139 31.19 24.65 -14.10
N SER B 140 31.21 24.53 -15.43
CA SER B 140 30.33 25.33 -16.26
C SER B 140 28.86 25.05 -15.92
N THR B 141 28.48 23.77 -15.93
CA THR B 141 27.10 23.41 -15.61
C THR B 141 26.77 23.73 -14.16
N ILE B 142 27.73 23.52 -13.25
CA ILE B 142 27.47 23.78 -11.84
C ILE B 142 27.33 25.27 -11.58
N LYS B 143 28.18 26.09 -12.19
CA LYS B 143 28.05 27.54 -12.05
C LYS B 143 26.65 27.99 -12.48
N GLU B 144 26.18 27.47 -13.61
CA GLU B 144 24.83 27.81 -14.08
C GLU B 144 23.76 27.26 -13.14
N LYS B 145 23.99 26.06 -12.58
CA LYS B 145 23.01 25.47 -11.67
C LYS B 145 22.92 26.26 -10.37
N ALA B 146 24.07 26.61 -9.79
CA ALA B 146 24.09 27.37 -8.55
C ALA B 146 23.27 28.66 -8.68
N LYS B 147 23.45 29.38 -9.79
CA LYS B 147 22.74 30.65 -9.97
C LYS B 147 21.25 30.45 -10.10
N GLU B 148 20.81 29.35 -10.71
CA GLU B 148 19.38 29.05 -10.75
C GLU B 148 18.83 28.78 -9.36
N MET B 149 19.59 28.06 -8.53
CA MET B 149 19.13 27.64 -7.22
C MET B 149 19.27 28.73 -6.16
N ASN B 150 20.04 29.79 -6.43
CA ASN B 150 20.20 30.86 -5.45
C ASN B 150 18.90 31.59 -5.18
N ALA B 151 17.98 31.58 -6.14
CA ALA B 151 16.71 32.29 -6.01
C ALA B 151 15.69 31.56 -5.16
N LEU B 152 15.92 30.29 -4.85
CA LEU B 152 14.95 29.50 -4.09
C LEU B 152 15.02 29.82 -2.60
N SER B 153 13.86 29.82 -1.95
CA SER B 153 13.84 29.96 -0.50
C SER B 153 14.33 28.66 0.15
N PRO B 154 15.25 28.73 1.11
CA PRO B 154 15.82 27.50 1.68
C PRO B 154 14.84 26.82 2.64
N GLY B 155 14.66 25.51 2.45
CA GLY B 155 13.82 24.72 3.31
C GLY B 155 14.63 23.91 4.32
N PRO B 156 13.97 22.99 5.01
CA PRO B 156 14.68 22.16 5.99
C PRO B 156 15.46 21.03 5.32
N ILE B 157 16.58 20.68 5.94
CA ILE B 157 17.45 19.62 5.41
C ILE B 157 16.70 18.30 5.42
N ILE B 158 16.80 17.55 4.31
CA ILE B 158 16.27 16.20 4.24
C ILE B 158 17.31 15.18 3.81
N ASP B 159 18.43 15.59 3.22
CA ASP B 159 19.39 14.63 2.69
C ASP B 159 20.79 15.22 2.79
N TYR B 160 21.73 14.40 3.23
CA TYR B 160 23.15 14.72 3.20
C TYR B 160 23.81 13.97 2.07
N HIS B 161 24.78 14.62 1.44
CA HIS B 161 25.55 14.01 0.35
C HIS B 161 27.02 14.14 0.66
N VAL B 162 27.74 13.02 0.57
CA VAL B 162 29.16 12.96 0.88
C VAL B 162 29.91 12.81 -0.43
N TRP B 163 30.92 13.65 -0.64
CA TRP B 163 31.69 13.70 -1.88
C TRP B 163 33.14 13.39 -1.55
N ILE B 164 33.59 12.21 -1.98
CA ILE B 164 34.95 11.74 -1.70
C ILE B 164 35.76 11.87 -2.97
N GLY B 165 36.75 12.76 -2.95
CA GLY B 165 37.65 12.96 -4.07
C GLY B 165 39.09 12.65 -3.69
N ASP B 166 39.95 12.62 -4.71
CA ASP B 166 41.34 12.27 -4.48
C ASP B 166 42.16 13.41 -3.87
N CYS B 167 41.63 14.63 -3.86
CA CYS B 167 42.32 15.76 -3.26
C CYS B 167 41.50 16.54 -2.25
N ILE B 168 40.16 16.44 -2.26
CA ILE B 168 39.32 17.13 -1.30
C ILE B 168 38.10 16.26 -1.02
N CYS B 169 37.49 16.47 0.15
CA CYS B 169 36.25 15.79 0.53
C CYS B 169 35.26 16.82 1.06
N GLN B 170 34.01 16.71 0.63
CA GLN B 170 32.99 17.70 0.95
C GLN B 170 31.68 16.99 1.31
N VAL B 171 30.90 17.63 2.18
CA VAL B 171 29.57 17.15 2.56
C VAL B 171 28.58 18.29 2.36
N THR B 172 27.54 18.03 1.59
CA THR B 172 26.46 18.99 1.37
C THR B 172 25.16 18.44 1.91
N ALA B 173 24.28 19.36 2.31
CA ALA B 173 22.92 19.02 2.74
C ALA B 173 21.94 19.79 1.87
N VAL B 174 20.84 19.14 1.50
CA VAL B 174 19.85 19.72 0.60
C VAL B 174 18.47 19.61 1.22
N ASP B 175 17.57 20.49 0.75
CA ASP B 175 16.16 20.46 1.10
C ASP B 175 15.38 19.69 0.04
N VAL B 176 14.05 19.72 0.13
CA VAL B 176 13.22 18.94 -0.77
C VAL B 176 13.25 19.43 -2.20
N HIS B 177 13.78 20.63 -2.44
CA HIS B 177 13.92 21.16 -3.79
C HIS B 177 15.32 20.98 -4.34
N GLY B 178 16.24 20.46 -3.53
CA GLY B 178 17.61 20.27 -3.96
C GLY B 178 18.53 21.43 -3.68
N LYS B 179 18.05 22.45 -2.96
CA LYS B 179 18.90 23.59 -2.67
C LYS B 179 19.91 23.24 -1.59
N GLU B 180 21.17 23.58 -1.83
CA GLU B 180 22.23 23.31 -0.86
C GLU B 180 22.03 24.19 0.37
N ILE B 181 21.74 23.55 1.50
CA ILE B 181 21.55 24.29 2.75
C ILE B 181 22.85 24.42 3.52
N MET B 182 23.77 23.48 3.37
CA MET B 182 25.01 23.46 4.14
C MET B 182 26.11 22.87 3.28
N ARG B 183 27.36 23.20 3.62
CA ARG B 183 28.52 22.56 3.00
C ARG B 183 29.70 22.64 3.95
N MET B 184 30.34 21.50 4.18
CA MET B 184 31.61 21.44 4.90
C MET B 184 32.68 20.87 3.99
N ARG B 185 33.91 21.32 4.19
CA ARG B 185 35.04 20.93 3.34
C ARG B 185 36.14 20.36 4.22
N PHE B 186 36.61 19.15 3.85
CA PHE B 186 37.74 18.51 4.49
C PHE B 186 38.90 18.54 3.51
N LYS B 187 39.97 19.28 3.85
CA LYS B 187 41.09 19.47 2.94
C LYS B 187 42.01 18.25 3.01
N LYS B 188 41.47 17.12 2.55
CA LYS B 188 42.19 15.86 2.46
C LYS B 188 41.62 15.06 1.30
N GLY B 189 42.49 14.30 0.64
CA GLY B 189 42.05 13.34 -0.36
C GLY B 189 41.74 11.99 0.26
N ALA B 190 40.85 11.23 -0.38
CA ALA B 190 40.42 9.97 0.20
C ALA B 190 39.78 9.08 -0.86
N VAL B 191 39.52 7.83 -0.47
CA VAL B 191 38.76 6.87 -1.24
C VAL B 191 37.64 6.33 -0.36
N LEU B 192 36.74 5.56 -0.98
CA LEU B 192 35.61 4.92 -0.32
C LEU B 192 35.81 3.42 -0.24
N PRO B 193 35.23 2.75 0.76
CA PRO B 193 35.39 1.30 0.87
C PRO B 193 34.59 0.56 -0.20
N ILE B 194 35.16 -0.55 -0.64
CA ILE B 194 34.50 -1.45 -1.59
C ILE B 194 34.05 -2.68 -0.82
N PRO B 195 32.72 -2.89 -0.65
CA PRO B 195 32.15 -4.00 0.12
C PRO B 195 32.64 -5.38 -0.32
N SER C 1 -0.92 75.83 1.89
CA SER C 1 -0.54 77.15 2.38
C SER C 1 0.31 77.04 3.65
N MET C 2 0.17 78.02 4.53
CA MET C 2 0.91 78.02 5.79
C MET C 2 0.16 77.23 6.85
N ALA C 3 0.91 76.55 7.71
CA ALA C 3 0.31 75.76 8.77
C ALA C 3 -0.35 76.66 9.80
N MET C 4 -1.67 76.53 9.94
CA MET C 4 -2.47 77.37 10.82
C MET C 4 -2.91 76.59 12.05
N PHE C 5 -2.92 77.25 13.19
CA PHE C 5 -3.42 76.69 14.45
C PHE C 5 -4.43 77.65 15.04
N TYR C 6 -5.60 77.13 15.40
CA TYR C 6 -6.65 77.94 16.01
C TYR C 6 -7.00 77.32 17.36
N ALA C 7 -7.01 78.16 18.39
CA ALA C 7 -7.36 77.73 19.74
C ALA C 7 -8.87 77.63 19.88
N HIS C 8 -9.35 76.47 20.34
CA HIS C 8 -10.78 76.29 20.53
C HIS C 8 -11.33 77.24 21.58
N ALA C 9 -10.51 77.61 22.57
CA ALA C 9 -10.95 78.52 23.62
C ALA C 9 -11.22 79.92 23.10
N LEU C 10 -10.68 80.28 21.94
CA LEU C 10 -10.91 81.58 21.33
C LEU C 10 -11.91 81.51 20.18
N GLY C 11 -12.73 80.46 20.14
CA GLY C 11 -13.75 80.33 19.13
C GLY C 11 -13.28 79.84 17.78
N GLY C 12 -12.10 79.21 17.72
CA GLY C 12 -11.52 78.85 16.45
C GLY C 12 -11.75 77.42 16.00
N TYR C 13 -12.82 76.79 16.46
CA TYR C 13 -13.13 75.45 16.00
C TYR C 13 -13.67 75.48 14.57
N ASP C 14 -13.05 74.69 13.70
CA ASP C 14 -13.50 74.53 12.32
C ASP C 14 -13.61 73.04 12.04
N GLU C 15 -14.83 72.58 11.70
CA GLU C 15 -15.05 71.16 11.47
C GLU C 15 -14.32 70.65 10.24
N ASN C 16 -13.99 71.53 9.29
CA ASN C 16 -13.25 71.14 8.10
C ASN C 16 -11.76 71.06 8.33
N LEU C 17 -11.27 71.46 9.51
CA LEU C 17 -9.87 71.33 9.86
C LEU C 17 -9.68 70.14 10.80
N HIS C 18 -8.42 69.71 10.90
CA HIS C 18 -8.09 68.67 11.86
C HIS C 18 -8.40 69.15 13.27
N ALA C 19 -9.03 68.30 14.05
CA ALA C 19 -9.52 68.65 15.37
C ALA C 19 -8.82 67.82 16.42
N PHE C 20 -8.25 68.49 17.41
CA PHE C 20 -7.56 67.89 18.54
C PHE C 20 -8.02 68.62 19.79
N PRO C 21 -7.74 68.07 20.98
CA PRO C 21 -8.13 68.78 22.21
C PRO C 21 -7.67 70.23 22.20
N GLY C 22 -8.63 71.14 22.16
CA GLY C 22 -8.36 72.57 22.16
C GLY C 22 -7.73 73.14 20.90
N ILE C 23 -7.68 72.39 19.81
CA ILE C 23 -6.98 72.84 18.60
C ILE C 23 -7.75 72.42 17.35
N SER C 24 -7.97 73.37 16.46
CA SER C 24 -8.28 73.10 15.06
C SER C 24 -7.06 73.54 14.24
N SER C 25 -6.61 72.68 13.34
CA SER C 25 -5.36 72.90 12.62
C SER C 25 -5.47 72.41 11.19
N THR C 26 -4.69 73.03 10.31
CA THR C 26 -4.61 72.60 8.91
C THR C 26 -3.75 71.36 8.74
N VAL C 27 -2.88 71.07 9.70
CA VAL C 27 -2.05 69.87 9.67
C VAL C 27 -2.34 69.04 10.90
N ALA C 28 -1.96 67.76 10.82
CA ALA C 28 -2.13 66.80 11.92
C ALA C 28 -0.73 66.36 12.34
N ASN C 29 -0.21 66.94 13.41
CA ASN C 29 1.12 66.61 13.89
C ASN C 29 1.04 65.51 14.94
N ASP C 30 1.87 64.48 14.78
CA ASP C 30 2.01 63.42 15.77
C ASP C 30 3.04 63.88 16.80
N VAL C 31 2.55 64.23 18.00
CA VAL C 31 3.39 64.84 19.02
C VAL C 31 3.97 63.84 20.01
N ARG C 32 3.77 62.53 19.76
CA ARG C 32 4.31 61.54 20.69
C ARG C 32 5.83 61.48 20.62
N LYS C 33 6.41 61.85 19.47
CA LYS C 33 7.83 61.62 19.22
C LYS C 33 8.75 62.62 19.90
N TYR C 34 8.24 63.72 20.44
CA TYR C 34 9.10 64.77 20.98
C TYR C 34 9.42 64.51 22.45
N SER C 35 10.70 64.67 22.78
CA SER C 35 11.14 64.65 24.18
C SER C 35 11.46 66.03 24.71
N VAL C 36 11.63 67.03 23.84
CA VAL C 36 11.79 68.42 24.25
C VAL C 36 10.97 69.31 23.33
N VAL C 37 10.51 70.44 23.86
CA VAL C 37 9.83 71.47 23.09
C VAL C 37 10.41 72.82 23.48
N SER C 38 10.01 73.86 22.74
CA SER C 38 10.47 75.21 23.01
C SER C 38 9.31 76.19 22.87
N VAL C 39 9.22 77.09 23.84
CA VAL C 39 8.24 78.18 23.84
C VAL C 39 8.96 79.46 24.26
N TYR C 40 8.77 80.53 23.48
CA TYR C 40 9.46 81.81 23.71
C TYR C 40 10.97 81.61 23.85
N ASN C 41 11.54 80.75 22.99
CA ASN C 41 12.97 80.51 22.96
C ASN C 41 13.49 79.92 24.27
N ASN C 42 12.65 79.16 24.96
CA ASN C 42 13.03 78.43 26.15
C ASN C 42 12.72 76.94 25.95
N LYS C 43 13.71 76.10 26.23
CA LYS C 43 13.59 74.67 26.05
C LYS C 43 12.95 74.02 27.28
N TYR C 44 12.04 73.08 27.05
CA TYR C 44 11.35 72.37 28.12
C TYR C 44 11.30 70.87 27.80
N ASP C 45 11.40 70.05 28.85
CA ASP C 45 11.44 68.60 28.70
C ASP C 45 10.05 68.01 28.78
N ILE C 46 9.77 67.06 27.89
CA ILE C 46 8.51 66.31 27.94
C ILE C 46 8.59 65.31 29.09
N VAL C 47 7.58 65.33 29.96
CA VAL C 47 7.56 64.42 31.09
C VAL C 47 7.44 62.99 30.57
N LYS C 48 8.18 62.07 31.20
CA LYS C 48 8.19 60.68 30.80
C LYS C 48 7.23 59.87 31.67
N ASP C 49 6.35 59.12 31.02
CA ASP C 49 5.45 58.14 31.66
C ASP C 49 4.35 58.79 32.48
N LYS C 50 4.10 60.09 32.28
CA LYS C 50 2.93 60.74 32.87
C LYS C 50 2.40 61.72 31.84
N TYR C 51 1.07 61.78 31.72
CA TYR C 51 0.42 62.50 30.64
C TYR C 51 -0.67 63.40 31.22
N MET C 52 -1.40 64.06 30.34
CA MET C 52 -2.51 64.93 30.73
C MET C 52 -3.72 64.58 29.90
N TRP C 53 -4.84 64.33 30.55
CA TRP C 53 -6.08 64.04 29.83
C TRP C 53 -6.75 65.35 29.44
N CYS C 54 -6.68 65.70 28.17
CA CYS C 54 -7.22 66.95 27.69
C CYS C 54 -8.45 66.70 26.82
N TYR C 55 -9.37 67.66 26.84
CA TYR C 55 -10.61 67.54 26.08
C TYR C 55 -11.15 68.94 25.79
N SER C 56 -11.87 69.05 24.69
CA SER C 56 -12.66 70.24 24.40
C SER C 56 -13.99 69.80 23.83
N GLN C 57 -15.04 70.55 24.14
CA GLN C 57 -16.39 70.26 23.69
C GLN C 57 -16.78 71.34 22.69
N VAL C 58 -16.87 70.95 21.42
CA VAL C 58 -17.13 71.90 20.33
C VAL C 58 -18.16 71.30 19.39
N ASN C 59 -19.21 72.07 19.08
CA ASN C 59 -20.23 71.65 18.12
C ASN C 59 -20.91 70.35 18.55
N LYS C 60 -21.23 70.26 19.85
CA LYS C 60 -21.83 69.07 20.45
C LYS C 60 -20.98 67.83 20.22
N ARG C 61 -19.67 68.00 20.07
CA ARG C 61 -18.76 66.90 19.79
C ARG C 61 -17.64 66.92 20.81
N TYR C 62 -17.38 65.79 21.45
CA TYR C 62 -16.36 65.67 22.49
C TYR C 62 -15.08 65.14 21.89
N ILE C 63 -13.95 65.79 22.20
CA ILE C 63 -12.65 65.43 21.66
C ILE C 63 -11.64 65.35 22.79
N GLY C 64 -11.36 64.14 23.25
CA GLY C 64 -10.46 63.94 24.38
C GLY C 64 -9.35 62.97 24.05
N ALA C 65 -8.22 63.16 24.73
CA ALA C 65 -7.07 62.30 24.50
C ALA C 65 -6.02 62.52 25.59
N LEU C 66 -5.28 61.45 25.89
CA LEU C 66 -4.06 61.58 26.68
C LEU C 66 -3.00 62.29 25.86
N LEU C 67 -2.48 63.39 26.39
CA LEU C 67 -1.49 64.16 25.65
C LEU C 67 -0.15 64.18 26.39
N PRO C 68 0.95 64.28 25.66
CA PRO C 68 2.23 64.56 26.31
C PRO C 68 2.16 65.92 26.99
N MET C 69 3.04 66.12 27.97
CA MET C 69 3.06 67.37 28.71
C MET C 69 4.49 67.69 29.12
N PHE C 70 4.81 68.98 29.14
CA PHE C 70 6.14 69.44 29.47
C PHE C 70 6.08 70.37 30.69
N GLU C 71 7.17 70.42 31.43
CA GLU C 71 7.22 71.17 32.68
C GLU C 71 7.78 72.56 32.42
N CYS C 72 7.04 73.58 32.86
CA CYS C 72 7.43 74.97 32.63
C CYS C 72 6.89 75.83 33.76
N ASN C 73 7.78 76.42 34.54
CA ASN C 73 7.38 77.28 35.64
C ASN C 73 6.90 78.65 35.18
N GLU C 74 7.29 79.09 34.00
CA GLU C 74 6.86 80.38 33.48
C GLU C 74 5.41 80.31 33.01
N TYR C 75 4.86 81.49 32.70
CA TYR C 75 3.49 81.60 32.20
C TYR C 75 3.52 81.59 30.68
N LEU C 76 2.81 80.62 30.09
CA LEU C 76 2.64 80.53 28.65
C LEU C 76 1.17 80.75 28.31
N GLN C 77 0.93 81.56 27.30
CA GLN C 77 -0.42 82.03 26.98
C GLN C 77 -1.07 81.12 25.95
N ILE C 78 -2.35 80.79 26.18
CA ILE C 78 -3.16 79.99 25.27
C ILE C 78 -3.03 80.55 23.85
N GLY C 79 -2.82 79.67 22.88
CA GLY C 79 -2.69 80.06 21.50
C GLY C 79 -1.29 80.36 21.05
N ASP C 80 -0.33 80.49 21.98
CA ASP C 80 1.04 80.78 21.59
C ASP C 80 1.70 79.57 20.96
N PRO C 81 2.53 79.75 19.95
CA PRO C 81 3.11 78.60 19.24
C PRO C 81 4.03 77.78 20.13
N ILE C 82 4.05 76.48 19.88
CA ILE C 82 5.04 75.56 20.44
C ILE C 82 5.92 75.09 19.30
N HIS C 83 7.23 75.13 19.50
CA HIS C 83 8.19 74.81 18.46
C HIS C 83 8.96 73.53 18.78
N ASP C 84 9.52 72.93 17.74
CA ASP C 84 10.47 71.85 17.91
C ASP C 84 11.88 72.43 17.96
N GLN C 85 12.89 71.55 18.01
CA GLN C 85 14.27 72.01 18.06
C GLN C 85 14.69 72.71 16.77
N GLU C 86 13.99 72.49 15.66
CA GLU C 86 14.35 73.08 14.38
C GLU C 86 13.57 74.35 14.07
N GLY C 87 12.79 74.86 15.02
CA GLY C 87 12.08 76.10 14.85
C GLY C 87 10.71 75.99 14.22
N ASN C 88 10.25 74.78 13.89
CA ASN C 88 8.94 74.60 13.29
C ASN C 88 7.87 74.55 14.37
N GLN C 89 6.79 75.30 14.16
CA GLN C 89 5.64 75.19 15.05
C GLN C 89 5.00 73.81 14.91
N ILE C 90 4.80 73.14 16.05
CA ILE C 90 4.15 71.84 16.05
C ILE C 90 2.81 71.86 16.75
N SER C 91 2.52 72.88 17.55
CA SER C 91 1.30 72.94 18.36
C SER C 91 1.18 74.34 18.95
N ILE C 92 0.16 74.52 19.79
CA ILE C 92 -0.05 75.76 20.52
C ILE C 92 -0.33 75.43 21.98
N ILE C 93 -0.13 76.43 22.84
CA ILE C 93 -0.46 76.27 24.25
C ILE C 93 -1.96 76.07 24.38
N THR C 94 -2.36 75.03 25.11
CA THR C 94 -3.78 74.74 25.28
C THR C 94 -4.12 74.64 26.76
N TYR C 95 -3.75 73.52 27.38
CA TYR C 95 -4.16 73.24 28.75
C TYR C 95 -2.94 73.18 29.65
N ARG C 96 -3.21 73.34 30.94
CA ARG C 96 -2.17 73.52 31.94
C ARG C 96 -2.61 72.88 33.24
N HIS C 97 -1.66 72.30 33.95
CA HIS C 97 -1.89 71.76 35.30
C HIS C 97 -0.69 72.18 36.15
N LYS C 98 -0.87 73.25 36.93
CA LYS C 98 0.23 73.88 37.66
C LYS C 98 1.39 74.14 36.70
N ASN C 99 2.54 73.50 36.95
CA ASN C 99 3.73 73.71 36.14
C ASN C 99 3.85 72.72 34.99
N TYR C 100 2.74 72.10 34.56
CA TYR C 100 2.72 71.21 33.42
C TYR C 100 1.82 71.80 32.33
N TYR C 101 2.26 71.71 31.09
CA TYR C 101 1.51 72.19 29.93
C TYR C 101 1.33 71.05 28.94
N ALA C 102 0.10 70.89 28.45
CA ALA C 102 -0.17 69.85 27.46
C ALA C 102 0.43 70.20 26.10
N LEU C 103 0.75 69.16 25.34
CA LEU C 103 1.23 69.28 23.95
C LEU C 103 0.20 68.59 23.07
N SER C 104 -0.73 69.37 22.54
CA SER C 104 -1.88 68.80 21.85
C SER C 104 -1.56 68.50 20.39
N GLY C 105 -2.31 67.56 19.84
CA GLY C 105 -2.09 67.02 18.51
C GLY C 105 -2.56 65.59 18.47
N ILE C 106 -1.99 64.81 17.55
CA ILE C 106 -2.19 63.36 17.58
C ILE C 106 -1.39 62.80 18.75
N GLY C 107 -2.10 62.41 19.81
CA GLY C 107 -1.44 61.92 21.01
C GLY C 107 -1.55 60.43 21.21
N TYR C 108 -1.89 60.03 22.42
CA TYR C 108 -1.96 58.61 22.79
C TYR C 108 -3.44 58.20 22.81
N GLU C 109 -3.91 57.46 23.81
CA GLU C 109 -5.28 56.95 23.81
C GLU C 109 -6.27 58.12 23.81
N SER C 110 -7.31 57.99 22.98
CA SER C 110 -8.25 59.07 22.73
C SER C 110 -9.69 58.59 22.90
N LEU C 111 -10.58 59.57 23.08
CA LEU C 111 -12.01 59.32 23.19
C LEU C 111 -12.77 60.43 22.48
N ASP C 112 -13.63 60.05 21.53
CA ASP C 112 -14.51 60.97 20.84
C ASP C 112 -15.95 60.62 21.17
N LEU C 113 -16.78 61.65 21.39
CA LEU C 113 -18.16 61.41 21.77
C LEU C 113 -19.08 62.40 21.07
N CYS C 114 -20.24 61.90 20.67
CA CYS C 114 -21.36 62.73 20.25
C CYS C 114 -22.18 63.06 21.49
N LEU C 115 -22.13 64.33 21.92
CA LEU C 115 -22.61 64.74 23.23
C LEU C 115 -24.10 65.05 23.27
N GLU C 116 -24.82 64.87 22.18
CA GLU C 116 -26.27 65.07 22.19
C GLU C 116 -26.95 63.83 22.78
N GLY C 117 -27.72 64.05 23.85
CA GLY C 117 -28.41 62.96 24.51
C GLY C 117 -27.59 62.18 25.52
N VAL C 118 -26.28 62.37 25.56
CA VAL C 118 -25.43 61.72 26.55
C VAL C 118 -24.55 62.77 27.20
N GLY C 119 -24.18 62.52 28.46
CA GLY C 119 -23.32 63.40 29.21
C GLY C 119 -21.95 62.78 29.43
N ILE C 120 -21.03 63.61 29.92
CA ILE C 120 -19.68 63.16 30.24
C ILE C 120 -19.20 63.91 31.48
N HIS C 121 -18.42 63.21 32.31
CA HIS C 121 -17.99 63.74 33.59
C HIS C 121 -16.57 63.26 33.87
N HIS C 122 -15.75 64.15 34.41
CA HIS C 122 -14.34 63.87 34.64
C HIS C 122 -14.06 63.81 36.13
N HIS C 123 -13.22 62.85 36.53
CA HIS C 123 -12.92 62.59 37.93
C HIS C 123 -11.44 62.32 38.09
N VAL C 124 -10.90 62.70 39.23
CA VAL C 124 -9.56 62.28 39.64
C VAL C 124 -9.71 61.00 40.46
N LEU C 125 -9.13 59.92 39.97
CA LEU C 125 -9.19 58.64 40.67
C LEU C 125 -8.23 58.68 41.85
N GLU C 126 -8.79 58.76 43.05
CA GLU C 126 -7.95 58.78 44.26
C GLU C 126 -7.17 57.47 44.38
N THR C 127 -5.94 57.59 44.86
CA THR C 127 -5.05 56.43 44.94
C THR C 127 -5.62 55.39 45.89
N GLY C 128 -5.69 54.14 45.42
CA GLY C 128 -6.24 53.06 46.19
C GLY C 128 -7.72 52.82 46.01
N ASN C 129 -8.42 53.70 45.29
CA ASN C 129 -9.85 53.54 45.07
C ASN C 129 -10.13 52.64 43.88
N ALA C 130 -11.22 51.91 43.95
CA ALA C 130 -11.77 51.19 42.82
C ALA C 130 -12.93 51.98 42.22
N VAL C 131 -13.36 51.56 41.04
CA VAL C 131 -14.39 52.26 40.28
C VAL C 131 -15.47 51.26 39.89
N TYR C 132 -16.73 51.64 40.14
CA TYR C 132 -17.87 51.04 39.45
C TYR C 132 -18.73 52.16 38.89
N GLY C 133 -19.07 52.05 37.61
CA GLY C 133 -20.02 52.96 37.00
C GLY C 133 -19.65 54.42 37.10
N LYS C 134 -20.37 55.15 37.95
CA LYS C 134 -20.18 56.59 38.13
C LYS C 134 -19.62 56.92 39.51
N VAL C 135 -19.18 55.92 40.28
CA VAL C 135 -18.72 56.14 41.65
C VAL C 135 -17.36 55.50 41.84
N GLN C 136 -16.60 56.05 42.78
CA GLN C 136 -15.33 55.47 43.22
C GLN C 136 -15.34 55.40 44.74
N HIS C 137 -14.79 54.31 45.28
CA HIS C 137 -14.69 54.10 46.71
C HIS C 137 -13.55 53.10 46.95
N ASP C 138 -13.35 52.72 48.21
CA ASP C 138 -12.39 51.66 48.49
C ASP C 138 -12.87 50.34 47.89
N TYR C 139 -11.95 49.39 47.78
CA TYR C 139 -12.26 48.17 47.04
C TYR C 139 -13.37 47.36 47.71
N SER C 140 -13.49 47.44 49.04
CA SER C 140 -14.54 46.71 49.73
C SER C 140 -15.93 47.21 49.34
N THR C 141 -16.12 48.53 49.37
CA THR C 141 -17.41 49.10 48.99
C THR C 141 -17.73 48.83 47.52
N ILE C 142 -16.74 48.98 46.65
CA ILE C 142 -16.98 48.78 45.22
C ILE C 142 -17.37 47.34 44.94
N LYS C 143 -16.70 46.38 45.60
CA LYS C 143 -17.04 44.97 45.42
C LYS C 143 -18.51 44.73 45.73
N GLU C 144 -18.99 45.25 46.87
CA GLU C 144 -20.39 45.12 47.22
C GLU C 144 -21.28 45.82 46.20
N LYS C 145 -20.88 47.02 45.75
CA LYS C 145 -21.67 47.75 44.78
C LYS C 145 -21.80 46.98 43.47
N ALA C 146 -20.67 46.40 43.00
CA ALA C 146 -20.69 45.63 41.77
C ALA C 146 -21.65 44.44 41.87
N LYS C 147 -21.65 43.76 43.02
CA LYS C 147 -22.57 42.64 43.23
C LYS C 147 -24.02 43.11 43.16
N GLU C 148 -24.33 44.22 43.86
CA GLU C 148 -25.69 44.75 43.87
C GLU C 148 -26.15 45.10 42.47
N MET C 149 -25.33 45.84 41.72
CA MET C 149 -25.71 46.30 40.38
C MET C 149 -25.69 45.17 39.35
N ASN C 150 -25.11 44.02 39.66
CA ASN C 150 -25.12 42.91 38.71
C ASN C 150 -26.54 42.44 38.43
N ALA C 151 -27.43 42.54 39.41
CA ALA C 151 -28.80 42.05 39.26
C ALA C 151 -29.66 42.94 38.37
N LEU C 152 -29.15 44.09 37.95
CA LEU C 152 -29.97 45.06 37.23
C LEU C 152 -29.96 44.81 35.73
N SER C 153 -31.13 44.88 35.12
CA SER C 153 -31.21 44.82 33.67
C SER C 153 -30.60 46.08 33.07
N PRO C 154 -29.77 45.96 32.04
CA PRO C 154 -29.09 47.13 31.48
C PRO C 154 -30.03 47.96 30.60
N GLY C 155 -29.84 49.27 30.66
CA GLY C 155 -30.53 50.17 29.76
C GLY C 155 -29.53 50.87 28.87
N PRO C 156 -30.02 51.69 27.93
CA PRO C 156 -29.09 52.40 27.04
C PRO C 156 -28.21 53.37 27.80
N ILE C 157 -27.01 53.60 27.26
CA ILE C 157 -26.04 54.50 27.86
C ILE C 157 -26.55 55.94 27.81
N ILE C 158 -26.32 56.69 28.89
CA ILE C 158 -26.72 58.09 28.93
C ILE C 158 -25.59 58.96 29.46
N ASP C 159 -24.57 58.34 30.06
CA ASP C 159 -23.49 59.12 30.65
C ASP C 159 -22.17 58.39 30.52
N TYR C 160 -21.11 59.16 30.30
CA TYR C 160 -19.75 58.66 30.33
C TYR C 160 -19.02 59.26 31.52
N HIS C 161 -18.08 58.50 32.07
CA HIS C 161 -17.30 58.95 33.22
C HIS C 161 -15.84 58.63 32.97
N VAL C 162 -14.99 59.64 33.08
CA VAL C 162 -13.57 59.54 32.82
C VAL C 162 -12.84 59.58 34.16
N TRP C 163 -12.06 58.56 34.44
CA TRP C 163 -11.35 58.42 35.70
C TRP C 163 -9.86 58.50 35.40
N ILE C 164 -9.22 59.55 35.90
CA ILE C 164 -7.81 59.83 35.62
C ILE C 164 -7.04 59.66 36.92
N GLY C 165 -6.15 58.67 36.95
CA GLY C 165 -5.36 58.37 38.13
C GLY C 165 -3.88 58.40 37.83
N ASP C 166 -3.08 58.36 38.90
CA ASP C 166 -1.63 58.46 38.75
C ASP C 166 -1.03 57.23 38.08
N CYS C 167 -1.74 56.10 38.09
CA CYS C 167 -1.23 54.87 37.50
C CYS C 167 -2.04 54.37 36.31
N ILE C 168 -3.32 54.73 36.21
CA ILE C 168 -4.20 54.15 35.21
C ILE C 168 -5.31 55.16 34.90
N CYS C 169 -5.83 55.09 33.68
CA CYS C 169 -6.99 55.87 33.27
C CYS C 169 -8.05 54.92 32.76
N GLN C 170 -9.32 55.23 33.05
CA GLN C 170 -10.43 54.38 32.68
C GLN C 170 -11.61 55.25 32.29
N VAL C 171 -12.45 54.73 31.39
CA VAL C 171 -13.70 55.35 31.00
C VAL C 171 -14.82 54.33 31.17
N THR C 172 -15.87 54.71 31.88
CA THR C 172 -17.04 53.86 32.04
C THR C 172 -18.26 54.56 31.46
N ALA C 173 -19.27 53.77 31.14
CA ALA C 173 -20.53 54.27 30.59
C ALA C 173 -21.67 53.65 31.37
N VAL C 174 -22.62 54.49 31.81
CA VAL C 174 -23.68 54.06 32.71
C VAL C 174 -25.03 54.35 32.09
N ASP C 175 -26.04 53.59 32.52
CA ASP C 175 -27.41 53.82 32.11
C ASP C 175 -28.10 54.70 33.17
N VAL C 176 -29.42 54.84 33.03
CA VAL C 176 -30.15 55.75 33.90
C VAL C 176 -30.18 55.27 35.36
N HIS C 177 -29.95 53.98 35.59
CA HIS C 177 -29.85 53.46 36.95
C HIS C 177 -28.41 53.43 37.45
N GLY C 178 -27.45 53.85 36.66
CA GLY C 178 -26.08 53.88 37.09
C GLY C 178 -25.34 52.58 36.93
N LYS C 179 -25.93 51.60 36.26
CA LYS C 179 -25.25 50.36 35.99
C LYS C 179 -24.17 50.58 34.94
N GLU C 180 -23.00 49.99 35.17
CA GLU C 180 -21.90 50.06 34.21
C GLU C 180 -22.24 49.23 32.99
N ILE C 181 -22.25 49.86 31.82
CA ILE C 181 -22.53 49.17 30.57
C ILE C 181 -21.25 48.90 29.78
N MET C 182 -20.22 49.72 29.98
CA MET C 182 -18.98 49.59 29.23
C MET C 182 -17.84 50.14 30.08
N ARG C 183 -16.66 49.55 29.91
CA ARG C 183 -15.47 50.09 30.55
C ARG C 183 -14.28 49.87 29.64
N MET C 184 -13.50 50.92 29.42
CA MET C 184 -12.23 50.83 28.74
C MET C 184 -11.14 51.28 29.71
N ARG C 185 -9.97 50.66 29.60
CA ARG C 185 -8.85 50.95 30.48
C ARG C 185 -7.64 51.36 29.64
N PHE C 186 -7.02 52.48 30.00
CA PHE C 186 -5.78 52.93 29.39
C PHE C 186 -4.66 52.72 30.41
N LYS C 187 -3.62 52.02 30.01
CA LYS C 187 -2.55 51.66 30.94
C LYS C 187 -1.48 52.75 30.94
N LYS C 188 -1.89 53.92 31.42
CA LYS C 188 -1.05 55.10 31.51
C LYS C 188 -1.53 55.95 32.68
N GLY C 189 -0.60 56.64 33.32
CA GLY C 189 -0.92 57.60 34.37
C GLY C 189 -1.02 59.01 33.80
N ALA C 190 -1.89 59.81 34.41
CA ALA C 190 -2.15 61.14 33.88
C ALA C 190 -2.72 62.05 34.97
N VAL C 191 -2.77 63.34 34.65
CA VAL C 191 -3.48 64.33 35.45
C VAL C 191 -4.52 65.01 34.57
N LEU C 192 -5.42 65.75 35.20
CA LEU C 192 -6.44 66.57 34.57
C LEU C 192 -6.00 68.02 34.55
N PRO C 193 -6.45 68.81 33.56
CA PRO C 193 -6.09 70.22 33.53
C PRO C 193 -6.76 70.99 34.66
N ILE C 194 -6.11 72.07 35.07
CA ILE C 194 -6.65 73.02 36.03
C ILE C 194 -6.92 74.32 35.28
N PRO C 195 -8.19 74.74 35.14
CA PRO C 195 -8.60 75.96 34.42
C PRO C 195 -7.86 77.22 34.89
N SER D 1 -4.82 30.29 49.04
CA SER D 1 -5.18 29.02 48.42
C SER D 1 -4.30 28.71 47.23
N MET D 2 -4.54 27.56 46.61
CA MET D 2 -3.80 27.21 45.39
C MET D 2 -4.21 28.13 44.25
N ALA D 3 -3.23 28.53 43.44
CA ALA D 3 -3.47 29.41 42.30
C ALA D 3 -4.01 28.59 41.13
N MET D 4 -5.23 28.90 40.69
CA MET D 4 -5.90 28.14 39.66
C MET D 4 -6.15 29.00 38.43
N PHE D 5 -6.07 28.38 37.26
CA PHE D 5 -6.38 29.01 35.98
C PHE D 5 -7.36 28.11 35.23
N TYR D 6 -8.56 28.61 34.96
CA TYR D 6 -9.58 27.87 34.22
C TYR D 6 -9.77 28.52 32.87
N ALA D 7 -9.77 27.71 31.82
CA ALA D 7 -9.99 28.20 30.47
C ALA D 7 -11.48 28.40 30.22
N HIS D 8 -11.83 29.60 29.72
CA HIS D 8 -13.23 29.86 29.39
C HIS D 8 -13.74 28.96 28.27
N ALA D 9 -12.83 28.52 27.38
CA ALA D 9 -13.24 27.66 26.28
C ALA D 9 -13.77 26.32 26.77
N LEU D 10 -13.31 25.86 27.93
CA LEU D 10 -13.74 24.59 28.52
C LEU D 10 -14.82 24.77 29.58
N GLY D 11 -15.47 25.95 29.61
CA GLY D 11 -16.54 26.20 30.54
C GLY D 11 -16.11 26.55 31.94
N GLY D 12 -14.91 27.10 32.11
CA GLY D 12 -14.39 27.37 33.43
C GLY D 12 -14.62 28.79 33.92
N TYR D 13 -15.57 29.50 33.31
CA TYR D 13 -15.86 30.85 33.74
C TYR D 13 -16.49 30.85 35.13
N ASP D 14 -15.91 31.62 36.04
CA ASP D 14 -16.41 31.77 37.40
C ASP D 14 -16.52 33.25 37.71
N GLU D 15 -17.74 33.70 38.03
CA GLU D 15 -17.97 35.12 38.27
C GLU D 15 -17.18 35.63 39.46
N ASN D 16 -16.87 34.75 40.42
CA ASN D 16 -16.19 35.14 41.64
C ASN D 16 -14.67 35.13 41.51
N LEU D 17 -14.14 34.80 40.34
CA LEU D 17 -12.71 34.86 40.09
C LEU D 17 -12.39 36.05 39.19
N HIS D 18 -11.09 36.32 39.07
CA HIS D 18 -10.65 37.35 38.15
C HIS D 18 -10.90 36.89 36.72
N ALA D 19 -11.36 37.81 35.89
CA ALA D 19 -11.71 37.51 34.50
C ALA D 19 -10.77 38.23 33.56
N PHE D 20 -10.16 37.48 32.65
CA PHE D 20 -9.35 37.98 31.57
C PHE D 20 -9.78 37.29 30.31
N PRO D 21 -9.37 37.78 29.13
CA PRO D 21 -9.72 37.05 27.89
C PRO D 21 -9.37 35.58 27.99
N GLY D 22 -10.40 34.73 28.02
CA GLY D 22 -10.24 33.30 28.02
C GLY D 22 -9.77 32.67 29.31
N ILE D 23 -9.78 33.39 30.43
CA ILE D 23 -9.21 32.87 31.68
C ILE D 23 -10.04 33.36 32.86
N SER D 24 -10.42 32.42 33.73
CA SER D 24 -10.85 32.74 35.09
C SER D 24 -9.76 32.26 36.04
N SER D 25 -9.26 33.17 36.88
CA SER D 25 -8.06 32.92 37.67
C SER D 25 -8.26 33.40 39.10
N THR D 26 -7.72 32.62 40.05
CA THR D 26 -7.73 33.02 41.45
C THR D 26 -6.75 34.17 41.71
N VAL D 27 -5.80 34.38 40.81
CA VAL D 27 -4.83 35.47 40.93
C VAL D 27 -4.90 36.33 39.68
N ALA D 28 -4.50 37.59 39.84
CA ALA D 28 -4.45 38.56 38.74
C ALA D 28 -2.98 38.83 38.44
N ASN D 29 -2.47 38.22 37.38
CA ASN D 29 -1.08 38.38 36.99
C ASN D 29 -0.94 39.47 35.95
N ASP D 30 -0.04 40.42 36.21
CA ASP D 30 0.28 41.48 35.26
C ASP D 30 1.30 40.92 34.29
N VAL D 31 0.86 40.59 33.08
CA VAL D 31 1.69 39.89 32.11
C VAL D 31 2.44 40.87 31.20
N ARG D 32 2.35 42.17 31.50
CA ARG D 32 3.05 43.16 30.68
C ARG D 32 4.56 43.13 30.91
N LYS D 33 5.00 42.69 32.08
CA LYS D 33 6.40 42.84 32.46
C LYS D 33 7.30 41.74 31.93
N TYR D 34 6.76 40.69 31.32
CA TYR D 34 7.56 39.56 30.88
C TYR D 34 8.05 39.77 29.45
N SER D 35 9.29 39.35 29.19
CA SER D 35 9.85 39.33 27.86
C SER D 35 10.00 37.93 27.29
N VAL D 36 10.09 36.91 28.15
CA VAL D 36 10.12 35.52 27.72
C VAL D 36 9.20 34.71 28.60
N VAL D 37 8.63 33.65 28.01
CA VAL D 37 7.80 32.69 28.74
C VAL D 37 8.26 31.29 28.36
N SER D 38 7.89 30.32 29.18
CA SER D 38 8.20 28.92 28.93
C SER D 38 6.95 28.08 29.07
N VAL D 39 6.79 27.12 28.17
CA VAL D 39 5.71 26.14 28.20
C VAL D 39 6.37 24.77 28.07
N TYR D 40 6.32 23.99 29.15
CA TYR D 40 6.96 22.68 29.20
C TYR D 40 8.46 22.78 28.88
N ASN D 41 9.12 23.71 29.58
CA ASN D 41 10.57 23.92 29.51
C ASN D 41 11.04 24.37 28.13
N ASN D 42 10.15 24.90 27.30
CA ASN D 42 10.52 25.49 26.02
C ASN D 42 10.28 26.98 26.12
N LYS D 43 11.36 27.77 26.09
CA LYS D 43 11.26 29.21 26.26
C LYS D 43 10.98 29.89 24.93
N TYR D 44 10.11 30.91 24.96
CA TYR D 44 9.75 31.68 23.79
C TYR D 44 9.82 33.17 24.12
N ASP D 45 10.24 33.95 23.13
CA ASP D 45 10.31 35.39 23.29
C ASP D 45 8.96 36.04 23.02
N ILE D 46 8.68 37.12 23.73
CA ILE D 46 7.45 37.89 23.55
C ILE D 46 7.68 38.95 22.50
N VAL D 47 6.79 39.02 21.51
CA VAL D 47 6.92 39.97 20.41
C VAL D 47 6.84 41.39 20.96
N LYS D 48 7.76 42.23 20.53
CA LYS D 48 7.79 43.64 20.92
C LYS D 48 6.96 44.47 19.96
N ASP D 49 6.13 45.36 20.52
CA ASP D 49 5.36 46.36 19.77
C ASP D 49 4.35 45.74 18.82
N LYS D 50 3.90 44.53 19.11
CA LYS D 50 2.80 43.91 18.38
C LYS D 50 2.02 43.04 19.35
N TYR D 51 0.70 43.08 19.26
CA TYR D 51 -0.15 42.50 20.27
C TYR D 51 -1.26 41.71 19.60
N MET D 52 -2.06 41.02 20.41
CA MET D 52 -3.19 40.25 19.92
C MET D 52 -4.43 40.69 20.68
N TRP D 53 -5.46 41.09 19.94
CA TRP D 53 -6.73 41.45 20.57
C TRP D 53 -7.51 40.17 20.88
N CYS D 54 -7.66 39.85 22.15
CA CYS D 54 -8.32 38.64 22.58
C CYS D 54 -9.56 38.98 23.40
N TYR D 55 -10.60 38.18 23.22
CA TYR D 55 -11.85 38.38 23.93
C TYR D 55 -12.52 37.05 24.17
N SER D 56 -13.38 37.03 25.19
CA SER D 56 -14.34 35.96 25.38
C SER D 56 -15.65 36.57 25.83
N GLN D 57 -16.76 35.94 25.43
CA GLN D 57 -18.11 36.37 25.78
C GLN D 57 -18.73 35.31 26.65
N VAL D 58 -18.91 35.61 27.94
CA VAL D 58 -19.43 34.65 28.90
C VAL D 58 -20.57 35.29 29.68
N ASN D 59 -21.75 34.70 29.60
CA ASN D 59 -22.92 35.15 30.38
C ASN D 59 -23.32 36.58 30.02
N LYS D 60 -23.43 36.83 28.71
CA LYS D 60 -23.75 38.15 28.17
C LYS D 60 -22.77 39.22 28.67
N ARG D 61 -21.50 38.86 28.84
CA ARG D 61 -20.46 39.74 29.34
C ARG D 61 -19.25 39.62 28.45
N TYR D 62 -18.80 40.74 27.89
CA TYR D 62 -17.68 40.77 26.96
C TYR D 62 -16.42 41.24 27.67
N ILE D 63 -15.33 40.51 27.46
CA ILE D 63 -14.04 40.79 28.10
C ILE D 63 -12.97 40.79 27.02
N GLY D 64 -12.49 41.97 26.63
CA GLY D 64 -11.49 42.07 25.59
C GLY D 64 -10.32 42.94 26.00
N ALA D 65 -9.16 42.63 25.45
CA ALA D 65 -7.95 43.38 25.80
C ALA D 65 -6.85 43.09 24.77
N LEU D 66 -5.87 43.99 24.75
CA LEU D 66 -4.64 43.79 23.97
C LEU D 66 -3.64 43.04 24.82
N LEU D 67 -3.27 41.84 24.39
CA LEU D 67 -2.38 41.02 25.18
C LEU D 67 -1.01 40.91 24.54
N PRO D 68 0.03 40.70 25.34
CA PRO D 68 1.31 40.29 24.76
C PRO D 68 1.16 38.93 24.10
N MET D 69 2.03 38.66 23.14
CA MET D 69 2.02 37.38 22.44
C MET D 69 3.45 36.92 22.21
N PHE D 70 3.63 35.60 22.23
CA PHE D 70 4.92 34.99 21.97
C PHE D 70 4.81 34.08 20.76
N GLU D 71 5.96 33.86 20.11
CA GLU D 71 6.03 33.07 18.90
C GLU D 71 6.43 31.65 19.23
N CYS D 72 5.71 30.68 18.67
CA CYS D 72 5.96 29.27 18.96
C CYS D 72 5.51 28.43 17.77
N ASN D 73 6.47 27.76 17.12
CA ASN D 73 6.16 26.93 15.97
C ASN D 73 5.56 25.58 16.35
N GLU D 74 5.67 25.18 17.61
CA GLU D 74 5.14 23.90 18.07
C GLU D 74 3.68 24.06 18.46
N TYR D 75 2.97 22.93 18.51
CA TYR D 75 1.57 22.94 18.89
C TYR D 75 1.44 23.01 20.40
N LEU D 76 0.62 23.94 20.88
CA LEU D 76 0.41 24.15 22.31
C LEU D 76 -1.08 24.09 22.60
N GLN D 77 -1.46 23.23 23.56
CA GLN D 77 -2.87 22.97 23.81
C GLN D 77 -3.47 24.06 24.69
N ILE D 78 -4.76 24.34 24.48
CA ILE D 78 -5.48 25.24 25.35
C ILE D 78 -5.44 24.70 26.77
N GLY D 79 -5.15 25.59 27.73
CA GLY D 79 -5.04 25.21 29.11
C GLY D 79 -3.65 24.80 29.56
N ASP D 80 -2.69 24.70 28.63
CA ASP D 80 -1.33 24.36 29.01
C ASP D 80 -0.75 25.47 29.89
N PRO D 81 -0.15 25.14 31.03
CA PRO D 81 0.36 26.19 31.93
C PRO D 81 1.55 26.92 31.33
N ILE D 82 1.52 28.24 31.41
CA ILE D 82 2.62 29.10 30.99
C ILE D 82 3.36 29.57 32.22
N HIS D 83 4.69 29.43 32.20
CA HIS D 83 5.51 29.81 33.33
C HIS D 83 6.39 31.01 32.99
N ASP D 84 6.89 31.66 34.04
CA ASP D 84 7.93 32.66 33.89
C ASP D 84 9.29 31.98 34.05
N GLN D 85 10.35 32.78 34.18
CA GLN D 85 11.68 32.19 34.31
C GLN D 85 11.92 31.58 35.69
N GLU D 86 11.14 31.96 36.69
CA GLU D 86 11.30 31.43 38.04
C GLU D 86 10.42 30.21 38.31
N GLY D 87 9.69 29.73 37.31
CA GLY D 87 8.84 28.57 37.48
C GLY D 87 7.44 28.86 37.98
N ASN D 88 7.10 30.12 38.22
CA ASN D 88 5.73 30.47 38.58
C ASN D 88 4.84 30.39 37.35
N GLN D 89 3.72 29.67 37.47
CA GLN D 89 2.71 29.72 36.44
C GLN D 89 2.09 31.11 36.43
N ILE D 90 2.05 31.74 35.26
CA ILE D 90 1.49 33.08 35.13
C ILE D 90 0.22 33.11 34.28
N SER D 91 -0.01 32.13 33.43
CA SER D 91 -1.17 32.13 32.54
C SER D 91 -1.36 30.72 31.99
N ILE D 92 -2.29 30.58 31.05
CA ILE D 92 -2.50 29.33 30.32
C ILE D 92 -2.68 29.67 28.85
N ILE D 93 -2.35 28.69 27.99
CA ILE D 93 -2.53 28.88 26.55
C ILE D 93 -4.00 29.15 26.27
N THR D 94 -4.27 30.19 25.48
CA THR D 94 -5.64 30.56 25.16
C THR D 94 -5.82 30.67 23.65
N TYR D 95 -5.50 31.84 23.11
CA TYR D 95 -5.75 32.16 21.70
C TYR D 95 -4.45 32.09 20.90
N ARG D 96 -4.61 31.88 19.59
CA ARG D 96 -3.47 31.74 18.72
C ARG D 96 -3.75 32.41 17.38
N HIS D 97 -2.69 32.96 16.78
CA HIS D 97 -2.73 33.49 15.42
C HIS D 97 -1.50 32.93 14.71
N LYS D 98 -1.69 31.85 13.95
CA LYS D 98 -0.60 31.12 13.32
C LYS D 98 0.45 30.75 14.35
N ASN D 99 1.65 31.32 14.24
CA ASN D 99 2.75 30.99 15.13
C ASN D 99 2.83 31.90 16.36
N TYR D 100 1.78 32.66 16.64
CA TYR D 100 1.75 33.59 17.77
C TYR D 100 0.71 33.13 18.78
N TYR D 101 1.09 33.11 20.06
CA TYR D 101 0.21 32.70 21.15
C TYR D 101 0.04 33.84 22.14
N ALA D 102 -1.21 34.17 22.44
CA ALA D 102 -1.50 35.24 23.37
C ALA D 102 -1.04 34.89 24.78
N LEU D 103 -0.73 35.91 25.56
CA LEU D 103 -0.36 35.79 26.97
C LEU D 103 -1.43 36.54 27.78
N SER D 104 -2.43 35.82 28.24
CA SER D 104 -3.63 36.42 28.81
C SER D 104 -3.47 36.68 30.31
N GLY D 105 -4.17 37.70 30.78
CA GLY D 105 -4.05 38.22 32.12
C GLY D 105 -4.20 39.73 32.08
N ILE D 106 -3.69 40.41 33.11
CA ILE D 106 -3.69 41.86 33.10
C ILE D 106 -2.73 42.32 31.99
N GLY D 107 -3.29 42.86 30.91
CA GLY D 107 -2.47 43.29 29.80
C GLY D 107 -2.55 44.79 29.56
N TYR D 108 -2.72 45.18 28.30
CA TYR D 108 -2.76 46.61 27.97
C TYR D 108 -4.20 47.09 27.82
N GLU D 109 -4.45 47.93 26.81
CA GLU D 109 -5.76 48.53 26.64
C GLU D 109 -6.84 47.45 26.54
N SER D 110 -7.93 47.65 27.29
CA SER D 110 -8.95 46.62 27.48
C SER D 110 -10.33 47.19 27.21
N LEU D 111 -11.28 46.29 26.96
CA LEU D 111 -12.66 46.68 26.69
C LEU D 111 -13.58 45.66 27.36
N ASP D 112 -14.42 46.13 28.28
CA ASP D 112 -15.42 45.31 28.94
C ASP D 112 -16.79 45.83 28.56
N LEU D 113 -17.70 44.91 28.23
CA LEU D 113 -19.01 45.28 27.71
C LEU D 113 -20.08 44.38 28.28
N CYS D 114 -21.23 44.99 28.59
CA CYS D 114 -22.42 44.26 28.99
C CYS D 114 -23.22 43.98 27.71
N LEU D 115 -23.15 42.75 27.24
CA LEU D 115 -23.66 42.39 25.91
C LEU D 115 -25.18 42.26 25.85
N GLU D 116 -25.89 42.44 26.96
CA GLU D 116 -27.34 42.35 26.93
C GLU D 116 -27.93 43.58 26.26
N GLY D 117 -28.58 43.38 25.11
CA GLY D 117 -29.18 44.48 24.38
C GLY D 117 -28.27 45.17 23.38
N VAL D 118 -26.97 44.89 23.39
CA VAL D 118 -26.04 45.45 22.42
C VAL D 118 -25.30 44.31 21.75
N GLY D 119 -24.81 44.59 20.54
CA GLY D 119 -24.00 43.63 19.83
C GLY D 119 -22.57 44.10 19.70
N ILE D 120 -21.66 43.19 19.34
CA ILE D 120 -20.27 43.54 19.11
C ILE D 120 -19.76 42.76 17.92
N HIS D 121 -18.92 43.40 17.11
CA HIS D 121 -18.39 42.80 15.90
C HIS D 121 -16.92 43.17 15.77
N HIS D 122 -16.15 42.25 15.21
CA HIS D 122 -14.71 42.42 15.07
C HIS D 122 -14.34 42.45 13.59
N HIS D 123 -13.45 43.37 13.23
CA HIS D 123 -13.03 43.56 11.85
C HIS D 123 -11.53 43.72 11.79
N VAL D 124 -10.96 43.32 10.67
CA VAL D 124 -9.56 43.58 10.36
C VAL D 124 -9.50 44.88 9.57
N LEU D 125 -8.92 45.92 10.17
CA LEU D 125 -8.82 47.22 9.52
C LEU D 125 -7.77 47.17 8.42
N GLU D 126 -8.22 47.13 7.17
CA GLU D 126 -7.29 47.09 6.05
C GLU D 126 -6.48 48.38 5.98
N THR D 127 -5.18 48.23 5.73
CA THR D 127 -4.29 49.39 5.67
C THR D 127 -4.71 50.30 4.51
N GLY D 128 -4.86 51.59 4.82
CA GLY D 128 -5.33 52.56 3.86
C GLY D 128 -6.81 52.87 3.98
N ASN D 129 -7.58 51.99 4.60
CA ASN D 129 -8.99 52.24 4.83
C ASN D 129 -9.19 53.16 6.02
N ALA D 130 -10.27 53.92 5.97
CA ALA D 130 -10.72 54.70 7.11
C ALA D 130 -12.03 54.12 7.63
N VAL D 131 -12.42 54.55 8.83
CA VAL D 131 -13.54 53.96 9.54
C VAL D 131 -14.54 55.05 9.90
N TYR D 132 -15.80 54.85 9.53
CA TYR D 132 -16.90 55.56 10.14
C TYR D 132 -17.95 54.56 10.58
N GLY D 133 -18.32 54.62 11.85
CA GLY D 133 -19.44 53.84 12.33
C GLY D 133 -19.18 52.35 12.22
N LYS D 134 -19.99 51.68 11.40
CA LYS D 134 -19.93 50.23 11.23
C LYS D 134 -19.28 49.82 9.91
N VAL D 135 -18.75 50.78 9.14
CA VAL D 135 -18.20 50.49 7.83
C VAL D 135 -16.77 51.01 7.75
N GLN D 136 -15.95 50.33 6.95
CA GLN D 136 -14.63 50.81 6.59
C GLN D 136 -14.53 50.85 5.07
N HIS D 137 -14.01 51.95 4.55
CA HIS D 137 -13.83 52.13 3.11
C HIS D 137 -12.60 52.99 2.89
N ASP D 138 -12.41 53.45 1.65
CA ASP D 138 -11.32 54.36 1.37
C ASP D 138 -11.53 55.68 2.11
N TYR D 139 -10.46 56.47 2.17
CA TYR D 139 -10.49 57.70 2.95
C TYR D 139 -11.51 58.70 2.43
N SER D 140 -11.78 58.69 1.12
CA SER D 140 -12.70 59.67 0.55
C SER D 140 -14.15 59.30 0.82
N THR D 141 -14.47 58.00 0.83
CA THR D 141 -15.86 57.59 1.05
C THR D 141 -16.31 57.92 2.47
N ILE D 142 -15.45 57.68 3.47
CA ILE D 142 -15.81 58.01 4.84
C ILE D 142 -15.98 59.52 5.01
N LYS D 143 -15.26 60.31 4.20
CA LYS D 143 -15.44 61.76 4.24
C LYS D 143 -16.89 62.12 3.90
N GLU D 144 -17.43 61.51 2.85
CA GLU D 144 -18.83 61.76 2.49
C GLU D 144 -19.78 61.16 3.51
N LYS D 145 -19.46 59.97 4.02
CA LYS D 145 -20.33 59.32 5.00
C LYS D 145 -20.41 60.14 6.27
N ALA D 146 -19.27 60.55 6.82
CA ALA D 146 -19.26 61.36 8.02
C ALA D 146 -20.07 62.64 7.83
N LYS D 147 -19.96 63.26 6.65
CA LYS D 147 -20.75 64.46 6.38
C LYS D 147 -22.24 64.14 6.31
N GLU D 148 -22.59 63.06 5.61
CA GLU D 148 -23.99 62.65 5.53
C GLU D 148 -24.56 62.36 6.91
N MET D 149 -23.85 61.56 7.70
CA MET D 149 -24.31 61.18 9.03
C MET D 149 -24.16 62.30 10.06
N ASN D 150 -23.38 63.34 9.76
CA ASN D 150 -23.23 64.44 10.69
C ASN D 150 -24.57 65.11 11.01
N ALA D 151 -25.50 65.10 10.07
CA ALA D 151 -26.78 65.78 10.22
C ALA D 151 -27.81 64.96 10.99
N LEU D 152 -27.52 63.71 11.34
CA LEU D 152 -28.50 62.87 12.01
C LEU D 152 -28.50 63.11 13.51
N SER D 153 -29.67 63.00 14.11
CA SER D 153 -29.76 63.07 15.57
C SER D 153 -29.34 61.73 16.17
N PRO D 154 -28.41 61.73 17.13
CA PRO D 154 -27.89 60.46 17.62
C PRO D 154 -28.89 59.71 18.47
N GLY D 155 -28.98 58.40 18.24
CA GLY D 155 -29.81 57.54 19.06
C GLY D 155 -28.97 56.79 20.08
N PRO D 156 -29.61 55.95 20.89
CA PRO D 156 -28.86 55.15 21.86
C PRO D 156 -27.97 54.13 21.16
N ILE D 157 -26.82 53.85 21.79
CA ILE D 157 -25.89 52.87 21.25
C ILE D 157 -26.53 51.48 21.22
N ILE D 158 -26.41 50.80 20.08
CA ILE D 158 -26.88 49.43 19.96
C ILE D 158 -25.78 48.46 19.55
N ASP D 159 -24.67 48.93 19.00
CA ASP D 159 -23.64 48.03 18.49
C ASP D 159 -22.26 48.62 18.74
N TYR D 160 -21.30 47.73 19.00
CA TYR D 160 -19.90 48.09 19.08
C TYR D 160 -19.14 47.41 17.95
N HIS D 161 -18.12 48.08 17.44
CA HIS D 161 -17.29 47.54 16.38
C HIS D 161 -15.83 47.72 16.74
N VAL D 162 -15.06 46.64 16.64
CA VAL D 162 -13.65 46.62 16.99
C VAL D 162 -12.86 46.53 15.69
N TRP D 163 -11.93 47.47 15.52
CA TRP D 163 -11.11 47.54 14.31
C TRP D 163 -9.65 47.30 14.71
N ILE D 164 -9.08 46.22 14.18
CA ILE D 164 -7.72 45.80 14.53
C ILE D 164 -6.86 45.96 13.27
N GLY D 165 -5.96 46.94 13.30
CA GLY D 165 -5.01 47.16 12.24
C GLY D 165 -3.58 46.88 12.70
N ASP D 166 -2.66 47.02 11.76
CA ASP D 166 -1.26 46.74 12.03
C ASP D 166 -0.56 47.83 12.82
N CYS D 167 -1.08 49.05 12.79
CA CYS D 167 -0.49 50.16 13.55
C CYS D 167 -1.41 50.76 14.59
N ILE D 168 -2.72 50.58 14.49
CA ILE D 168 -3.67 51.23 15.39
C ILE D 168 -4.89 50.34 15.54
N CYS D 169 -5.50 50.39 16.72
CA CYS D 169 -6.76 49.71 17.01
C CYS D 169 -7.79 50.73 17.47
N GLN D 170 -9.00 50.61 16.94
CA GLN D 170 -10.07 51.55 17.24
C GLN D 170 -11.36 50.81 17.56
N VAL D 171 -12.21 51.43 18.37
CA VAL D 171 -13.52 50.90 18.71
C VAL D 171 -14.56 51.99 18.47
N THR D 172 -15.63 51.65 17.77
CA THR D 172 -16.73 52.59 17.52
C THR D 172 -18.04 52.01 18.01
N ALA D 173 -18.98 52.89 18.30
CA ALA D 173 -20.32 52.52 18.74
C ALA D 173 -21.34 53.28 17.90
N VAL D 174 -22.35 52.56 17.41
CA VAL D 174 -23.33 53.13 16.48
C VAL D 174 -24.74 52.94 17.03
N ASP D 175 -25.62 53.85 16.63
CA ASP D 175 -27.03 53.74 16.98
C ASP D 175 -27.74 52.93 15.90
N VAL D 176 -29.09 52.92 15.94
CA VAL D 176 -29.85 52.08 15.04
C VAL D 176 -29.79 52.57 13.60
N HIS D 177 -29.38 53.81 13.37
CA HIS D 177 -29.24 54.34 12.01
C HIS D 177 -27.83 54.22 11.48
N GLY D 178 -26.89 53.76 12.29
CA GLY D 178 -25.50 53.64 11.89
C GLY D 178 -24.63 54.82 12.22
N LYS D 179 -25.14 55.78 13.00
CA LYS D 179 -24.37 56.97 13.31
C LYS D 179 -23.37 56.69 14.41
N GLU D 180 -22.13 57.15 14.22
CA GLU D 180 -21.06 56.92 15.19
C GLU D 180 -21.31 57.76 16.43
N ILE D 181 -21.64 57.11 17.55
CA ILE D 181 -21.84 57.82 18.80
C ILE D 181 -20.53 57.96 19.57
N MET D 182 -19.63 56.99 19.46
CA MET D 182 -18.42 56.96 20.25
C MET D 182 -17.29 56.36 19.44
N ARG D 183 -16.07 56.83 19.72
CA ARG D 183 -14.87 56.24 19.14
C ARG D 183 -13.73 56.36 20.14
N MET D 184 -13.06 55.23 20.40
CA MET D 184 -11.84 55.21 21.19
C MET D 184 -10.70 54.66 20.33
N ARG D 185 -9.50 55.20 20.53
CA ARG D 185 -8.33 54.79 19.77
C ARG D 185 -7.25 54.28 20.70
N PHE D 186 -6.74 53.08 20.42
CA PHE D 186 -5.60 52.51 21.12
C PHE D 186 -4.40 52.60 20.20
N LYS D 187 -3.36 53.31 20.63
CA LYS D 187 -2.19 53.56 19.79
C LYS D 187 -1.21 52.38 19.86
N LYS D 188 -1.69 51.22 19.43
CA LYS D 188 -0.90 50.01 19.32
C LYS D 188 -1.38 49.21 18.11
N GLY D 189 -0.48 48.44 17.52
CA GLY D 189 -0.82 47.55 16.43
C GLY D 189 -1.05 46.14 16.94
N ALA D 190 -1.98 45.43 16.29
CA ALA D 190 -2.38 44.13 16.80
C ALA D 190 -2.89 43.25 15.67
N VAL D 191 -3.11 41.98 16.01
CA VAL D 191 -3.76 41.00 15.14
C VAL D 191 -4.89 40.35 15.92
N LEU D 192 -5.72 39.61 15.21
CA LEU D 192 -6.83 38.90 15.83
C LEU D 192 -6.58 37.39 15.81
N PRO D 193 -7.13 36.65 16.78
CA PRO D 193 -6.87 35.21 16.82
C PRO D 193 -7.58 34.48 15.70
N ILE D 194 -6.98 33.38 15.28
CA ILE D 194 -7.55 32.49 14.26
C ILE D 194 -7.99 31.21 14.97
N PRO D 195 -9.30 30.90 15.01
CA PRO D 195 -9.86 29.75 15.72
C PRO D 195 -9.27 28.41 15.26
N SER E 1 26.29 15.02 -29.10
CA SER E 1 26.81 15.99 -28.14
C SER E 1 25.84 16.18 -26.98
N MET E 2 24.97 17.17 -27.08
CA MET E 2 23.93 17.39 -26.10
C MET E 2 22.64 16.72 -26.56
N ALA E 3 21.96 16.05 -25.64
CA ALA E 3 20.70 15.41 -25.94
C ALA E 3 19.61 16.46 -26.14
N MET E 4 18.97 16.43 -27.31
CA MET E 4 17.95 17.41 -27.67
C MET E 4 16.57 16.77 -27.68
N PHE E 5 15.56 17.57 -27.33
CA PHE E 5 14.17 17.14 -27.33
C PHE E 5 13.34 18.25 -27.97
N TYR E 6 12.61 17.91 -29.03
CA TYR E 6 11.76 18.86 -29.74
C TYR E 6 10.31 18.44 -29.61
N ALA E 7 9.46 19.39 -29.19
CA ALA E 7 8.04 19.12 -29.03
C ALA E 7 7.34 19.12 -30.38
N HIS E 8 6.51 18.10 -30.61
CA HIS E 8 5.74 18.05 -31.85
C HIS E 8 4.73 19.18 -31.93
N ALA E 9 4.21 19.63 -30.78
CA ALA E 9 3.23 20.70 -30.77
C ALA E 9 3.83 22.04 -31.15
N LEU E 10 5.15 22.19 -31.03
CA LEU E 10 5.85 23.39 -31.46
C LEU E 10 6.52 23.21 -32.82
N GLY E 11 5.95 22.36 -33.67
CA GLY E 11 6.48 22.15 -35.01
C GLY E 11 7.88 21.55 -35.05
N GLY E 12 8.23 20.75 -34.05
CA GLY E 12 9.57 20.21 -33.93
C GLY E 12 9.78 18.80 -34.45
N TYR E 13 8.82 18.26 -35.20
CA TYR E 13 8.95 16.88 -35.65
C TYR E 13 10.07 16.74 -36.69
N ASP E 14 10.88 15.70 -36.53
CA ASP E 14 11.91 15.35 -37.48
C ASP E 14 11.87 13.84 -37.69
N GLU E 15 11.59 13.41 -38.93
CA GLU E 15 11.51 11.99 -39.21
C GLU E 15 12.86 11.30 -39.10
N ASN E 16 13.95 12.06 -39.13
CA ASN E 16 15.29 11.52 -38.97
C ASN E 16 15.69 11.39 -37.51
N LEU E 17 14.79 11.71 -36.57
CA LEU E 17 15.02 11.58 -35.15
C LEU E 17 14.15 10.47 -34.57
N HIS E 18 14.47 10.07 -33.35
CA HIS E 18 13.62 9.15 -32.63
C HIS E 18 12.26 9.79 -32.38
N ALA E 19 11.20 9.03 -32.62
CA ALA E 19 9.84 9.54 -32.56
C ALA E 19 9.09 8.87 -31.41
N PHE E 20 8.59 9.69 -30.50
CA PHE E 20 7.71 9.27 -29.41
C PHE E 20 6.53 10.22 -29.39
N PRO E 21 5.43 9.85 -28.71
CA PRO E 21 4.27 10.77 -28.66
C PRO E 21 4.66 12.16 -28.19
N GLY E 22 4.55 13.14 -29.10
CA GLY E 22 4.83 14.52 -28.78
C GLY E 22 6.29 14.93 -28.80
N ILE E 23 7.21 14.01 -29.10
CA ILE E 23 8.63 14.28 -28.97
C ILE E 23 9.38 13.72 -30.17
N SER E 24 10.23 14.53 -30.78
CA SER E 24 11.33 14.06 -31.62
C SER E 24 12.62 14.38 -30.89
N SER E 25 13.44 13.35 -30.66
CA SER E 25 14.62 13.48 -29.81
C SER E 25 15.83 12.83 -30.47
N THR E 26 17.01 13.33 -30.12
CA THR E 26 18.27 12.74 -30.58
C THR E 26 18.69 11.54 -29.74
N VAL E 27 17.99 11.26 -28.63
CA VAL E 27 18.25 10.10 -27.80
C VAL E 27 16.92 9.41 -27.51
N ALA E 28 17.00 8.10 -27.28
CA ALA E 28 15.83 7.28 -26.96
C ALA E 28 15.96 6.81 -25.52
N ASN E 29 15.25 7.50 -24.61
CA ASN E 29 15.32 7.20 -23.19
C ASN E 29 14.20 6.23 -22.81
N ASP E 30 14.57 5.16 -22.10
CA ASP E 30 13.59 4.24 -21.52
C ASP E 30 13.02 4.88 -20.27
N VAL E 31 11.75 5.25 -20.30
CA VAL E 31 11.12 5.97 -19.20
C VAL E 31 10.31 5.05 -18.29
N ARG E 32 10.36 3.74 -18.53
CA ARG E 32 9.65 2.80 -17.67
C ARG E 32 10.33 2.62 -16.32
N LYS E 33 11.63 2.90 -16.23
CA LYS E 33 12.41 2.60 -15.04
C LYS E 33 12.34 3.69 -13.99
N TYR E 34 11.70 4.83 -14.26
CA TYR E 34 11.64 5.92 -13.31
C TYR E 34 10.40 5.80 -12.43
N SER E 35 10.61 5.97 -11.12
CA SER E 35 9.52 6.08 -10.17
C SER E 35 9.29 7.52 -9.71
N VAL E 36 10.27 8.40 -9.89
CA VAL E 36 10.12 9.82 -9.60
C VAL E 36 10.77 10.61 -10.73
N VAL E 37 10.31 11.85 -10.90
CA VAL E 37 10.88 12.77 -11.87
C VAL E 37 10.95 14.15 -11.22
N SER E 38 11.74 15.03 -11.83
CA SER E 38 11.94 16.39 -11.34
C SER E 38 11.63 17.39 -12.45
N VAL E 39 10.82 18.39 -12.12
CA VAL E 39 10.52 19.49 -13.03
C VAL E 39 10.63 20.79 -12.23
N TYR E 40 11.56 21.65 -12.63
CA TYR E 40 11.78 22.94 -11.97
C TYR E 40 12.05 22.76 -10.48
N ASN E 41 12.95 21.80 -10.18
CA ASN E 41 13.40 21.52 -8.82
C ASN E 41 12.26 21.07 -7.91
N ASN E 42 11.21 20.48 -8.50
CA ASN E 42 10.13 19.88 -7.74
C ASN E 42 10.05 18.40 -8.08
N LYS E 43 9.90 17.57 -7.06
CA LYS E 43 9.90 16.12 -7.20
C LYS E 43 8.47 15.61 -7.32
N TYR E 44 8.23 14.74 -8.29
CA TYR E 44 6.91 14.15 -8.49
C TYR E 44 7.02 12.64 -8.61
N ASP E 45 6.02 11.95 -8.08
CA ASP E 45 5.99 10.48 -8.08
C ASP E 45 5.32 9.96 -9.33
N ILE E 46 5.88 8.89 -9.90
CA ILE E 46 5.27 8.21 -11.03
C ILE E 46 4.11 7.36 -10.53
N VAL E 47 2.95 7.49 -11.18
CA VAL E 47 1.77 6.73 -10.78
C VAL E 47 2.01 5.25 -11.07
N LYS E 48 1.74 4.41 -10.06
CA LYS E 48 1.89 2.98 -10.19
C LYS E 48 0.64 2.37 -10.81
N ASP E 49 0.84 1.50 -11.81
CA ASP E 49 -0.23 0.69 -12.39
C ASP E 49 -1.34 1.51 -13.04
N LYS E 50 -1.05 2.75 -13.41
CA LYS E 50 -1.97 3.57 -14.19
C LYS E 50 -1.13 4.41 -15.15
N TYR E 51 -1.53 4.42 -16.42
CA TYR E 51 -0.75 5.06 -17.47
C TYR E 51 -1.62 6.07 -18.20
N MET E 52 -1.03 6.68 -19.23
CA MET E 52 -1.74 7.64 -20.07
C MET E 52 -1.46 7.31 -21.52
N TRP E 53 -2.52 7.12 -22.31
CA TRP E 53 -2.37 6.88 -23.73
C TRP E 53 -2.18 8.23 -24.43
N CYS E 54 -0.97 8.50 -24.87
CA CYS E 54 -0.64 9.74 -25.57
C CYS E 54 -0.34 9.45 -27.02
N TYR E 55 -0.65 10.42 -27.88
CA TYR E 55 -0.49 10.26 -29.31
C TYR E 55 -0.29 11.62 -29.95
N SER E 56 0.46 11.64 -31.05
CA SER E 56 0.57 12.82 -31.88
C SER E 56 0.54 12.39 -33.33
N GLN E 57 -0.23 13.12 -34.14
CA GLN E 57 -0.39 12.85 -35.56
C GLN E 57 0.38 13.92 -36.33
N VAL E 58 1.49 13.50 -36.95
CA VAL E 58 2.36 14.42 -37.68
C VAL E 58 2.61 13.86 -39.07
N ASN E 59 2.37 14.68 -40.10
CA ASN E 59 2.69 14.33 -41.47
C ASN E 59 1.99 13.04 -41.89
N LYS E 60 0.71 12.93 -41.54
CA LYS E 60 -0.10 11.74 -41.80
C LYS E 60 0.51 10.48 -41.16
N ARG E 61 1.25 10.65 -40.07
CA ARG E 61 1.83 9.54 -39.32
C ARG E 61 1.31 9.59 -37.89
N TYR E 62 0.84 8.45 -37.39
CA TYR E 62 0.28 8.35 -36.05
C TYR E 62 1.30 7.66 -35.15
N ILE E 63 1.54 8.24 -33.97
CA ILE E 63 2.52 7.72 -33.01
C ILE E 63 1.83 7.67 -31.66
N GLY E 64 1.36 6.49 -31.27
CA GLY E 64 0.71 6.32 -29.98
C GLY E 64 1.44 5.34 -29.08
N ALA E 65 1.25 5.48 -27.77
CA ALA E 65 1.94 4.63 -26.79
C ALA E 65 1.41 4.87 -25.39
N LEU E 66 1.36 3.81 -24.58
CA LEU E 66 1.07 3.98 -23.16
C LEU E 66 2.31 4.53 -22.48
N LEU E 67 2.16 5.64 -21.78
CA LEU E 67 3.30 6.28 -21.15
C LEU E 67 3.11 6.33 -19.64
N PRO E 68 4.20 6.27 -18.88
CA PRO E 68 4.10 6.55 -17.44
C PRO E 68 3.63 7.97 -17.23
N MET E 69 3.03 8.22 -16.07
CA MET E 69 2.54 9.54 -15.75
C MET E 69 2.80 9.85 -14.29
N PHE E 70 3.00 11.13 -13.99
CA PHE E 70 3.28 11.58 -12.64
C PHE E 70 2.29 12.65 -12.23
N GLU E 71 2.02 12.73 -10.93
CA GLU E 71 1.03 13.65 -10.40
C GLU E 71 1.69 15.00 -10.09
N CYS E 72 1.04 16.08 -10.52
CA CYS E 72 1.56 17.42 -10.30
C CYS E 72 0.40 18.39 -10.33
N ASN E 73 0.21 19.14 -9.24
CA ASN E 73 -0.87 20.12 -9.15
C ASN E 73 -0.50 21.46 -9.76
N GLU E 74 0.78 21.76 -9.91
CA GLU E 74 1.21 23.03 -10.46
C GLU E 74 1.10 23.02 -11.99
N TYR E 75 1.33 24.18 -12.59
CA TYR E 75 1.26 24.33 -14.04
C TYR E 75 2.64 24.10 -14.65
N LEU E 76 2.72 23.16 -15.58
CA LEU E 76 3.95 22.87 -16.31
C LEU E 76 3.72 23.09 -17.79
N GLN E 77 4.70 23.72 -18.44
CA GLN E 77 4.55 24.18 -19.81
C GLN E 77 5.10 23.15 -20.78
N ILE E 78 4.37 22.96 -21.90
CA ILE E 78 4.84 22.07 -22.96
C ILE E 78 6.27 22.46 -23.34
N GLY E 79 7.16 21.46 -23.35
CA GLY E 79 8.55 21.69 -23.65
C GLY E 79 9.45 21.83 -22.44
N ASP E 80 8.87 22.00 -21.24
CA ASP E 80 9.68 22.10 -20.04
C ASP E 80 10.47 20.81 -19.83
N PRO E 81 11.77 20.89 -19.61
CA PRO E 81 12.56 19.66 -19.40
C PRO E 81 12.10 18.89 -18.16
N ILE E 82 12.15 17.57 -18.26
CA ILE E 82 11.90 16.67 -17.15
C ILE E 82 13.22 16.00 -16.79
N HIS E 83 13.62 16.11 -15.52
CA HIS E 83 14.92 15.62 -15.08
C HIS E 83 14.75 14.37 -14.21
N ASP E 84 15.86 13.65 -14.05
CA ASP E 84 15.93 12.55 -13.10
C ASP E 84 16.53 13.07 -11.80
N GLN E 85 16.81 12.16 -10.86
CA GLN E 85 17.40 12.56 -9.59
C GLN E 85 18.84 13.03 -9.73
N GLU E 86 19.47 12.83 -10.89
CA GLU E 86 20.83 13.28 -11.13
C GLU E 86 20.90 14.62 -11.85
N GLY E 87 19.76 15.19 -12.23
CA GLY E 87 19.73 16.41 -13.00
C GLY E 87 19.81 16.21 -14.49
N ASN E 88 19.88 14.96 -14.96
CA ASN E 88 19.90 14.69 -16.40
C ASN E 88 18.50 14.86 -16.97
N GLN E 89 18.40 15.58 -18.09
CA GLN E 89 17.13 15.69 -18.77
C GLN E 89 16.79 14.36 -19.44
N ILE E 90 15.60 13.85 -19.16
CA ILE E 90 15.15 12.59 -19.75
C ILE E 90 13.98 12.77 -20.70
N SER E 91 13.31 13.91 -20.68
CA SER E 91 12.10 14.11 -21.47
C SER E 91 11.69 15.58 -21.37
N ILE E 92 10.55 15.90 -21.96
CA ILE E 92 9.93 17.22 -21.83
C ILE E 92 8.45 17.03 -21.55
N ILE E 93 7.83 18.09 -21.03
CA ILE E 93 6.39 18.08 -20.82
C ILE E 93 5.70 17.95 -22.17
N THR E 94 4.71 17.07 -22.24
CA THR E 94 3.97 16.87 -23.49
C THR E 94 2.48 16.96 -23.23
N TYR E 95 1.90 15.95 -22.58
CA TYR E 95 0.46 15.85 -22.40
C TYR E 95 0.11 15.83 -20.93
N ARG E 96 -1.12 16.19 -20.63
CA ARG E 96 -1.60 16.23 -19.25
C ARG E 96 -3.05 15.81 -19.19
N HIS E 97 -3.42 15.19 -18.07
CA HIS E 97 -4.79 14.84 -17.74
C HIS E 97 -5.03 15.32 -16.32
N LYS E 98 -5.62 16.51 -16.18
CA LYS E 98 -5.79 17.17 -14.89
C LYS E 98 -4.46 17.25 -14.16
N ASN E 99 -4.34 16.59 -13.01
CA ASN E 99 -3.13 16.64 -12.21
C ASN E 99 -2.13 15.55 -12.58
N TYR E 100 -2.28 14.92 -13.74
CA TYR E 100 -1.37 13.90 -14.22
C TYR E 100 -0.67 14.39 -15.48
N TYR E 101 0.64 14.19 -15.56
CA TYR E 101 1.45 14.57 -16.70
C TYR E 101 2.16 13.35 -17.27
N ALA E 102 2.14 13.24 -18.60
CA ALA E 102 2.80 12.12 -19.26
C ALA E 102 4.31 12.29 -19.23
N LEU E 103 5.01 11.16 -19.23
CA LEU E 103 6.46 11.10 -19.33
C LEU E 103 6.78 10.36 -20.62
N SER E 104 7.10 11.11 -21.67
CA SER E 104 7.17 10.56 -23.02
C SER E 104 8.56 10.04 -23.36
N GLY E 105 8.59 8.96 -24.13
CA GLY E 105 9.82 8.27 -24.47
C GLY E 105 9.50 6.82 -24.80
N ILE E 106 10.51 5.97 -24.69
CA ILE E 106 10.27 4.54 -24.81
C ILE E 106 9.39 4.13 -23.64
N GLY E 107 8.11 3.91 -23.92
CA GLY E 107 7.17 3.54 -22.87
C GLY E 107 6.76 2.09 -22.94
N TYR E 108 5.46 1.84 -22.77
CA TYR E 108 4.94 0.48 -22.82
C TYR E 108 4.33 0.20 -24.18
N GLU E 109 3.16 -0.46 -24.22
CA GLU E 109 2.56 -0.83 -25.49
C GLU E 109 2.33 0.39 -26.36
N SER E 110 2.64 0.27 -27.66
CA SER E 110 2.63 1.40 -28.58
C SER E 110 1.96 1.00 -29.89
N LEU E 111 1.59 2.02 -30.67
CA LEU E 111 0.90 1.83 -31.94
C LEU E 111 1.35 2.90 -32.93
N ASP E 112 1.81 2.47 -34.10
CA ASP E 112 2.21 3.37 -35.18
C ASP E 112 1.35 3.11 -36.40
N LEU E 113 1.00 4.19 -37.12
CA LEU E 113 0.05 4.08 -38.22
C LEU E 113 0.35 5.09 -39.32
N CYS E 114 0.21 4.66 -40.56
CA CYS E 114 0.11 5.56 -41.71
C CYS E 114 -1.35 5.95 -41.85
N LEU E 115 -1.62 7.25 -41.85
CA LEU E 115 -2.98 7.76 -41.75
C LEU E 115 -3.59 8.16 -43.09
N GLU E 116 -2.94 7.83 -44.20
CA GLU E 116 -3.53 8.13 -45.50
C GLU E 116 -4.63 7.14 -45.83
N GLY E 117 -5.82 7.65 -46.12
CA GLY E 117 -6.94 6.81 -46.48
C GLY E 117 -7.70 6.20 -45.32
N VAL E 118 -7.19 6.33 -44.09
CA VAL E 118 -7.87 5.79 -42.92
C VAL E 118 -7.87 6.85 -41.83
N GLY E 119 -8.91 6.80 -40.99
CA GLY E 119 -9.03 7.68 -39.85
C GLY E 119 -8.83 6.91 -38.54
N ILE E 120 -8.69 7.68 -37.47
CA ILE E 120 -8.51 7.11 -36.13
C ILE E 120 -9.27 7.95 -35.14
N HIS E 121 -9.91 7.29 -34.16
CA HIS E 121 -10.73 7.95 -33.17
C HIS E 121 -10.47 7.33 -31.81
N HIS E 122 -10.54 8.17 -30.77
CA HIS E 122 -10.22 7.76 -29.41
C HIS E 122 -11.46 7.86 -28.54
N HIS E 123 -11.67 6.86 -27.70
CA HIS E 123 -12.84 6.80 -26.83
C HIS E 123 -12.42 6.40 -25.42
N VAL E 124 -13.16 6.88 -24.43
CA VAL E 124 -12.98 6.45 -23.05
C VAL E 124 -13.87 5.23 -22.83
N LEU E 125 -13.25 4.07 -22.67
CA LEU E 125 -13.97 2.81 -22.52
C LEU E 125 -14.53 2.73 -21.11
N GLU E 126 -15.85 2.82 -20.98
CA GLU E 126 -16.49 2.76 -19.68
C GLU E 126 -16.25 1.40 -19.05
N THR E 127 -16.04 1.39 -17.73
CA THR E 127 -15.73 0.16 -17.01
C THR E 127 -16.91 -0.79 -17.07
N GLY E 128 -16.63 -2.05 -17.40
CA GLY E 128 -17.68 -3.04 -17.52
C GLY E 128 -18.32 -3.11 -18.90
N ASN E 129 -17.56 -2.82 -19.96
CA ASN E 129 -18.09 -2.84 -21.31
C ASN E 129 -17.17 -3.65 -22.22
N ALA E 130 -17.79 -4.32 -23.19
CA ALA E 130 -17.07 -5.00 -24.25
C ALA E 130 -17.03 -4.14 -25.51
N VAL E 131 -16.20 -4.53 -26.46
CA VAL E 131 -15.94 -3.74 -27.66
C VAL E 131 -16.02 -4.64 -28.89
N TYR E 132 -16.82 -4.23 -29.87
CA TYR E 132 -16.76 -4.81 -31.21
C TYR E 132 -16.76 -3.68 -32.22
N GLY E 133 -15.73 -3.63 -33.05
CA GLY E 133 -15.66 -2.64 -34.11
C GLY E 133 -15.65 -1.21 -33.63
N LYS E 134 -16.68 -0.45 -33.99
CA LYS E 134 -16.76 0.98 -33.71
C LYS E 134 -17.69 1.30 -32.55
N VAL E 135 -18.15 0.29 -31.80
CA VAL E 135 -19.09 0.51 -30.72
C VAL E 135 -18.65 -0.25 -29.47
N GLN E 136 -19.13 0.21 -28.32
CA GLN E 136 -18.93 -0.45 -27.04
C GLN E 136 -20.28 -0.55 -26.33
N HIS E 137 -20.45 -1.63 -25.58
CA HIS E 137 -21.63 -1.84 -24.76
C HIS E 137 -21.39 -3.05 -23.87
N ASP E 138 -22.46 -3.56 -23.25
CA ASP E 138 -22.34 -4.70 -22.36
C ASP E 138 -21.99 -5.96 -23.17
N TYR E 139 -21.61 -7.02 -22.45
CA TYR E 139 -21.08 -8.20 -23.11
C TYR E 139 -22.13 -8.87 -24.00
N SER E 140 -23.38 -8.94 -23.53
CA SER E 140 -24.40 -9.67 -24.27
C SER E 140 -24.68 -9.04 -25.62
N THR E 141 -24.74 -7.71 -25.69
CA THR E 141 -25.01 -7.05 -26.97
C THR E 141 -23.83 -7.21 -27.92
N ILE E 142 -22.60 -7.15 -27.39
CA ILE E 142 -21.41 -7.22 -28.24
C ILE E 142 -21.27 -8.61 -28.84
N LYS E 143 -21.54 -9.66 -28.05
CA LYS E 143 -21.44 -11.02 -28.57
C LYS E 143 -22.43 -11.26 -29.70
N GLU E 144 -23.68 -10.81 -29.52
CA GLU E 144 -24.68 -10.96 -30.57
C GLU E 144 -24.32 -10.09 -31.79
N LYS E 145 -23.82 -8.88 -31.54
CA LYS E 145 -23.39 -8.03 -32.64
C LYS E 145 -22.26 -8.67 -33.43
N ALA E 146 -21.32 -9.31 -32.73
CA ALA E 146 -20.24 -10.01 -33.41
C ALA E 146 -20.80 -11.15 -34.27
N LYS E 147 -21.68 -11.96 -33.69
CA LYS E 147 -22.27 -13.07 -34.44
C LYS E 147 -23.00 -12.58 -35.69
N GLU E 148 -23.66 -11.43 -35.59
CA GLU E 148 -24.34 -10.87 -36.77
C GLU E 148 -23.32 -10.47 -37.83
N MET E 149 -22.27 -9.75 -37.43
CA MET E 149 -21.28 -9.26 -38.39
C MET E 149 -20.34 -10.34 -38.88
N ASN E 150 -20.36 -11.54 -38.28
CA ASN E 150 -19.42 -12.58 -38.68
C ASN E 150 -19.73 -13.13 -40.06
N ALA E 151 -21.01 -13.18 -40.43
CA ALA E 151 -21.38 -13.70 -41.74
C ALA E 151 -21.07 -12.73 -42.87
N LEU E 152 -20.84 -11.46 -42.56
CA LEU E 152 -20.62 -10.46 -43.59
C LEU E 152 -19.26 -10.61 -44.24
N SER E 153 -19.21 -10.32 -45.53
CA SER E 153 -17.94 -10.27 -46.25
C SER E 153 -17.15 -9.05 -45.77
N PRO E 154 -15.96 -9.24 -45.22
CA PRO E 154 -15.23 -8.10 -44.64
C PRO E 154 -14.72 -7.15 -45.72
N GLY E 155 -15.00 -5.87 -45.55
CA GLY E 155 -14.49 -4.85 -46.42
C GLY E 155 -13.10 -4.40 -46.01
N PRO E 156 -12.60 -3.31 -46.60
CA PRO E 156 -11.28 -2.82 -46.28
C PRO E 156 -11.30 -1.85 -45.09
N ILE E 157 -10.18 -1.84 -44.36
CA ILE E 157 -10.08 -0.99 -43.17
C ILE E 157 -10.22 0.47 -43.58
N ILE E 158 -11.13 1.18 -42.91
CA ILE E 158 -11.28 2.61 -43.11
C ILE E 158 -11.10 3.42 -41.84
N ASP E 159 -11.19 2.81 -40.66
CA ASP E 159 -11.11 3.55 -39.41
C ASP E 159 -10.48 2.69 -38.34
N TYR E 160 -9.72 3.34 -37.45
CA TYR E 160 -9.20 2.73 -36.24
C TYR E 160 -9.86 3.36 -35.03
N HIS E 161 -10.14 2.56 -34.01
CA HIS E 161 -10.78 3.03 -32.80
C HIS E 161 -9.96 2.59 -31.60
N VAL E 162 -9.56 3.55 -30.77
CA VAL E 162 -8.76 3.30 -29.59
C VAL E 162 -9.66 3.39 -28.37
N TRP E 163 -9.67 2.33 -27.56
CA TRP E 163 -10.53 2.23 -26.39
C TRP E 163 -9.63 2.23 -25.16
N ILE E 164 -9.72 3.29 -24.36
CA ILE E 164 -8.90 3.47 -23.18
C ILE E 164 -9.77 3.26 -21.96
N GLY E 165 -9.50 2.18 -21.21
CA GLY E 165 -10.27 1.85 -20.03
C GLY E 165 -9.40 1.85 -18.78
N ASP E 166 -10.07 1.73 -17.63
CA ASP E 166 -9.37 1.79 -16.35
C ASP E 166 -8.57 0.53 -16.06
N CYS E 167 -8.88 -0.59 -16.71
CA CYS E 167 -8.17 -1.83 -16.50
C CYS E 167 -7.67 -2.49 -17.77
N ILE E 168 -8.09 -2.03 -18.95
CA ILE E 168 -7.68 -2.63 -20.21
C ILE E 168 -7.76 -1.56 -21.29
N CYS E 169 -6.91 -1.71 -22.30
CA CYS E 169 -6.94 -0.85 -23.48
C CYS E 169 -7.01 -1.72 -24.73
N GLN E 170 -7.79 -1.27 -25.71
CA GLN E 170 -7.98 -2.02 -26.94
C GLN E 170 -7.99 -1.07 -28.13
N VAL E 171 -7.60 -1.60 -29.29
CA VAL E 171 -7.66 -0.89 -30.55
C VAL E 171 -8.34 -1.80 -31.56
N THR E 172 -9.35 -1.29 -32.26
CA THR E 172 -10.09 -2.04 -33.26
C THR E 172 -10.04 -1.30 -34.59
N ALA E 173 -10.19 -2.08 -35.67
CA ALA E 173 -10.24 -1.54 -37.03
C ALA E 173 -11.51 -2.03 -37.70
N VAL E 174 -12.23 -1.12 -38.35
CA VAL E 174 -13.50 -1.43 -38.97
C VAL E 174 -13.41 -1.19 -40.47
N ASP E 175 -14.30 -1.85 -41.20
CA ASP E 175 -14.45 -1.62 -42.63
C ASP E 175 -15.57 -0.60 -42.86
N VAL E 176 -16.02 -0.48 -44.11
CA VAL E 176 -17.09 0.46 -44.41
C VAL E 176 -18.40 0.03 -43.76
N HIS E 177 -18.56 -1.26 -43.45
CA HIS E 177 -19.76 -1.77 -42.81
C HIS E 177 -19.67 -1.77 -41.30
N GLY E 178 -18.53 -1.38 -40.73
CA GLY E 178 -18.34 -1.41 -39.29
C GLY E 178 -17.89 -2.74 -38.74
N LYS E 179 -17.61 -3.73 -39.61
CA LYS E 179 -17.16 -5.02 -39.14
C LYS E 179 -15.73 -4.94 -38.61
N GLU E 180 -15.50 -5.54 -37.46
CA GLU E 180 -14.17 -5.54 -36.85
C GLU E 180 -13.23 -6.42 -37.67
N ILE E 181 -12.25 -5.80 -38.31
CA ILE E 181 -11.26 -6.55 -39.07
C ILE E 181 -10.08 -6.96 -38.19
N MET E 182 -9.77 -6.16 -37.17
CA MET E 182 -8.63 -6.42 -36.31
C MET E 182 -8.97 -5.96 -34.90
N ARG E 183 -8.35 -6.62 -33.92
CA ARG E 183 -8.43 -6.17 -32.53
C ARG E 183 -7.11 -6.43 -31.84
N MET E 184 -6.63 -5.45 -31.09
CA MET E 184 -5.45 -5.57 -30.25
C MET E 184 -5.83 -5.22 -28.82
N ARG E 185 -5.23 -5.92 -27.86
CA ARG E 185 -5.53 -5.70 -26.46
C ARG E 185 -4.25 -5.38 -25.70
N PHE E 186 -4.30 -4.34 -24.87
CA PHE E 186 -3.23 -4.00 -23.95
C PHE E 186 -3.77 -4.22 -22.54
N LYS E 187 -3.07 -5.04 -21.76
CA LYS E 187 -3.53 -5.38 -20.41
C LYS E 187 -2.99 -4.39 -19.39
N LYS E 188 -3.37 -3.13 -19.59
CA LYS E 188 -3.01 -2.02 -18.71
C LYS E 188 -4.16 -1.02 -18.70
N GLY E 189 -4.38 -0.40 -17.55
CA GLY E 189 -5.35 0.67 -17.45
C GLY E 189 -4.72 2.02 -17.69
N ALA E 190 -5.50 2.95 -18.22
CA ALA E 190 -4.95 4.24 -18.64
C ALA E 190 -6.06 5.28 -18.72
N VAL E 191 -5.65 6.51 -19.08
CA VAL E 191 -6.55 7.63 -19.28
C VAL E 191 -6.10 8.37 -20.55
N LEU E 192 -6.99 9.23 -21.05
CA LEU E 192 -6.65 10.02 -22.23
C LEU E 192 -6.30 11.46 -21.84
N PRO E 193 -5.43 12.12 -22.61
CA PRO E 193 -5.08 13.51 -22.28
C PRO E 193 -6.27 14.43 -22.50
N ILE E 194 -6.29 15.51 -21.71
CA ILE E 194 -7.29 16.56 -21.84
C ILE E 194 -6.57 17.80 -22.36
N PRO E 195 -6.82 18.23 -23.62
CA PRO E 195 -6.15 19.36 -24.27
C PRO E 195 -6.19 20.65 -23.45
N MET F 2 -21.13 -27.30 -15.54
CA MET F 2 -19.72 -27.67 -15.42
C MET F 2 -18.88 -26.89 -16.42
N ALA F 3 -17.68 -26.50 -15.99
CA ALA F 3 -16.73 -25.83 -16.87
C ALA F 3 -16.31 -26.78 -17.99
N MET F 4 -16.54 -26.36 -19.23
CA MET F 4 -16.22 -27.17 -20.41
C MET F 4 -15.11 -26.49 -21.20
N PHE F 5 -14.21 -27.30 -21.74
CA PHE F 5 -13.09 -26.81 -22.53
C PHE F 5 -12.95 -27.66 -23.78
N TYR F 6 -12.95 -27.02 -24.94
CA TYR F 6 -12.87 -27.71 -26.22
C TYR F 6 -11.64 -27.25 -26.97
N ALA F 7 -10.83 -28.21 -27.42
CA ALA F 7 -9.60 -27.91 -28.14
C ALA F 7 -9.91 -27.56 -29.59
N HIS F 8 -9.36 -26.44 -30.05
CA HIS F 8 -9.55 -26.05 -31.46
C HIS F 8 -8.86 -27.04 -32.39
N ALA F 9 -7.71 -27.60 -31.97
CA ALA F 9 -7.00 -28.55 -32.81
C ALA F 9 -7.82 -29.78 -33.13
N LEU F 10 -8.83 -30.08 -32.33
CA LEU F 10 -9.69 -31.24 -32.53
C LEU F 10 -11.06 -30.85 -33.08
N GLY F 11 -11.17 -29.68 -33.71
CA GLY F 11 -12.44 -29.24 -34.25
C GLY F 11 -13.46 -28.80 -33.23
N GLY F 12 -13.02 -28.54 -32.00
CA GLY F 12 -13.91 -28.19 -30.91
C GLY F 12 -14.32 -26.74 -30.84
N TYR F 13 -13.98 -25.92 -31.82
CA TYR F 13 -14.32 -24.50 -31.77
C TYR F 13 -15.84 -24.31 -31.90
N ASP F 14 -16.42 -23.60 -30.94
CA ASP F 14 -17.82 -23.20 -31.01
C ASP F 14 -17.87 -21.69 -30.85
N GLU F 15 -18.51 -21.03 -31.81
CA GLU F 15 -18.56 -19.57 -31.79
C GLU F 15 -19.37 -19.04 -30.62
N ASN F 16 -20.37 -19.78 -30.17
CA ASN F 16 -21.23 -19.35 -29.07
C ASN F 16 -20.53 -19.45 -27.71
N LEU F 17 -19.30 -19.95 -27.66
CA LEU F 17 -18.53 -20.03 -26.43
C LEU F 17 -17.39 -19.01 -26.46
N HIS F 18 -16.73 -18.86 -25.32
CA HIS F 18 -15.56 -18.01 -25.27
C HIS F 18 -14.43 -18.58 -26.11
N ALA F 19 -13.63 -17.71 -26.68
CA ALA F 19 -12.58 -18.08 -27.61
C ALA F 19 -11.25 -17.53 -27.12
N PHE F 20 -10.31 -18.43 -26.83
CA PHE F 20 -8.93 -18.11 -26.51
C PHE F 20 -8.05 -18.90 -27.46
N PRO F 21 -6.75 -18.57 -27.53
CA PRO F 21 -5.85 -19.35 -28.39
C PRO F 21 -5.93 -20.85 -28.13
N GLY F 22 -6.56 -21.58 -29.04
CA GLY F 22 -6.65 -23.03 -28.97
C GLY F 22 -7.74 -23.57 -28.08
N ILE F 23 -8.58 -22.72 -27.50
CA ILE F 23 -9.59 -23.17 -26.53
C ILE F 23 -10.91 -22.48 -26.83
N SER F 24 -12.00 -23.25 -26.86
CA SER F 24 -13.35 -22.74 -26.74
C SER F 24 -13.93 -23.21 -25.41
N SER F 25 -14.38 -22.28 -24.59
CA SER F 25 -14.76 -22.61 -23.22
C SER F 25 -16.08 -21.92 -22.85
N THR F 26 -16.74 -22.50 -21.86
CA THR F 26 -17.95 -21.92 -21.27
C THR F 26 -17.65 -20.89 -20.19
N VAL F 27 -16.38 -20.76 -19.79
CA VAL F 27 -15.97 -19.78 -18.79
C VAL F 27 -14.74 -19.04 -19.32
N ALA F 28 -14.49 -17.88 -18.74
CA ALA F 28 -13.35 -17.02 -19.10
C ALA F 28 -12.49 -16.85 -17.85
N ASN F 29 -11.42 -17.64 -17.77
CA ASN F 29 -10.52 -17.61 -16.62
C ASN F 29 -9.35 -16.67 -16.89
N ASP F 30 -9.09 -15.77 -15.95
CA ASP F 30 -7.94 -14.86 -16.02
C ASP F 30 -6.72 -15.63 -15.53
N VAL F 31 -5.92 -16.14 -16.48
CA VAL F 31 -4.78 -16.99 -16.12
C VAL F 31 -3.54 -16.19 -15.75
N ARG F 32 -3.61 -14.85 -15.77
CA ARG F 32 -2.46 -14.05 -15.39
C ARG F 32 -2.13 -14.18 -13.91
N LYS F 33 -3.13 -14.50 -13.09
CA LYS F 33 -2.97 -14.45 -11.64
C LYS F 33 -2.36 -15.72 -11.05
N TYR F 34 -2.20 -16.78 -11.83
CA TYR F 34 -1.66 -18.03 -11.31
C TYR F 34 -0.14 -18.02 -11.39
N SER F 35 0.50 -18.51 -10.33
CA SER F 35 1.95 -18.73 -10.32
C SER F 35 2.32 -20.20 -10.38
N VAL F 36 1.40 -21.10 -10.02
CA VAL F 36 1.62 -22.53 -10.10
C VAL F 36 0.35 -23.19 -10.64
N VAL F 37 0.53 -24.25 -11.42
CA VAL F 37 -0.57 -25.01 -11.98
C VAL F 37 -0.34 -26.49 -11.66
N SER F 38 -1.40 -27.28 -11.81
CA SER F 38 -1.34 -28.71 -11.54
C SER F 38 -1.99 -29.47 -12.69
N VAL F 39 -1.31 -30.51 -13.16
CA VAL F 39 -1.83 -31.41 -14.18
C VAL F 39 -1.66 -32.83 -13.64
N TYR F 40 -2.78 -33.49 -13.32
CA TYR F 40 -2.78 -34.84 -12.77
C TYR F 40 -1.98 -34.91 -11.47
N ASN F 41 -2.38 -34.07 -10.51
CA ASN F 41 -1.82 -34.03 -9.17
C ASN F 41 -0.32 -33.74 -9.16
N ASN F 42 0.20 -33.13 -10.22
CA ASN F 42 1.60 -32.73 -10.30
C ASN F 42 1.67 -31.22 -10.54
N LYS F 43 2.42 -30.53 -9.70
CA LYS F 43 2.49 -29.08 -9.76
C LYS F 43 3.66 -28.62 -10.62
N TYR F 44 3.46 -27.47 -11.28
CA TYR F 44 4.49 -26.87 -12.12
C TYR F 44 4.47 -25.36 -11.91
N ASP F 45 5.66 -24.75 -11.89
CA ASP F 45 5.78 -23.32 -11.72
C ASP F 45 5.61 -22.60 -13.06
N ILE F 46 4.87 -21.50 -13.03
CA ILE F 46 4.71 -20.67 -14.22
C ILE F 46 5.93 -19.78 -14.37
N VAL F 47 6.46 -19.70 -15.59
CA VAL F 47 7.68 -18.94 -15.84
C VAL F 47 7.42 -17.45 -15.64
N LYS F 48 8.29 -16.79 -14.90
CA LYS F 48 8.20 -15.37 -14.66
C LYS F 48 8.86 -14.60 -15.79
N ASP F 49 8.18 -13.54 -16.26
CA ASP F 49 8.73 -12.58 -17.22
C ASP F 49 9.09 -13.22 -18.56
N LYS F 50 8.43 -14.34 -18.91
CA LYS F 50 8.62 -14.99 -20.19
C LYS F 50 7.31 -15.65 -20.57
N TYR F 51 6.96 -15.57 -21.86
CA TYR F 51 5.63 -15.96 -22.31
C TYR F 51 5.75 -16.74 -23.60
N MET F 52 4.61 -17.13 -24.15
CA MET F 52 4.56 -17.89 -25.40
C MET F 52 3.46 -17.30 -26.26
N TRP F 53 3.82 -16.85 -27.47
CA TRP F 53 2.82 -16.32 -28.39
C TRP F 53 2.11 -17.48 -29.07
N CYS F 54 0.87 -17.72 -28.66
CA CYS F 54 0.08 -18.83 -29.18
C CYS F 54 -1.09 -18.30 -29.99
N TYR F 55 -1.44 -19.06 -31.04
CA TYR F 55 -2.50 -18.65 -31.95
C TYR F 55 -3.15 -19.89 -32.54
N SER F 56 -4.45 -19.77 -32.82
CA SER F 56 -5.19 -20.76 -33.58
C SER F 56 -6.02 -20.04 -34.64
N GLN F 57 -6.18 -20.70 -35.78
CA GLN F 57 -6.90 -20.12 -36.92
C GLN F 57 -8.09 -21.02 -37.23
N VAL F 58 -9.28 -20.56 -36.83
CA VAL F 58 -10.51 -21.33 -36.97
C VAL F 58 -11.58 -20.46 -37.60
N ASN F 59 -12.26 -21.00 -38.61
CA ASN F 59 -13.41 -20.34 -39.25
C ASN F 59 -13.05 -18.95 -39.75
N LYS F 60 -11.94 -18.86 -40.48
CA LYS F 60 -11.44 -17.61 -41.06
C LYS F 60 -11.27 -16.52 -40.01
N ARG F 61 -10.91 -16.92 -38.79
CA ARG F 61 -10.74 -15.99 -37.67
C ARG F 61 -9.43 -16.30 -36.97
N TYR F 62 -8.61 -15.27 -36.76
CA TYR F 62 -7.32 -15.41 -36.10
C TYR F 62 -7.45 -15.01 -34.64
N ILE F 63 -6.91 -15.85 -33.75
CA ILE F 63 -6.98 -15.62 -32.31
C ILE F 63 -5.57 -15.87 -31.77
N GLY F 64 -4.85 -14.80 -31.46
CA GLY F 64 -3.50 -14.91 -30.92
C GLY F 64 -3.33 -14.06 -29.69
N ALA F 65 -2.46 -14.51 -28.80
CA ALA F 65 -2.22 -13.82 -27.55
C ALA F 65 -0.95 -14.33 -26.90
N LEU F 66 -0.37 -13.49 -26.04
CA LEU F 66 0.72 -13.92 -25.17
C LEU F 66 0.14 -14.63 -23.96
N LEU F 67 0.65 -15.83 -23.68
CA LEU F 67 0.10 -16.63 -22.61
C LEU F 67 1.17 -16.97 -21.58
N PRO F 68 0.77 -17.18 -20.33
CA PRO F 68 1.72 -17.72 -19.35
C PRO F 68 2.09 -19.15 -19.70
N MET F 69 3.30 -19.55 -19.27
CA MET F 69 3.78 -20.89 -19.56
C MET F 69 4.48 -21.46 -18.35
N PHE F 70 4.41 -22.78 -18.22
CA PHE F 70 5.03 -23.50 -17.12
C PHE F 70 5.94 -24.59 -17.68
N GLU F 71 7.03 -24.86 -16.95
CA GLU F 71 7.98 -25.88 -17.36
C GLU F 71 7.53 -27.25 -16.89
N CYS F 72 7.64 -28.24 -17.77
CA CYS F 72 7.18 -29.59 -17.47
C CYS F 72 7.97 -30.58 -18.30
N ASN F 73 8.66 -31.51 -17.63
CA ASN F 73 9.43 -32.55 -18.31
C ASN F 73 8.57 -33.69 -18.82
N GLU F 74 7.28 -33.71 -18.49
CA GLU F 74 6.40 -34.80 -18.89
C GLU F 74 5.79 -34.51 -20.25
N TYR F 75 5.05 -35.49 -20.77
CA TYR F 75 4.47 -35.41 -22.10
C TYR F 75 3.31 -34.41 -22.15
N LEU F 76 2.19 -34.76 -21.51
CA LEU F 76 0.97 -33.95 -21.50
C LEU F 76 0.37 -33.81 -22.89
N GLN F 77 -0.80 -34.39 -23.11
CA GLN F 77 -1.46 -34.38 -24.40
C GLN F 77 -2.43 -33.20 -24.51
N ILE F 78 -2.70 -32.80 -25.75
CA ILE F 78 -3.63 -31.70 -26.00
C ILE F 78 -5.00 -32.07 -25.47
N GLY F 79 -5.58 -31.17 -24.67
CA GLY F 79 -6.86 -31.40 -24.04
C GLY F 79 -6.78 -31.85 -22.59
N ASP F 80 -5.61 -32.24 -22.12
CA ASP F 80 -5.46 -32.64 -20.73
C ASP F 80 -5.84 -31.47 -19.82
N PRO F 81 -6.67 -31.69 -18.80
CA PRO F 81 -7.12 -30.58 -17.97
C PRO F 81 -6.00 -30.02 -17.12
N ILE F 82 -6.00 -28.70 -16.97
CA ILE F 82 -5.08 -27.98 -16.08
C ILE F 82 -5.89 -27.44 -14.92
N HIS F 83 -5.45 -27.75 -13.71
CA HIS F 83 -6.13 -27.34 -12.49
C HIS F 83 -5.32 -26.26 -11.77
N ASP F 84 -5.97 -25.65 -10.77
CA ASP F 84 -5.29 -24.75 -9.86
C ASP F 84 -4.97 -25.50 -8.57
N GLN F 85 -4.56 -24.75 -7.54
CA GLN F 85 -4.21 -25.39 -6.27
C GLN F 85 -5.42 -25.96 -5.55
N GLU F 86 -6.63 -25.49 -5.86
CA GLU F 86 -7.83 -25.94 -5.17
C GLU F 86 -8.57 -27.05 -5.90
N GLY F 87 -8.03 -27.53 -7.02
CA GLY F 87 -8.68 -28.57 -7.79
C GLY F 87 -9.61 -28.08 -8.87
N ASN F 88 -9.78 -26.77 -9.01
CA ASN F 88 -10.65 -26.22 -10.06
C ASN F 88 -9.93 -26.24 -11.40
N GLN F 89 -10.60 -26.75 -12.42
CA GLN F 89 -10.05 -26.70 -13.77
C GLN F 89 -10.08 -25.27 -14.28
N ILE F 90 -8.97 -24.84 -14.89
CA ILE F 90 -8.85 -23.48 -15.39
C ILE F 90 -8.52 -23.42 -16.88
N SER F 91 -7.96 -24.48 -17.46
CA SER F 91 -7.56 -24.49 -18.86
C SER F 91 -7.24 -25.93 -19.24
N ILE F 92 -6.84 -26.12 -20.49
CA ILE F 92 -6.40 -27.41 -20.99
C ILE F 92 -5.06 -27.23 -21.70
N ILE F 93 -4.30 -28.32 -21.78
CA ILE F 93 -3.05 -28.31 -22.53
C ILE F 93 -3.34 -27.93 -23.97
N THR F 94 -2.55 -26.99 -24.50
CA THR F 94 -2.77 -26.51 -25.86
C THR F 94 -1.48 -26.53 -26.66
N TYR F 95 -0.54 -25.65 -26.34
CA TYR F 95 0.68 -25.48 -27.11
C TYR F 95 1.88 -25.79 -26.24
N ARG F 96 2.97 -26.17 -26.90
CA ARG F 96 4.21 -26.50 -26.20
C ARG F 96 5.39 -25.95 -26.98
N HIS F 97 6.44 -25.60 -26.23
CA HIS F 97 7.74 -25.24 -26.79
C HIS F 97 8.77 -25.99 -25.97
N LYS F 98 9.28 -27.10 -26.50
CA LYS F 98 10.13 -28.01 -25.75
C LYS F 98 9.45 -28.40 -24.43
N ASN F 99 10.01 -27.94 -23.31
CA ASN F 99 9.48 -28.26 -21.99
C ASN F 99 8.58 -27.16 -21.44
N TYR F 100 8.05 -26.28 -22.30
CA TYR F 100 7.19 -25.18 -21.88
C TYR F 100 5.79 -25.42 -22.43
N TYR F 101 4.78 -25.24 -21.58
CA TYR F 101 3.39 -25.46 -21.95
C TYR F 101 2.59 -24.19 -21.67
N ALA F 102 1.81 -23.75 -22.64
CA ALA F 102 1.01 -22.54 -22.50
C ALA F 102 -0.18 -22.78 -21.58
N LEU F 103 -0.52 -21.77 -20.81
CA LEU F 103 -1.72 -21.76 -19.98
C LEU F 103 -2.69 -20.77 -20.61
N SER F 104 -3.63 -21.28 -21.41
CA SER F 104 -4.46 -20.44 -22.26
C SER F 104 -5.73 -19.99 -21.55
N GLY F 105 -6.24 -18.86 -22.00
CA GLY F 105 -7.37 -18.19 -21.37
C GLY F 105 -7.23 -16.70 -21.55
N ILE F 106 -7.85 -15.94 -20.65
CA ILE F 106 -7.63 -14.50 -20.64
C ILE F 106 -6.19 -14.26 -20.22
N GLY F 107 -5.34 -13.89 -21.18
CA GLY F 107 -3.93 -13.68 -20.91
C GLY F 107 -3.48 -12.24 -21.06
N TYR F 108 -2.32 -12.04 -21.65
CA TYR F 108 -1.75 -10.71 -21.77
C TYR F 108 -2.06 -10.10 -23.13
N GLU F 109 -1.07 -9.45 -23.75
CA GLU F 109 -1.32 -8.76 -25.00
C GLU F 109 -1.75 -9.75 -26.08
N SER F 110 -2.81 -9.39 -26.82
CA SER F 110 -3.45 -10.29 -27.75
C SER F 110 -3.66 -9.61 -29.10
N LEU F 111 -4.09 -10.40 -30.08
CA LEU F 111 -4.34 -9.93 -31.43
C LEU F 111 -5.41 -10.79 -32.07
N ASP F 112 -6.54 -10.19 -32.41
CA ASP F 112 -7.61 -10.85 -33.15
C ASP F 112 -7.68 -10.29 -34.55
N LEU F 113 -7.95 -11.14 -35.54
CA LEU F 113 -7.82 -10.74 -36.93
C LEU F 113 -8.84 -11.48 -37.78
N CYS F 114 -9.36 -10.78 -38.79
CA CYS F 114 -10.22 -11.36 -39.81
C CYS F 114 -9.35 -11.75 -41.01
N LEU F 115 -9.25 -13.05 -41.28
CA LEU F 115 -8.24 -13.58 -42.19
C LEU F 115 -8.65 -13.56 -43.66
N GLU F 116 -9.84 -13.06 -43.99
CA GLU F 116 -10.25 -13.01 -45.39
C GLU F 116 -9.47 -11.93 -46.13
N GLY F 117 -8.78 -12.32 -47.21
CA GLY F 117 -8.08 -11.38 -48.04
C GLY F 117 -6.73 -10.92 -47.54
N VAL F 118 -6.33 -11.34 -46.34
CA VAL F 118 -5.01 -11.02 -45.81
C VAL F 118 -4.37 -12.28 -45.27
N GLY F 119 -3.04 -12.30 -45.27
CA GLY F 119 -2.27 -13.39 -44.72
C GLY F 119 -1.52 -12.93 -43.48
N ILE F 120 -1.03 -13.91 -42.73
CA ILE F 120 -0.26 -13.66 -41.52
C ILE F 120 0.87 -14.66 -41.43
N HIS F 121 2.05 -14.17 -41.06
CA HIS F 121 3.24 -15.00 -40.90
C HIS F 121 3.92 -14.67 -39.59
N HIS F 122 4.52 -15.68 -38.98
CA HIS F 122 5.16 -15.55 -37.69
C HIS F 122 6.67 -15.73 -37.82
N HIS F 123 7.40 -14.91 -37.08
CA HIS F 123 8.86 -14.92 -37.12
C HIS F 123 9.40 -14.85 -35.72
N VAL F 124 10.53 -15.52 -35.50
CA VAL F 124 11.31 -15.33 -34.28
C VAL F 124 12.34 -14.24 -34.56
N LEU F 125 12.36 -13.22 -33.71
CA LEU F 125 13.23 -12.07 -33.90
C LEU F 125 14.64 -12.40 -33.42
N GLU F 126 15.57 -12.54 -34.34
CA GLU F 126 16.94 -12.95 -34.03
C GLU F 126 17.65 -11.84 -33.28
N THR F 127 17.70 -11.96 -31.95
CA THR F 127 18.21 -10.97 -31.00
C THR F 127 19.27 -10.04 -31.57
N GLY F 128 19.13 -8.74 -31.31
CA GLY F 128 19.96 -7.73 -31.91
C GLY F 128 19.47 -7.23 -33.25
N ASN F 129 18.48 -7.90 -33.83
CA ASN F 129 17.91 -7.56 -35.13
C ASN F 129 16.80 -6.53 -34.95
N ALA F 130 16.57 -5.73 -35.99
CA ALA F 130 15.47 -4.80 -36.05
C ALA F 130 14.52 -5.21 -37.18
N VAL F 131 13.36 -4.56 -37.26
CA VAL F 131 12.32 -4.99 -38.17
C VAL F 131 11.79 -3.80 -38.94
N TYR F 132 11.70 -3.94 -40.26
CA TYR F 132 10.84 -3.11 -41.08
C TYR F 132 9.93 -4.01 -41.91
N GLY F 133 8.63 -3.76 -41.82
CA GLY F 133 7.68 -4.40 -42.72
C GLY F 133 7.69 -5.91 -42.59
N LYS F 134 8.06 -6.59 -43.68
CA LYS F 134 8.07 -8.04 -43.75
C LYS F 134 9.47 -8.63 -43.64
N VAL F 135 10.47 -7.82 -43.33
CA VAL F 135 11.87 -8.24 -43.35
C VAL F 135 12.56 -7.80 -42.07
N GLN F 136 13.61 -8.53 -41.69
CA GLN F 136 14.50 -8.15 -40.61
C GLN F 136 15.94 -8.22 -41.10
N HIS F 137 16.76 -7.28 -40.66
CA HIS F 137 18.18 -7.21 -41.02
C HIS F 137 18.92 -6.47 -39.92
N ASP F 138 20.22 -6.25 -40.12
CA ASP F 138 20.96 -5.45 -39.15
C ASP F 138 20.41 -4.01 -39.14
N TYR F 139 20.66 -3.32 -38.03
CA TYR F 139 20.04 -2.02 -37.80
C TYR F 139 20.38 -1.01 -38.90
N SER F 140 21.57 -1.12 -39.49
CA SER F 140 21.96 -0.17 -40.53
C SER F 140 21.18 -0.41 -41.81
N THR F 141 21.00 -1.68 -42.20
CA THR F 141 20.26 -1.98 -43.42
C THR F 141 18.79 -1.62 -43.31
N ILE F 142 18.24 -1.55 -42.09
CA ILE F 142 16.85 -1.12 -41.95
C ILE F 142 16.77 0.40 -42.00
N LYS F 143 17.80 1.11 -41.54
CA LYS F 143 17.88 2.54 -41.77
C LYS F 143 17.61 2.86 -43.24
N GLU F 144 18.47 2.35 -44.13
CA GLU F 144 18.32 2.64 -45.55
C GLU F 144 17.07 2.02 -46.14
N LYS F 145 16.64 0.86 -45.62
CA LYS F 145 15.38 0.29 -46.09
C LYS F 145 14.20 1.17 -45.68
N ALA F 146 14.17 1.59 -44.42
CA ALA F 146 13.10 2.49 -43.98
C ALA F 146 13.17 3.82 -44.71
N LYS F 147 14.38 4.32 -44.98
CA LYS F 147 14.51 5.54 -45.77
C LYS F 147 13.96 5.35 -47.17
N GLU F 148 14.29 4.23 -47.81
CA GLU F 148 13.80 3.94 -49.15
C GLU F 148 12.28 3.87 -49.18
N MET F 149 11.69 3.08 -48.28
CA MET F 149 10.26 2.85 -48.30
C MET F 149 9.45 4.07 -47.87
N ASN F 150 10.08 5.04 -47.22
CA ASN F 150 9.36 6.23 -46.79
C ASN F 150 8.80 7.01 -47.98
N ALA F 151 9.44 6.88 -49.14
CA ALA F 151 9.05 7.62 -50.33
C ALA F 151 7.85 7.03 -51.05
N LEU F 152 7.28 5.93 -50.55
CA LEU F 152 6.15 5.28 -51.20
C LEU F 152 4.84 5.67 -50.53
N SER F 153 3.79 5.80 -51.34
CA SER F 153 2.48 6.07 -50.78
C SER F 153 1.85 4.79 -50.26
N PRO F 154 1.19 4.83 -49.10
CA PRO F 154 0.71 3.59 -48.48
C PRO F 154 -0.48 2.99 -49.23
N GLY F 155 -0.47 1.67 -49.32
CA GLY F 155 -1.59 0.92 -49.84
C GLY F 155 -2.30 0.18 -48.72
N PRO F 156 -3.38 -0.52 -49.06
CA PRO F 156 -4.13 -1.25 -48.03
C PRO F 156 -3.33 -2.43 -47.51
N ILE F 157 -3.68 -2.86 -46.30
CA ILE F 157 -2.98 -3.97 -45.65
C ILE F 157 -3.35 -5.29 -46.32
N ILE F 158 -2.35 -6.06 -46.69
CA ILE F 158 -2.56 -7.38 -47.27
C ILE F 158 -1.91 -8.49 -46.46
N ASP F 159 -0.99 -8.18 -45.55
CA ASP F 159 -0.28 -9.21 -44.81
C ASP F 159 0.10 -8.68 -43.44
N TYR F 160 0.13 -9.59 -42.46
CA TYR F 160 0.61 -9.30 -41.12
C TYR F 160 1.83 -10.15 -40.83
N HIS F 161 2.76 -9.60 -40.06
CA HIS F 161 4.00 -10.29 -39.71
C HIS F 161 4.22 -10.16 -38.21
N VAL F 162 4.14 -11.28 -37.51
CA VAL F 162 4.33 -11.32 -36.07
C VAL F 162 5.80 -11.61 -35.78
N TRP F 163 6.41 -10.80 -34.93
CA TRP F 163 7.82 -10.92 -34.58
C TRP F 163 7.92 -11.18 -33.08
N ILE F 164 8.42 -12.35 -32.72
CA ILE F 164 8.54 -12.78 -31.33
C ILE F 164 10.01 -12.81 -30.97
N GLY F 165 10.42 -11.97 -30.01
CA GLY F 165 11.80 -11.85 -29.62
C GLY F 165 12.01 -12.17 -28.14
N ASP F 166 13.29 -12.17 -27.75
CA ASP F 166 13.65 -12.47 -26.37
C ASP F 166 13.17 -11.39 -25.41
N CYS F 167 13.12 -10.14 -25.85
CA CYS F 167 12.76 -9.03 -24.98
C CYS F 167 11.61 -8.19 -25.52
N ILE F 168 11.12 -8.45 -26.72
CA ILE F 168 10.14 -7.58 -27.35
C ILE F 168 9.35 -8.40 -28.37
N CYS F 169 8.06 -8.12 -28.46
CA CYS F 169 7.18 -8.72 -29.46
C CYS F 169 6.52 -7.61 -30.25
N GLN F 170 6.53 -7.74 -31.58
CA GLN F 170 5.97 -6.73 -32.47
C GLN F 170 5.25 -7.41 -33.61
N VAL F 171 4.21 -6.74 -34.13
CA VAL F 171 3.48 -7.20 -35.29
C VAL F 171 3.30 -6.03 -36.25
N THR F 172 3.70 -6.23 -37.51
CA THR F 172 3.63 -5.21 -38.53
C THR F 172 2.59 -5.60 -39.58
N ALA F 173 2.22 -4.63 -40.40
CA ALA F 173 1.28 -4.84 -41.50
C ALA F 173 1.81 -4.12 -42.72
N VAL F 174 1.78 -4.79 -43.87
CA VAL F 174 2.36 -4.26 -45.10
C VAL F 174 1.31 -4.23 -46.20
N ASP F 175 1.58 -3.43 -47.22
CA ASP F 175 0.80 -3.41 -48.44
C ASP F 175 1.45 -4.32 -49.47
N VAL F 176 0.97 -4.26 -50.71
CA VAL F 176 1.52 -5.11 -51.76
C VAL F 176 2.98 -4.79 -52.06
N HIS F 177 3.44 -3.60 -51.69
CA HIS F 177 4.82 -3.20 -51.90
C HIS F 177 5.71 -3.49 -50.69
N GLY F 178 5.14 -4.02 -49.61
CA GLY F 178 5.90 -4.29 -48.41
C GLY F 178 6.08 -3.11 -47.49
N LYS F 179 5.53 -1.94 -47.84
CA LYS F 179 5.64 -0.78 -46.97
C LYS F 179 4.90 -1.00 -45.66
N GLU F 180 5.55 -0.69 -44.55
CA GLU F 180 4.94 -0.85 -43.24
C GLU F 180 3.80 0.13 -43.07
N ILE F 181 2.60 -0.39 -42.84
CA ILE F 181 1.41 0.44 -42.67
C ILE F 181 1.03 0.57 -41.20
N MET F 182 1.33 -0.43 -40.38
CA MET F 182 0.96 -0.40 -38.97
C MET F 182 2.02 -1.15 -38.18
N ARG F 183 2.08 -0.85 -36.88
CA ARG F 183 3.09 -1.46 -36.02
C ARG F 183 2.66 -1.31 -34.57
N MET F 184 2.49 -2.44 -33.89
CA MET F 184 2.28 -2.45 -32.44
C MET F 184 3.49 -3.06 -31.77
N ARG F 185 3.63 -2.76 -30.48
CA ARG F 185 4.73 -3.31 -29.68
C ARG F 185 4.18 -3.83 -28.37
N PHE F 186 4.52 -5.07 -28.04
CA PHE F 186 4.20 -5.67 -26.75
C PHE F 186 5.49 -5.77 -25.96
N LYS F 187 5.58 -5.03 -24.86
CA LYS F 187 6.82 -4.94 -24.08
C LYS F 187 7.00 -6.19 -23.21
N LYS F 188 7.15 -7.34 -23.89
CA LYS F 188 7.34 -8.62 -23.25
C LYS F 188 8.18 -9.51 -24.14
N GLY F 189 8.96 -10.38 -23.52
CA GLY F 189 9.71 -11.41 -24.24
C GLY F 189 8.92 -12.72 -24.25
N ALA F 190 9.00 -13.44 -25.36
CA ALA F 190 8.19 -14.63 -25.53
C ALA F 190 8.88 -15.57 -26.53
N VAL F 191 8.27 -16.75 -26.70
CA VAL F 191 8.72 -17.73 -27.67
C VAL F 191 7.51 -18.22 -28.46
N LEU F 192 7.78 -18.93 -29.57
CA LEU F 192 6.71 -19.50 -30.37
C LEU F 192 6.60 -21.00 -30.13
N PRO F 193 5.41 -21.57 -30.24
CA PRO F 193 5.26 -23.01 -30.02
C PRO F 193 5.95 -23.83 -31.10
N ILE F 194 6.41 -25.00 -30.70
CA ILE F 194 7.00 -25.98 -31.62
C ILE F 194 5.97 -27.10 -31.80
N PRO F 195 5.42 -27.28 -33.00
CA PRO F 195 4.43 -28.34 -33.30
C PRO F 195 4.93 -29.74 -32.98
N MET G 2 10.03 13.42 29.00
CA MET G 2 8.80 13.86 29.63
C MET G 2 7.57 13.34 28.88
N ALA G 3 6.62 12.79 29.62
CA ALA G 3 5.40 12.27 29.02
C ALA G 3 4.54 13.41 28.49
N MET G 4 3.88 13.17 27.37
CA MET G 4 2.98 14.12 26.74
C MET G 4 1.59 13.52 26.61
N PHE G 5 0.57 14.30 26.93
CA PHE G 5 -0.82 13.89 26.80
C PHE G 5 -1.60 14.99 26.11
N TYR G 6 -2.39 14.62 25.11
CA TYR G 6 -3.21 15.57 24.37
C TYR G 6 -4.66 15.11 24.38
N ALA G 7 -5.56 16.06 24.58
CA ALA G 7 -6.99 15.77 24.66
C ALA G 7 -7.60 15.74 23.27
N HIS G 8 -8.28 14.63 22.95
CA HIS G 8 -8.97 14.53 21.68
C HIS G 8 -10.06 15.59 21.54
N ALA G 9 -10.65 16.02 22.66
CA ALA G 9 -11.65 17.09 22.62
C ALA G 9 -11.04 18.43 22.24
N LEU G 10 -9.73 18.60 22.45
CA LEU G 10 -9.03 19.81 22.05
C LEU G 10 -8.28 19.63 20.74
N GLY G 11 -8.65 18.62 19.95
CA GLY G 11 -8.03 18.40 18.66
C GLY G 11 -6.58 17.96 18.72
N GLY G 12 -6.23 17.11 19.69
CA GLY G 12 -4.86 16.69 19.86
C GLY G 12 -4.60 15.25 19.49
N TYR G 13 -5.41 14.70 18.59
CA TYR G 13 -5.19 13.33 18.15
C TYR G 13 -3.98 13.26 17.23
N ASP G 14 -3.14 12.26 17.45
CA ASP G 14 -1.99 11.98 16.59
C ASP G 14 -1.92 10.48 16.40
N GLU G 15 -2.04 10.03 15.15
CA GLU G 15 -2.06 8.60 14.88
C GLU G 15 -0.73 7.93 15.19
N ASN G 16 0.36 8.71 15.24
CA ASN G 16 1.67 8.15 15.57
C ASN G 16 1.90 8.03 17.06
N LEU G 17 0.90 8.36 17.89
CA LEU G 17 1.00 8.22 19.34
C LEU G 17 -0.04 7.22 19.83
N HIS G 18 0.17 6.74 21.05
CA HIS G 18 -0.77 5.79 21.64
C HIS G 18 -2.14 6.42 21.80
N ALA G 19 -3.17 5.66 21.45
CA ALA G 19 -4.54 6.15 21.40
C ALA G 19 -5.39 5.46 22.45
N PHE G 20 -6.05 6.26 23.29
CA PHE G 20 -6.99 5.78 24.28
C PHE G 20 -8.21 6.68 24.25
N PRO G 21 -9.35 6.29 24.85
CA PRO G 21 -10.54 7.16 24.82
C PRO G 21 -10.25 8.57 25.31
N GLY G 22 -10.19 9.52 24.37
CA GLY G 22 -9.99 10.91 24.69
C GLY G 22 -8.54 11.35 24.86
N ILE G 23 -7.57 10.46 24.64
CA ILE G 23 -6.17 10.78 24.88
C ILE G 23 -5.33 10.26 23.72
N SER G 24 -4.42 11.10 23.24
CA SER G 24 -3.27 10.67 22.45
C SER G 24 -2.03 11.01 23.28
N SER G 25 -1.23 9.99 23.59
CA SER G 25 -0.09 10.17 24.48
C SER G 25 1.13 9.46 23.93
N THR G 26 2.30 9.95 24.36
CA THR G 26 3.57 9.32 24.03
C THR G 26 3.85 8.08 24.86
N VAL G 27 3.09 7.84 25.93
CA VAL G 27 3.27 6.69 26.80
C VAL G 27 1.93 5.95 26.92
N ALA G 28 2.02 4.68 27.26
CA ALA G 28 0.85 3.81 27.41
C ALA G 28 0.86 3.27 28.84
N ASN G 29 0.12 3.95 29.72
CA ASN G 29 0.06 3.58 31.13
C ASN G 29 -1.12 2.66 31.40
N ASP G 30 -0.87 1.59 32.15
CA ASP G 30 -1.91 0.67 32.59
C ASP G 30 -2.56 1.27 33.84
N VAL G 31 -3.78 1.81 33.69
CA VAL G 31 -4.43 2.52 34.79
C VAL G 31 -5.27 1.60 35.67
N ARG G 32 -5.24 0.30 35.44
CA ARG G 32 -6.04 -0.61 36.27
C ARG G 32 -5.49 -0.74 37.69
N LYS G 33 -4.18 -0.54 37.85
CA LYS G 33 -3.52 -0.83 39.12
C LYS G 33 -3.72 0.24 40.19
N TYR G 34 -4.26 1.39 39.84
CA TYR G 34 -4.37 2.49 40.80
C TYR G 34 -5.67 2.40 41.57
N SER G 35 -5.58 2.50 42.90
CA SER G 35 -6.73 2.67 43.76
C SER G 35 -6.98 4.12 44.15
N VAL G 36 -5.98 4.99 43.97
CA VAL G 36 -6.09 6.41 44.30
C VAL G 36 -5.39 7.22 43.23
N VAL G 37 -5.92 8.43 42.99
CA VAL G 37 -5.29 9.38 42.08
C VAL G 37 -5.33 10.76 42.72
N SER G 38 -4.49 11.65 42.20
CA SER G 38 -4.41 13.01 42.71
C SER G 38 -4.51 13.99 41.54
N VAL G 39 -5.43 14.95 41.67
CA VAL G 39 -5.58 16.04 40.72
C VAL G 39 -5.49 17.34 41.51
N TYR G 40 -4.54 18.20 41.15
CA TYR G 40 -4.37 19.51 41.78
C TYR G 40 -4.15 19.36 43.29
N ASN G 41 -3.24 18.44 43.65
CA ASN G 41 -2.81 18.23 45.03
C ASN G 41 -3.96 17.79 45.93
N ASN G 42 -4.94 17.09 45.37
CA ASN G 42 -6.05 16.54 46.13
C ASN G 42 -6.21 15.08 45.75
N LYS G 43 -6.32 14.21 46.76
CA LYS G 43 -6.41 12.77 46.54
C LYS G 43 -7.85 12.33 46.37
N TYR G 44 -8.08 11.44 45.42
CA TYR G 44 -9.39 10.86 45.17
C TYR G 44 -9.28 9.34 45.08
N ASP G 45 -10.34 8.67 45.51
CA ASP G 45 -10.38 7.21 45.54
C ASP G 45 -10.97 6.68 44.24
N ILE G 46 -10.33 5.64 43.69
CA ILE G 46 -10.86 4.96 42.53
C ILE G 46 -12.08 4.15 42.92
N VAL G 47 -13.16 4.27 42.16
CA VAL G 47 -14.36 3.49 42.42
C VAL G 47 -14.10 2.03 42.11
N LYS G 48 -14.34 1.16 43.08
CA LYS G 48 -14.14 -0.27 42.88
C LYS G 48 -15.43 -0.92 42.38
N ASP G 49 -15.28 -1.80 41.39
CA ASP G 49 -16.37 -2.60 40.83
C ASP G 49 -17.41 -1.78 40.08
N LYS G 50 -17.07 -0.57 39.65
CA LYS G 50 -17.92 0.19 38.76
C LYS G 50 -17.04 1.09 37.90
N TYR G 51 -17.36 1.16 36.61
CA TYR G 51 -16.47 1.80 35.65
C TYR G 51 -17.23 2.78 34.78
N MET G 52 -16.58 3.32 33.76
CA MET G 52 -17.20 4.27 32.85
C MET G 52 -16.78 3.93 31.43
N TRP G 53 -17.76 3.66 30.57
CA TRP G 53 -17.47 3.37 29.17
C TRP G 53 -17.24 4.70 28.44
N CYS G 54 -16.00 4.95 28.04
CA CYS G 54 -15.64 6.18 27.37
C CYS G 54 -15.15 5.87 25.96
N TYR G 55 -15.36 6.83 25.05
CA TYR G 55 -15.05 6.61 23.65
C TYR G 55 -14.82 7.95 22.97
N SER G 56 -13.96 7.93 21.96
CA SER G 56 -13.80 9.04 21.04
C SER G 56 -13.70 8.48 19.63
N GLN G 57 -14.18 9.25 18.66
CA GLN G 57 -14.27 8.81 17.27
C GLN G 57 -13.47 9.78 16.41
N VAL G 58 -12.29 9.36 15.97
CA VAL G 58 -11.43 10.19 15.14
C VAL G 58 -10.97 9.38 13.94
N ASN G 59 -10.99 10.01 12.75
CA ASN G 59 -10.46 9.43 11.51
C ASN G 59 -11.16 8.12 11.16
N LYS G 60 -12.50 8.12 11.24
CA LYS G 60 -13.31 6.96 10.93
C LYS G 60 -12.88 5.73 11.73
N ARG G 61 -12.38 5.96 12.94
CA ARG G 61 -11.89 4.91 13.82
C ARG G 61 -12.52 5.08 15.20
N TYR G 62 -13.04 3.98 15.75
CA TYR G 62 -13.68 4.02 17.05
C TYR G 62 -12.74 3.47 18.11
N ILE G 63 -12.68 4.14 19.26
CA ILE G 63 -11.85 3.72 20.38
C ILE G 63 -12.66 3.83 21.67
N GLY G 64 -13.14 2.69 22.16
CA GLY G 64 -13.90 2.67 23.40
C GLY G 64 -13.33 1.64 24.36
N ALA G 65 -13.57 1.89 25.65
CA ALA G 65 -13.04 1.03 26.68
C ALA G 65 -13.74 1.29 28.01
N LEU G 66 -13.75 0.27 28.86
CA LEU G 66 -14.18 0.43 30.25
C LEU G 66 -13.01 0.98 31.06
N LEU G 67 -13.17 2.16 31.62
CA LEU G 67 -12.08 2.81 32.33
C LEU G 67 -12.38 2.91 33.82
N PRO G 68 -11.35 2.88 34.67
CA PRO G 68 -11.57 3.20 36.08
C PRO G 68 -12.02 4.63 36.22
N MET G 69 -12.70 4.92 37.33
CA MET G 69 -13.17 6.26 37.59
C MET G 69 -13.06 6.56 39.07
N PHE G 70 -12.93 7.83 39.40
CA PHE G 70 -12.78 8.27 40.78
C PHE G 70 -13.82 9.35 41.07
N GLU G 71 -14.26 9.40 42.32
CA GLU G 71 -15.26 10.37 42.75
C GLU G 71 -14.56 11.67 43.13
N CYS G 72 -15.10 12.78 42.62
CA CYS G 72 -14.57 14.10 42.93
C CYS G 72 -15.71 15.11 42.78
N ASN G 73 -16.02 15.82 43.86
CA ASN G 73 -17.09 16.81 43.83
C ASN G 73 -16.65 18.15 43.25
N GLU G 74 -15.34 18.39 43.16
CA GLU G 74 -14.84 19.65 42.63
C GLU G 74 -14.79 19.60 41.10
N TYR G 75 -14.56 20.76 40.51
CA TYR G 75 -14.51 20.90 39.06
C TYR G 75 -13.10 20.67 38.55
N LEU G 76 -12.97 19.82 37.54
CA LEU G 76 -11.70 19.56 36.87
C LEU G 76 -11.93 19.66 35.37
N GLN G 77 -11.15 20.52 34.70
CA GLN G 77 -11.36 20.75 33.28
C GLN G 77 -10.58 19.75 32.45
N ILE G 78 -11.08 19.51 31.23
CA ILE G 78 -10.44 18.60 30.30
C ILE G 78 -8.97 18.99 30.11
N GLY G 79 -8.10 17.98 30.04
CA GLY G 79 -6.69 18.19 29.84
C GLY G 79 -5.89 18.35 31.12
N ASP G 80 -6.54 18.51 32.27
CA ASP G 80 -5.81 18.67 33.52
C ASP G 80 -5.04 17.40 33.83
N PRO G 81 -3.75 17.49 34.19
CA PRO G 81 -2.98 16.27 34.47
C PRO G 81 -3.51 15.53 35.70
N ILE G 82 -3.39 14.21 35.64
CA ILE G 82 -3.72 13.33 36.76
C ILE G 82 -2.44 12.66 37.24
N HIS G 83 -2.16 12.75 38.53
CA HIS G 83 -0.92 12.22 39.09
C HIS G 83 -1.18 10.98 39.93
N ASP G 84 -0.14 10.18 40.10
CA ASP G 84 -0.16 9.09 41.06
C ASP G 84 0.29 9.62 42.41
N GLN G 85 0.62 8.71 43.34
CA GLN G 85 1.05 9.13 44.67
C GLN G 85 2.47 9.67 44.70
N GLU G 86 3.27 9.43 43.65
CA GLU G 86 4.65 9.86 43.61
C GLU G 86 4.84 11.12 42.77
N GLY G 87 3.76 11.80 42.40
CA GLY G 87 3.86 13.01 41.62
C GLY G 87 4.08 12.82 40.15
N ASN G 88 3.98 11.59 39.64
CA ASN G 88 4.12 11.31 38.22
C ASN G 88 2.78 11.46 37.53
N GLN G 89 2.79 12.09 36.35
CA GLN G 89 1.58 12.18 35.56
C GLN G 89 1.28 10.82 34.93
N ILE G 90 0.04 10.36 35.08
CA ILE G 90 -0.38 9.11 34.48
C ILE G 90 -1.48 9.28 33.43
N SER G 91 -2.19 10.40 33.43
CA SER G 91 -3.34 10.61 32.54
C SER G 91 -3.75 12.06 32.63
N ILE G 92 -4.81 12.42 31.88
CA ILE G 92 -5.41 13.74 31.95
C ILE G 92 -6.92 13.58 32.08
N ILE G 93 -7.55 14.64 32.59
CA ILE G 93 -9.00 14.67 32.70
C ILE G 93 -9.61 14.53 31.31
N THR G 94 -10.52 13.58 31.16
CA THR G 94 -11.17 13.36 29.87
C THR G 94 -12.69 13.45 30.00
N TYR G 95 -13.32 12.38 30.47
CA TYR G 95 -14.77 12.30 30.52
C TYR G 95 -15.24 12.40 31.96
N ARG G 96 -16.54 12.64 32.10
CA ARG G 96 -17.13 12.93 33.40
C ARG G 96 -18.58 12.44 33.43
N HIS G 97 -18.97 11.86 34.55
CA HIS G 97 -20.36 11.52 34.83
C HIS G 97 -20.69 12.11 36.19
N LYS G 98 -21.26 13.32 36.19
CA LYS G 98 -21.51 14.09 37.41
C LYS G 98 -20.23 14.16 38.25
N ASN G 99 -20.21 13.50 39.40
CA ASN G 99 -19.06 13.53 40.29
C ASN G 99 -18.05 12.42 40.01
N TYR G 100 -18.20 11.69 38.91
CA TYR G 100 -17.29 10.61 38.55
C TYR G 100 -16.44 11.06 37.36
N TYR G 101 -15.12 10.84 37.46
CA TYR G 101 -14.17 11.24 36.43
C TYR G 101 -13.43 10.00 35.94
N ALA G 102 -13.41 9.81 34.62
CA ALA G 102 -12.74 8.66 34.03
C ALA G 102 -11.23 8.80 34.12
N LEU G 103 -10.54 7.69 34.36
CA LEU G 103 -9.08 7.61 34.33
C LEU G 103 -8.70 6.85 33.06
N SER G 104 -8.29 7.59 32.03
CA SER G 104 -8.08 7.00 30.71
C SER G 104 -6.64 6.56 30.53
N GLY G 105 -6.47 5.56 29.68
CA GLY G 105 -5.22 4.87 29.44
C GLY G 105 -5.51 3.43 29.06
N ILE G 106 -4.60 2.54 29.42
CA ILE G 106 -4.87 1.11 29.25
C ILE G 106 -5.85 0.70 30.35
N GLY G 107 -7.10 0.44 29.96
CA GLY G 107 -8.11 0.07 30.92
C GLY G 107 -8.54 -1.38 30.81
N TYR G 108 -9.82 -1.64 31.06
CA TYR G 108 -10.33 -3.00 31.03
C TYR G 108 -10.80 -3.35 29.63
N GLU G 109 -11.98 -3.98 29.51
CA GLU G 109 -12.45 -4.42 28.21
C GLU G 109 -12.63 -3.24 27.26
N SER G 110 -12.14 -3.41 26.03
CA SER G 110 -12.10 -2.33 25.05
C SER G 110 -12.67 -2.80 23.72
N LEU G 111 -12.76 -1.87 22.77
CA LEU G 111 -13.33 -2.17 21.45
C LEU G 111 -12.80 -1.15 20.45
N ASP G 112 -12.16 -1.63 19.39
CA ASP G 112 -11.67 -0.78 18.31
C ASP G 112 -12.38 -1.16 17.02
N LEU G 113 -12.71 -0.14 16.22
CA LEU G 113 -13.53 -0.34 15.03
C LEU G 113 -12.99 0.48 13.86
N CYS G 114 -13.27 -0.02 12.66
CA CYS G 114 -13.16 0.76 11.42
C CYS G 114 -14.60 1.10 11.02
N LEU G 115 -15.03 2.32 11.35
CA LEU G 115 -16.43 2.70 11.33
C LEU G 115 -16.94 3.14 9.96
N GLU G 116 -16.17 2.97 8.90
CA GLU G 116 -16.63 3.43 7.60
C GLU G 116 -17.73 2.52 7.07
N GLY G 117 -18.81 3.13 6.59
CA GLY G 117 -19.95 2.41 6.08
C GLY G 117 -20.99 2.01 7.11
N VAL G 118 -20.68 2.16 8.40
CA VAL G 118 -21.60 1.80 9.47
C VAL G 118 -21.64 2.92 10.49
N GLY G 119 -22.70 2.91 11.33
CA GLY G 119 -22.83 3.84 12.42
C GLY G 119 -22.81 3.10 13.75
N ILE G 120 -22.76 3.87 14.83
CA ILE G 120 -22.72 3.29 16.17
C ILE G 120 -23.50 4.19 17.12
N HIS G 121 -24.30 3.59 17.98
CA HIS G 121 -25.12 4.31 18.94
C HIS G 121 -24.92 3.70 20.32
N HIS G 122 -25.00 4.54 21.35
CA HIS G 122 -24.79 4.14 22.73
C HIS G 122 -26.09 4.28 23.51
N HIS G 123 -26.34 3.32 24.40
CA HIS G 123 -27.58 3.28 25.15
C HIS G 123 -27.28 2.92 26.61
N VAL G 124 -28.14 3.40 27.49
CA VAL G 124 -28.11 2.99 28.89
C VAL G 124 -29.03 1.79 29.06
N LEU G 125 -28.46 0.65 29.43
CA LEU G 125 -29.23 -0.58 29.58
C LEU G 125 -29.97 -0.55 30.91
N GLU G 126 -31.30 -0.45 30.86
CA GLU G 126 -32.10 -0.46 32.07
C GLU G 126 -31.93 -1.81 32.78
N THR G 127 -31.85 -1.75 34.10
CA THR G 127 -31.58 -2.94 34.90
C THR G 127 -32.71 -3.96 34.74
N GLY G 128 -32.32 -5.23 34.63
CA GLY G 128 -33.27 -6.31 34.44
C GLY G 128 -33.68 -6.56 33.00
N ASN G 129 -33.29 -5.69 32.08
CA ASN G 129 -33.63 -5.85 30.67
C ASN G 129 -32.62 -6.73 29.96
N ALA G 130 -33.12 -7.51 29.00
CA ALA G 130 -32.28 -8.26 28.07
C ALA G 130 -32.14 -7.47 26.76
N VAL G 131 -31.23 -7.93 25.91
CA VAL G 131 -30.90 -7.23 24.68
C VAL G 131 -30.89 -8.22 23.51
N TYR G 132 -31.59 -7.87 22.45
CA TYR G 132 -31.40 -8.47 21.13
C TYR G 132 -31.39 -7.37 20.10
N GLY G 133 -30.35 -7.33 19.28
CA GLY G 133 -30.24 -6.34 18.24
C GLY G 133 -30.17 -4.91 18.76
N LYS G 134 -31.22 -4.12 18.48
CA LYS G 134 -31.26 -2.72 18.85
C LYS G 134 -32.26 -2.43 19.97
N VAL G 135 -32.88 -3.46 20.54
CA VAL G 135 -33.99 -3.27 21.46
C VAL G 135 -33.66 -3.89 22.80
N GLN G 136 -34.06 -3.21 23.87
CA GLN G 136 -34.04 -3.74 25.22
C GLN G 136 -35.47 -3.80 25.76
N HIS G 137 -35.80 -4.89 26.44
CA HIS G 137 -37.11 -5.08 27.04
C HIS G 137 -37.01 -6.20 28.07
N ASP G 138 -38.17 -6.67 28.55
CA ASP G 138 -38.18 -7.79 29.46
C ASP G 138 -37.68 -9.05 28.75
N TYR G 139 -37.33 -10.06 29.54
CA TYR G 139 -36.70 -11.26 28.98
C TYR G 139 -37.63 -11.96 28.00
N SER G 140 -38.93 -11.99 28.29
CA SER G 140 -39.86 -12.76 27.47
C SER G 140 -39.92 -12.22 26.04
N THR G 141 -39.88 -10.90 25.89
CA THR G 141 -39.97 -10.30 24.55
C THR G 141 -38.70 -10.56 23.74
N ILE G 142 -37.54 -10.50 24.40
CA ILE G 142 -36.27 -10.68 23.69
C ILE G 142 -36.15 -12.12 23.18
N LYS G 143 -36.58 -13.09 23.98
CA LYS G 143 -36.48 -14.49 23.56
C LYS G 143 -37.35 -14.78 22.35
N GLU G 144 -38.56 -14.22 22.30
CA GLU G 144 -39.43 -14.41 21.14
C GLU G 144 -38.96 -13.60 19.95
N LYS G 145 -38.44 -12.39 20.20
CA LYS G 145 -37.93 -11.58 19.11
C LYS G 145 -36.78 -12.27 18.38
N ALA G 146 -35.89 -12.90 19.14
CA ALA G 146 -34.75 -13.59 18.53
C ALA G 146 -35.20 -14.80 17.74
N LYS G 147 -36.19 -15.54 18.25
CA LYS G 147 -36.69 -16.72 17.52
C LYS G 147 -37.30 -16.31 16.18
N GLU G 148 -37.98 -15.17 16.14
CA GLU G 148 -38.57 -14.71 14.88
C GLU G 148 -37.49 -14.31 13.88
N MET G 149 -36.44 -13.63 14.35
CA MET G 149 -35.35 -13.22 13.47
C MET G 149 -34.44 -14.37 13.07
N ASN G 150 -34.52 -15.52 13.75
CA ASN G 150 -33.66 -16.66 13.42
C ASN G 150 -33.88 -17.12 11.99
N ALA G 151 -35.13 -17.09 11.52
CA ALA G 151 -35.49 -17.61 10.20
C ALA G 151 -34.95 -16.77 9.06
N LEU G 152 -34.30 -15.65 9.33
CA LEU G 152 -33.80 -14.78 8.26
C LEU G 152 -32.35 -15.12 7.92
N SER G 153 -31.92 -14.62 6.77
CA SER G 153 -30.50 -14.68 6.46
C SER G 153 -29.83 -13.37 6.84
N PRO G 154 -28.67 -13.42 7.49
CA PRO G 154 -28.05 -12.18 8.00
C PRO G 154 -27.50 -11.32 6.88
N GLY G 155 -27.93 -10.07 6.83
CA GLY G 155 -27.31 -9.10 5.97
C GLY G 155 -26.01 -8.61 6.54
N PRO G 156 -25.38 -7.68 5.84
CA PRO G 156 -24.14 -7.08 6.35
C PRO G 156 -24.41 -6.20 7.55
N ILE G 157 -23.39 -6.07 8.42
CA ILE G 157 -23.50 -5.21 9.59
C ILE G 157 -23.64 -3.77 9.14
N ILE G 158 -24.61 -3.07 9.69
CA ILE G 158 -24.80 -1.65 9.40
C ILE G 158 -24.75 -0.77 10.64
N ASP G 159 -24.90 -1.33 11.84
CA ASP G 159 -24.91 -0.53 13.05
C ASP G 159 -24.39 -1.36 14.23
N TYR G 160 -23.65 -0.70 15.11
CA TYR G 160 -23.24 -1.26 16.38
C TYR G 160 -23.97 -0.53 17.50
N HIS G 161 -24.24 -1.24 18.59
CA HIS G 161 -25.02 -0.66 19.68
C HIS G 161 -24.40 -1.05 21.02
N VAL G 162 -23.96 -0.04 21.76
CA VAL G 162 -23.32 -0.23 23.06
C VAL G 162 -24.39 -0.15 24.14
N TRP G 163 -24.43 -1.15 25.01
CA TRP G 163 -25.42 -1.24 26.08
C TRP G 163 -24.68 -1.24 27.41
N ILE G 164 -24.85 -0.16 28.18
CA ILE G 164 -24.13 0.04 29.42
C ILE G 164 -25.12 -0.10 30.57
N GLY G 165 -25.02 -1.21 31.31
CA GLY G 165 -25.86 -1.46 32.46
C GLY G 165 -25.06 -1.38 33.76
N ASP G 166 -25.79 -1.44 34.86
CA ASP G 166 -25.17 -1.30 36.18
C ASP G 166 -24.40 -2.54 36.60
N CYS G 167 -24.65 -3.69 35.96
CA CYS G 167 -23.95 -4.92 36.31
C CYS G 167 -23.42 -5.69 35.10
N ILE G 168 -23.66 -5.22 33.89
CA ILE G 168 -23.16 -5.89 32.69
C ILE G 168 -23.13 -4.87 31.56
N CYS G 169 -22.19 -5.05 30.64
CA CYS G 169 -22.09 -4.25 29.43
C CYS G 169 -22.07 -5.17 28.21
N GLN G 170 -22.84 -4.81 27.20
CA GLN G 170 -22.94 -5.59 25.98
C GLN G 170 -22.88 -4.67 24.77
N VAL G 171 -22.45 -5.23 23.65
CA VAL G 171 -22.47 -4.52 22.37
C VAL G 171 -22.90 -5.50 21.29
N THR G 172 -23.88 -5.09 20.49
CA THR G 172 -24.47 -5.93 19.46
C THR G 172 -24.30 -5.27 18.10
N ALA G 173 -24.35 -6.10 17.05
CA ALA G 173 -24.28 -5.65 15.67
C ALA G 173 -25.51 -6.12 14.93
N VAL G 174 -26.08 -5.24 14.10
CA VAL G 174 -27.34 -5.50 13.41
C VAL G 174 -27.16 -5.28 11.91
N ASP G 175 -28.03 -5.92 11.15
CA ASP G 175 -28.10 -5.73 9.72
C ASP G 175 -29.23 -4.75 9.39
N VAL G 176 -29.60 -4.67 8.11
CA VAL G 176 -30.66 -3.73 7.72
C VAL G 176 -32.01 -4.16 8.26
N HIS G 177 -32.20 -5.45 8.55
CA HIS G 177 -33.44 -5.96 9.10
C HIS G 177 -33.48 -5.90 10.62
N GLY G 178 -32.41 -5.41 11.26
CA GLY G 178 -32.32 -5.41 12.70
C GLY G 178 -31.91 -6.73 13.32
N LYS G 179 -31.55 -7.72 12.51
CA LYS G 179 -31.16 -9.02 13.03
C LYS G 179 -29.77 -8.95 13.65
N GLU G 180 -29.65 -9.48 14.86
CA GLU G 180 -28.37 -9.47 15.56
C GLU G 180 -27.39 -10.44 14.91
N ILE G 181 -26.21 -9.93 14.56
CA ILE G 181 -25.20 -10.72 13.86
C ILE G 181 -24.10 -11.11 14.84
N MET G 182 -23.83 -10.23 15.81
CA MET G 182 -22.74 -10.43 16.74
C MET G 182 -23.16 -9.89 18.10
N ARG G 183 -22.67 -10.54 19.16
CA ARG G 183 -22.97 -10.13 20.52
C ARG G 183 -21.75 -10.33 21.41
N MET G 184 -21.35 -9.27 22.11
CA MET G 184 -20.31 -9.34 23.12
C MET G 184 -20.91 -9.03 24.48
N ARG G 185 -20.28 -9.55 25.54
CA ARG G 185 -20.71 -9.29 26.90
C ARG G 185 -19.50 -8.94 27.75
N PHE G 186 -19.55 -7.78 28.40
CA PHE G 186 -18.59 -7.40 29.42
C PHE G 186 -19.24 -7.57 30.77
N LYS G 187 -18.61 -8.33 31.66
CA LYS G 187 -19.17 -8.60 32.98
C LYS G 187 -18.65 -7.60 34.00
N LYS G 188 -18.93 -6.33 33.71
CA LYS G 188 -18.64 -5.21 34.59
C LYS G 188 -19.78 -4.22 34.50
N GLY G 189 -20.09 -3.57 35.63
CA GLY G 189 -21.07 -2.50 35.64
C GLY G 189 -20.39 -1.16 35.38
N ALA G 190 -21.09 -0.29 34.66
CA ALA G 190 -20.49 0.97 34.22
C ALA G 190 -21.57 2.01 34.01
N VAL G 191 -21.13 3.23 33.70
CA VAL G 191 -21.99 4.34 33.31
C VAL G 191 -21.39 5.01 32.09
N LEU G 192 -22.16 5.90 31.49
CA LEU G 192 -21.75 6.65 30.30
C LEU G 192 -21.46 8.11 30.65
N PRO G 193 -20.52 8.74 29.95
CA PRO G 193 -20.19 10.13 30.26
C PRO G 193 -21.35 11.07 29.93
N ILE G 194 -21.45 12.14 30.72
CA ILE G 194 -22.42 13.20 30.50
C ILE G 194 -21.64 14.43 30.02
N PRO G 195 -21.82 14.87 28.76
CA PRO G 195 -21.12 16.02 28.18
C PRO G 195 -21.28 17.29 29.00
N SER H 1 -40.92 -28.49 35.12
CA SER H 1 -40.21 -27.46 35.86
C SER H 1 -38.98 -28.04 36.56
N MET H 2 -38.62 -29.27 36.20
CA MET H 2 -37.42 -29.89 36.73
C MET H 2 -36.18 -29.28 36.06
N ALA H 3 -35.18 -28.96 36.85
CA ALA H 3 -33.94 -28.40 36.32
C ALA H 3 -33.26 -29.39 35.38
N MET H 4 -33.24 -29.08 34.08
CA MET H 4 -32.70 -29.96 33.07
C MET H 4 -31.49 -29.32 32.39
N PHE H 5 -30.47 -30.13 32.14
CA PHE H 5 -29.27 -29.70 31.42
C PHE H 5 -29.00 -30.67 30.29
N TYR H 6 -28.86 -30.15 29.08
CA TYR H 6 -28.61 -30.97 27.90
C TYR H 6 -27.31 -30.53 27.25
N ALA H 7 -26.46 -31.50 26.92
CA ALA H 7 -25.17 -31.21 26.29
C ALA H 7 -25.36 -31.01 24.79
N HIS H 8 -24.77 -29.94 24.27
CA HIS H 8 -24.84 -29.69 22.83
C HIS H 8 -24.12 -30.77 22.05
N ALA H 9 -23.08 -31.37 22.65
CA ALA H 9 -22.34 -32.42 21.96
C ALA H 9 -23.20 -33.65 21.73
N LEU H 10 -24.22 -33.86 22.55
CA LEU H 10 -25.16 -34.96 22.39
C LEU H 10 -26.44 -34.52 21.66
N GLY H 11 -26.37 -33.44 20.89
CA GLY H 11 -27.51 -32.98 20.14
C GLY H 11 -28.67 -32.49 20.97
N GLY H 12 -28.39 -31.97 22.17
CA GLY H 12 -29.42 -31.54 23.07
C GLY H 12 -29.82 -30.08 22.98
N TYR H 13 -29.36 -29.36 21.96
CA TYR H 13 -29.64 -27.94 21.86
C TYR H 13 -31.13 -27.68 21.65
N ASP H 14 -31.64 -26.66 22.33
CA ASP H 14 -33.02 -26.23 22.20
C ASP H 14 -33.04 -24.71 22.26
N GLU H 15 -33.49 -24.07 21.18
CA GLU H 15 -33.51 -22.61 21.14
C GLU H 15 -34.49 -22.01 22.14
N ASN H 16 -35.42 -22.81 22.66
CA ASN H 16 -36.35 -22.35 23.68
C ASN H 16 -35.77 -22.40 25.09
N LEU H 17 -34.58 -22.98 25.26
CA LEU H 17 -33.93 -23.08 26.56
C LEU H 17 -32.76 -22.11 26.63
N HIS H 18 -32.28 -21.90 27.86
CA HIS H 18 -31.09 -21.09 28.06
C HIS H 18 -29.89 -21.74 27.39
N ALA H 19 -29.10 -20.93 26.69
CA ALA H 19 -27.98 -21.41 25.89
C ALA H 19 -26.67 -20.90 26.48
N PHE H 20 -25.76 -21.83 26.76
CA PHE H 20 -24.41 -21.51 27.22
C PHE H 20 -23.46 -22.38 26.42
N PRO H 21 -22.13 -22.13 26.46
CA PRO H 21 -21.19 -23.00 25.74
C PRO H 21 -21.38 -24.47 26.04
N GLY H 22 -21.95 -25.21 25.09
CA GLY H 22 -22.13 -26.64 25.20
C GLY H 22 -23.30 -27.10 26.03
N ILE H 23 -24.20 -26.20 26.42
CA ILE H 23 -25.30 -26.53 27.32
C ILE H 23 -26.57 -25.79 26.89
N SER H 24 -27.68 -26.51 26.85
CA SER H 24 -29.01 -25.92 26.87
C SER H 24 -29.68 -26.32 28.18
N SER H 25 -30.29 -25.36 28.86
CA SER H 25 -30.80 -25.61 30.21
C SER H 25 -32.10 -24.85 30.44
N THR H 26 -32.92 -25.41 31.34
CA THR H 26 -34.15 -24.78 31.77
C THR H 26 -33.92 -23.68 32.81
N VAL H 27 -32.73 -23.62 33.39
CA VAL H 27 -32.37 -22.58 34.34
C VAL H 27 -31.04 -21.96 33.91
N ALA H 28 -30.84 -20.71 34.33
CA ALA H 28 -29.61 -19.98 34.05
C ALA H 28 -28.90 -19.74 35.39
N ASN H 29 -27.84 -20.50 35.63
CA ASN H 29 -27.06 -20.39 36.86
C ASN H 29 -25.84 -19.50 36.61
N ASP H 30 -25.60 -18.56 37.52
CA ASP H 30 -24.41 -17.72 37.47
C ASP H 30 -23.27 -18.51 38.11
N VAL H 31 -22.41 -19.10 37.28
CA VAL H 31 -21.35 -19.97 37.78
C VAL H 31 -20.11 -19.20 38.23
N ARG H 32 -20.15 -17.86 38.19
CA ARG H 32 -18.98 -17.08 38.59
C ARG H 32 -18.77 -17.13 40.10
N LYS H 33 -19.84 -17.31 40.87
CA LYS H 33 -19.75 -17.19 42.32
C LYS H 33 -19.19 -18.43 43.00
N TYR H 34 -18.98 -19.52 42.28
CA TYR H 34 -18.53 -20.76 42.89
C TYR H 34 -17.01 -20.82 42.91
N SER H 35 -16.44 -21.08 44.09
CA SER H 35 -15.03 -21.41 44.22
C SER H 35 -14.78 -22.90 44.27
N VAL H 36 -15.81 -23.70 44.55
CA VAL H 36 -15.70 -25.14 44.61
C VAL H 36 -16.94 -25.76 43.96
N VAL H 37 -16.75 -26.94 43.39
CA VAL H 37 -17.84 -27.73 42.83
C VAL H 37 -17.69 -29.16 43.31
N SER H 38 -18.71 -29.97 43.05
CA SER H 38 -18.67 -31.39 43.39
C SER H 38 -19.27 -32.19 42.25
N VAL H 39 -18.64 -33.33 41.95
CA VAL H 39 -19.12 -34.28 40.95
C VAL H 39 -18.99 -35.66 41.58
N TYR H 40 -20.12 -36.31 41.83
CA TYR H 40 -20.16 -37.64 42.44
C TYR H 40 -19.41 -37.64 43.77
N ASN H 41 -19.88 -36.80 44.69
CA ASN H 41 -19.37 -36.72 46.06
C ASN H 41 -17.87 -36.37 46.12
N ASN H 42 -17.33 -35.75 45.08
CA ASN H 42 -15.92 -35.36 45.05
C ASN H 42 -15.83 -33.86 44.80
N LYS H 43 -15.11 -33.16 45.69
CA LYS H 43 -14.98 -31.72 45.59
C LYS H 43 -13.73 -31.33 44.83
N TYR H 44 -13.82 -30.25 44.07
CA TYR H 44 -12.70 -29.70 43.31
C TYR H 44 -12.71 -28.19 43.43
N ASP H 45 -11.52 -27.59 43.38
CA ASP H 45 -11.35 -26.16 43.54
C ASP H 45 -11.38 -25.46 42.18
N ILE H 46 -12.11 -24.35 42.10
CA ILE H 46 -12.14 -23.54 40.89
C ILE H 46 -10.82 -22.79 40.77
N VAL H 47 -10.20 -22.86 39.59
CA VAL H 47 -8.94 -22.17 39.36
C VAL H 47 -9.18 -20.67 39.42
N LYS H 48 -8.32 -19.98 40.19
CA LYS H 48 -8.46 -18.54 40.40
C LYS H 48 -7.67 -17.77 39.35
N ASP H 49 -8.32 -16.76 38.77
CA ASP H 49 -7.71 -15.80 37.85
C ASP H 49 -7.22 -16.45 36.56
N LYS H 50 -7.77 -17.60 36.19
CA LYS H 50 -7.51 -18.19 34.89
C LYS H 50 -8.71 -19.03 34.48
N TYR H 51 -9.07 -18.92 33.21
CA TYR H 51 -10.35 -19.45 32.74
C TYR H 51 -10.17 -20.28 31.48
N MET H 52 -11.26 -20.58 30.79
CA MET H 52 -11.21 -21.39 29.58
C MET H 52 -12.21 -20.85 28.58
N TRP H 53 -11.75 -20.57 27.37
CA TRP H 53 -12.64 -20.10 26.31
C TRP H 53 -13.35 -21.31 25.69
N CYS H 54 -14.63 -21.46 26.00
CA CYS H 54 -15.43 -22.57 25.51
C CYS H 54 -16.47 -22.06 24.52
N TYR H 55 -16.71 -22.84 23.48
CA TYR H 55 -17.66 -22.44 22.45
C TYR H 55 -18.35 -23.69 21.88
N SER H 56 -19.58 -23.50 21.42
CA SER H 56 -20.30 -24.51 20.66
C SER H 56 -20.98 -23.83 19.49
N GLN H 57 -21.06 -24.56 18.38
CA GLN H 57 -21.69 -24.06 17.15
C GLN H 57 -22.85 -24.99 16.82
N VAL H 58 -24.07 -24.46 16.88
CA VAL H 58 -25.27 -25.25 16.65
C VAL H 58 -26.31 -24.39 15.96
N ASN H 59 -26.94 -24.95 14.92
CA ASN H 59 -28.04 -24.29 14.19
C ASN H 59 -27.62 -22.91 13.70
N LYS H 60 -26.41 -22.84 13.14
CA LYS H 60 -25.86 -21.60 12.59
C LYS H 60 -25.76 -20.49 13.64
N ARG H 61 -25.50 -20.90 14.88
CA ARG H 61 -25.32 -19.96 15.95
C ARG H 61 -24.03 -20.30 16.66
N TYR H 62 -23.25 -19.29 16.98
CA TYR H 62 -22.00 -19.44 17.71
C TYR H 62 -22.18 -18.93 19.13
N ILE H 63 -21.80 -19.75 20.11
CA ILE H 63 -21.97 -19.43 21.52
C ILE H 63 -20.61 -19.62 22.19
N GLY H 64 -19.87 -18.54 22.35
CA GLY H 64 -18.59 -18.58 23.03
C GLY H 64 -18.59 -17.78 24.31
N ALA H 65 -17.70 -18.12 25.25
CA ALA H 65 -17.65 -17.45 26.55
C ALA H 65 -16.42 -17.91 27.32
N LEU H 66 -15.96 -17.07 28.23
CA LEU H 66 -14.94 -17.44 29.20
C LEU H 66 -15.63 -18.05 30.41
N LEU H 67 -15.19 -19.24 30.82
CA LEU H 67 -15.87 -19.95 31.88
C LEU H 67 -14.91 -20.30 33.01
N PRO H 68 -15.40 -20.39 34.24
CA PRO H 68 -14.55 -20.89 35.33
C PRO H 68 -14.18 -22.35 35.09
N MET H 69 -13.06 -22.76 35.69
CA MET H 69 -12.61 -24.14 35.54
C MET H 69 -12.05 -24.65 36.86
N PHE H 70 -12.20 -25.95 37.08
CA PHE H 70 -11.70 -26.62 38.26
C PHE H 70 -10.75 -27.74 37.85
N GLU H 71 -9.78 -28.01 38.72
CA GLU H 71 -8.79 -29.05 38.45
C GLU H 71 -9.29 -30.40 38.95
N CYS H 72 -9.14 -31.42 38.13
CA CYS H 72 -9.59 -32.77 38.46
C CYS H 72 -8.72 -33.76 37.72
N ASN H 73 -7.97 -34.58 38.46
CA ASN H 73 -7.10 -35.57 37.85
C ASN H 73 -7.86 -36.76 37.27
N GLU H 74 -9.11 -36.94 37.66
CA GLU H 74 -9.89 -38.09 37.22
C GLU H 74 -10.60 -37.78 35.90
N TYR H 75 -11.13 -38.83 35.27
CA TYR H 75 -11.87 -38.71 34.03
C TYR H 75 -13.34 -38.44 34.34
N LEU H 76 -13.89 -37.41 33.71
CA LEU H 76 -15.30 -37.09 33.83
C LEU H 76 -15.93 -37.04 32.44
N GLN H 77 -17.11 -37.61 32.31
CA GLN H 77 -17.77 -37.76 31.03
C GLN H 77 -18.67 -36.57 30.74
N ILE H 78 -18.84 -36.27 29.45
CA ILE H 78 -19.73 -35.19 29.04
C ILE H 78 -21.16 -35.52 29.49
N GLY H 79 -21.82 -34.55 30.11
CA GLY H 79 -23.15 -34.73 30.64
C GLY H 79 -23.20 -35.06 32.12
N ASP H 80 -22.07 -35.40 32.73
CA ASP H 80 -22.05 -35.72 34.15
C ASP H 80 -22.50 -34.50 34.95
N PRO H 81 -23.42 -34.67 35.90
CA PRO H 81 -23.93 -33.52 36.65
C PRO H 81 -22.87 -32.93 37.56
N ILE H 82 -22.82 -31.59 37.58
CA ILE H 82 -21.94 -30.84 38.48
C ILE H 82 -22.82 -30.20 39.55
N HIS H 83 -22.46 -30.41 40.81
CA HIS H 83 -23.23 -29.88 41.94
C HIS H 83 -22.47 -28.76 42.62
N ASP H 84 -23.17 -28.09 43.52
CA ASP H 84 -22.57 -27.16 44.46
C ASP H 84 -22.34 -27.88 45.78
N GLN H 85 -21.97 -27.13 46.82
CA GLN H 85 -21.82 -27.73 48.15
C GLN H 85 -23.14 -27.93 48.86
N GLU H 86 -24.25 -27.44 48.30
CA GLU H 86 -25.56 -27.64 48.89
C GLU H 86 -26.35 -28.75 48.22
N GLY H 87 -25.76 -29.43 47.23
CA GLY H 87 -26.43 -30.51 46.54
C GLY H 87 -27.19 -30.11 45.30
N ASN H 88 -27.31 -28.81 45.02
CA ASN H 88 -28.01 -28.35 43.83
C ASN H 88 -27.15 -28.57 42.60
N GLN H 89 -27.77 -29.06 41.52
CA GLN H 89 -27.08 -29.19 40.26
C GLN H 89 -27.00 -27.82 39.58
N ILE H 90 -25.81 -27.44 39.15
CA ILE H 90 -25.57 -26.13 38.57
C ILE H 90 -25.09 -26.19 37.13
N SER H 91 -24.62 -27.36 36.66
CA SER H 91 -24.05 -27.48 35.32
C SER H 91 -23.81 -28.97 35.04
N ILE H 92 -23.26 -29.24 33.86
CA ILE H 92 -22.78 -30.57 33.49
C ILE H 92 -21.39 -30.42 32.88
N ILE H 93 -20.67 -31.53 32.84
CA ILE H 93 -19.35 -31.54 32.21
C ILE H 93 -19.51 -31.22 30.74
N THR H 94 -18.69 -30.30 30.23
CA THR H 94 -18.79 -29.86 28.85
C THR H 94 -17.46 -29.96 28.12
N TYR H 95 -16.52 -29.10 28.47
CA TYR H 95 -15.23 -29.04 27.81
C TYR H 95 -14.12 -29.33 28.81
N ARG H 96 -12.96 -29.72 28.29
CA ARG H 96 -11.83 -30.11 29.14
C ARG H 96 -10.54 -29.65 28.50
N HIS H 97 -9.57 -29.33 29.36
CA HIS H 97 -8.19 -29.06 28.95
C HIS H 97 -7.30 -29.81 29.93
N LYS H 98 -6.79 -30.96 29.51
CA LYS H 98 -6.01 -31.84 30.37
C LYS H 98 -6.79 -32.16 31.65
N ASN H 99 -6.31 -31.68 32.79
CA ASN H 99 -6.98 -31.90 34.07
C ASN H 99 -7.80 -30.69 34.51
N TYR H 100 -8.22 -29.85 33.57
CA TYR H 100 -9.09 -28.72 33.85
C TYR H 100 -10.43 -28.94 33.17
N TYR H 101 -11.52 -28.76 33.90
CA TYR H 101 -12.87 -28.91 33.37
C TYR H 101 -13.60 -27.58 33.45
N ALA H 102 -14.30 -27.23 32.38
CA ALA H 102 -15.05 -25.99 32.34
C ALA H 102 -16.36 -26.13 33.12
N LEU H 103 -16.79 -25.02 33.72
CA LEU H 103 -18.04 -24.94 34.46
C LEU H 103 -18.95 -24.00 33.67
N SER H 104 -19.78 -24.58 32.79
CA SER H 104 -20.54 -23.81 31.82
C SER H 104 -21.85 -23.30 32.41
N GLY H 105 -22.24 -22.12 31.95
CA GLY H 105 -23.38 -21.41 32.50
C GLY H 105 -23.20 -19.92 32.24
N ILE H 106 -23.87 -19.11 33.06
CA ILE H 106 -23.63 -17.67 33.01
C ILE H 106 -22.22 -17.42 33.55
N GLY H 107 -21.31 -17.06 32.65
CA GLY H 107 -19.92 -16.88 33.04
C GLY H 107 -19.41 -15.47 32.85
N TYR H 108 -18.19 -15.33 32.34
CA TYR H 108 -17.58 -14.02 32.17
C TYR H 108 -17.76 -13.51 30.75
N GLU H 109 -16.70 -12.93 30.16
CA GLU H 109 -16.82 -12.34 28.84
C GLU H 109 -17.15 -13.39 27.80
N SER H 110 -18.07 -13.04 26.89
CA SER H 110 -18.62 -14.00 25.95
C SER H 110 -18.65 -13.40 24.54
N LEU H 111 -19.05 -14.24 23.58
CA LEU H 111 -19.13 -13.83 22.18
C LEU H 111 -20.15 -14.72 21.48
N ASP H 112 -21.17 -14.10 20.89
CA ASP H 112 -22.18 -14.80 20.12
C ASP H 112 -22.17 -14.30 18.68
N LEU H 113 -22.45 -15.20 17.75
CA LEU H 113 -22.33 -14.89 16.32
C LEU H 113 -23.31 -15.70 15.50
N CYS H 114 -23.84 -15.08 14.44
CA CYS H 114 -24.56 -15.79 13.40
C CYS H 114 -23.56 -16.25 12.35
N LEU H 115 -23.44 -17.56 12.18
CA LEU H 115 -22.37 -18.14 11.37
C LEU H 115 -22.70 -18.24 9.89
N GLU H 116 -23.83 -17.70 9.45
CA GLU H 116 -24.18 -17.74 8.04
C GLU H 116 -23.37 -16.70 7.27
N GLY H 117 -22.51 -17.17 6.37
CA GLY H 117 -21.70 -16.30 5.55
C GLY H 117 -20.33 -15.94 6.10
N VAL H 118 -20.08 -16.19 7.39
CA VAL H 118 -18.80 -15.86 8.00
C VAL H 118 -18.24 -17.09 8.69
N GLY H 119 -16.92 -17.13 8.83
CA GLY H 119 -16.25 -18.22 9.51
C GLY H 119 -15.49 -17.74 10.72
N ILE H 120 -15.10 -18.66 11.60
CA ILE H 120 -14.40 -18.32 12.84
C ILE H 120 -13.27 -19.33 13.06
N HIS H 121 -12.13 -18.83 13.51
CA HIS H 121 -10.96 -19.66 13.78
C HIS H 121 -10.39 -19.29 15.14
N HIS H 122 -9.87 -20.29 15.84
CA HIS H 122 -9.35 -20.11 17.19
C HIS H 122 -7.86 -20.38 17.23
N HIS H 123 -7.11 -19.51 17.89
CA HIS H 123 -5.66 -19.59 17.94
C HIS H 123 -5.18 -19.44 19.37
N VAL H 124 -4.13 -20.18 19.71
CA VAL H 124 -3.40 -19.95 20.96
C VAL H 124 -2.39 -18.84 20.73
N LEU H 125 -2.58 -17.71 21.40
CA LEU H 125 -1.71 -16.55 21.24
C LEU H 125 -0.46 -16.75 22.09
N GLU H 126 0.68 -16.96 21.43
CA GLU H 126 1.93 -17.14 22.16
C GLU H 126 2.26 -15.87 22.95
N THR H 127 2.92 -16.06 24.09
CA THR H 127 3.18 -14.95 24.99
C THR H 127 4.19 -13.99 24.40
N GLY H 128 3.98 -12.69 24.64
CA GLY H 128 4.80 -11.65 24.06
C GLY H 128 4.44 -11.30 22.63
N ASN H 129 3.47 -11.98 22.04
CA ASN H 129 3.07 -11.78 20.66
C ASN H 129 1.92 -10.77 20.59
N ALA H 130 1.77 -10.14 19.43
CA ALA H 130 0.70 -9.19 19.19
C ALA H 130 -0.04 -9.54 17.91
N VAL H 131 -1.29 -9.11 17.85
CA VAL H 131 -2.23 -9.57 16.83
C VAL H 131 -2.54 -8.43 15.86
N TYR H 132 -2.58 -8.76 14.57
CA TYR H 132 -3.25 -7.95 13.57
C TYR H 132 -4.00 -8.87 12.63
N GLY H 133 -5.32 -8.70 12.55
CA GLY H 133 -6.13 -9.48 11.63
C GLY H 133 -6.07 -10.97 11.87
N LYS H 134 -5.49 -11.70 10.91
CA LYS H 134 -5.43 -13.16 10.94
C LYS H 134 -4.08 -13.68 11.40
N VAL H 135 -3.10 -12.81 11.65
CA VAL H 135 -1.73 -13.24 11.89
C VAL H 135 -1.27 -12.78 13.28
N GLN H 136 -0.31 -13.52 13.83
CA GLN H 136 0.37 -13.16 15.06
C GLN H 136 1.87 -13.24 14.82
N HIS H 137 2.58 -12.16 15.14
CA HIS H 137 4.03 -12.10 14.99
C HIS H 137 4.59 -11.13 16.01
N ASP H 138 5.92 -11.06 16.07
CA ASP H 138 6.58 -10.15 17.01
C ASP H 138 6.13 -8.71 16.78
N TYR H 139 6.37 -7.87 17.78
CA TYR H 139 5.82 -6.52 17.77
C TYR H 139 6.31 -5.72 16.57
N SER H 140 7.52 -5.98 16.09
CA SER H 140 8.04 -5.25 14.94
C SER H 140 7.18 -5.50 13.71
N THR H 141 6.82 -6.76 13.46
CA THR H 141 5.95 -7.08 12.33
C THR H 141 4.55 -6.52 12.56
N ILE H 142 4.04 -6.61 13.79
CA ILE H 142 2.66 -6.21 14.04
C ILE H 142 2.51 -4.69 13.95
N LYS H 143 3.55 -3.95 14.31
CA LYS H 143 3.51 -2.50 14.16
C LYS H 143 3.72 -2.08 12.72
N GLU H 144 4.52 -2.84 11.97
CA GLU H 144 4.78 -2.53 10.58
C GLU H 144 3.64 -2.99 9.68
N LYS H 145 3.08 -4.17 9.93
CA LYS H 145 2.01 -4.68 9.09
C LYS H 145 0.73 -3.89 9.28
N ALA H 146 0.40 -3.53 10.52
CA ALA H 146 -0.77 -2.69 10.77
C ALA H 146 -0.61 -1.33 10.08
N LYS H 147 0.61 -0.77 10.13
CA LYS H 147 0.86 0.49 9.46
C LYS H 147 0.87 0.32 7.94
N GLU H 148 1.20 -0.87 7.46
CA GLU H 148 1.22 -1.12 6.02
C GLU H 148 -0.17 -1.29 5.44
N MET H 149 -1.12 -1.83 6.22
CA MET H 149 -2.45 -2.14 5.73
C MET H 149 -3.49 -1.09 6.11
N ASN H 150 -3.05 0.12 6.42
CA ASN H 150 -4.00 1.19 6.73
C ASN H 150 -4.67 1.74 5.47
N ALA H 151 -3.98 1.71 4.34
CA ALA H 151 -4.49 2.26 3.08
C ALA H 151 -5.36 1.23 2.36
N LEU H 152 -6.45 0.84 3.03
CA LEU H 152 -7.42 -0.10 2.47
C LEU H 152 -8.82 0.42 2.79
N SER H 153 -9.63 0.61 1.76
CA SER H 153 -11.03 0.89 1.99
C SER H 153 -11.66 -0.29 2.73
N PRO H 154 -12.58 -0.03 3.66
CA PRO H 154 -13.04 -1.11 4.56
C PRO H 154 -13.82 -2.17 3.79
N GLY H 155 -13.31 -3.39 3.85
CA GLY H 155 -14.04 -4.53 3.33
C GLY H 155 -14.97 -5.08 4.38
N PRO H 156 -16.11 -5.62 3.96
CA PRO H 156 -17.04 -6.20 4.93
C PRO H 156 -16.43 -7.38 5.66
N ILE H 157 -16.93 -7.63 6.87
CA ILE H 157 -16.39 -8.68 7.72
C ILE H 157 -16.70 -10.04 7.12
N ILE H 158 -15.67 -10.88 6.98
CA ILE H 158 -15.85 -12.23 6.48
C ILE H 158 -15.31 -13.30 7.42
N ASP H 159 -14.44 -12.96 8.37
CA ASP H 159 -13.83 -13.95 9.24
C ASP H 159 -13.62 -13.36 10.62
N TYR H 160 -13.88 -14.17 11.65
CA TYR H 160 -13.56 -13.83 13.03
C TYR H 160 -12.41 -14.71 13.50
N HIS H 161 -11.59 -14.17 14.41
CA HIS H 161 -10.43 -14.88 14.92
C HIS H 161 -10.31 -14.64 16.41
N VAL H 162 -10.45 -15.71 17.18
CA VAL H 162 -10.38 -15.65 18.64
C VAL H 162 -8.95 -15.95 19.07
N TRP H 163 -8.37 -15.03 19.84
CA TRP H 163 -6.99 -15.16 20.31
C TRP H 163 -7.01 -15.35 21.82
N ILE H 164 -6.63 -16.54 22.26
CA ILE H 164 -6.66 -16.91 23.67
C ILE H 164 -5.21 -16.93 24.17
N GLY H 165 -4.86 -15.94 24.99
CA GLY H 165 -3.53 -15.83 25.54
C GLY H 165 -3.50 -16.10 27.05
N ASP H 166 -2.28 -16.21 27.56
CA ASP H 166 -2.09 -16.52 28.97
C ASP H 166 -2.49 -15.36 29.88
N CYS H 167 -2.51 -14.13 29.36
CA CYS H 167 -2.84 -12.97 30.16
C CYS H 167 -3.94 -12.09 29.56
N ILE H 168 -4.37 -12.35 28.33
CA ILE H 168 -5.39 -11.52 27.69
C ILE H 168 -6.00 -12.33 26.54
N CYS H 169 -7.27 -12.05 26.25
CA CYS H 169 -7.98 -12.70 25.16
C CYS H 169 -8.60 -11.64 24.27
N GLN H 170 -8.48 -11.83 22.95
CA GLN H 170 -8.96 -10.86 21.98
C GLN H 170 -9.67 -11.58 20.84
N VAL H 171 -10.60 -10.87 20.20
CA VAL H 171 -11.29 -11.34 19.01
C VAL H 171 -11.19 -10.27 17.94
N THR H 172 -10.79 -10.66 16.74
CA THR H 172 -10.62 -9.74 15.63
C THR H 172 -11.54 -10.13 14.48
N ALA H 173 -11.86 -9.14 13.65
CA ALA H 173 -12.70 -9.33 12.47
C ALA H 173 -11.97 -8.75 11.27
N VAL H 174 -11.86 -9.54 10.21
CA VAL H 174 -11.08 -9.16 9.03
C VAL H 174 -12.00 -9.13 7.81
N ASP H 175 -11.49 -8.49 6.75
CA ASP H 175 -12.17 -8.42 5.48
C ASP H 175 -11.53 -9.38 4.49
N VAL H 176 -11.93 -9.28 3.23
CA VAL H 176 -11.37 -10.16 2.19
C VAL H 176 -9.88 -9.93 2.00
N HIS H 177 -9.38 -8.75 2.36
CA HIS H 177 -7.96 -8.45 2.27
C HIS H 177 -7.20 -8.75 3.54
N GLY H 178 -7.89 -9.13 4.62
CA GLY H 178 -7.26 -9.38 5.90
C GLY H 178 -7.14 -8.18 6.80
N LYS H 179 -7.64 -7.02 6.38
CA LYS H 179 -7.54 -5.81 7.19
C LYS H 179 -8.40 -5.93 8.44
N GLU H 180 -7.83 -5.56 9.58
CA GLU H 180 -8.55 -5.63 10.85
C GLU H 180 -9.62 -4.54 10.88
N ILE H 181 -10.88 -4.96 10.93
CA ILE H 181 -12.01 -4.02 10.92
C ILE H 181 -12.48 -3.79 12.34
N MET H 182 -12.34 -4.80 13.20
CA MET H 182 -12.84 -4.71 14.56
C MET H 182 -11.96 -5.55 15.48
N ARG H 183 -11.71 -5.04 16.68
CA ARG H 183 -10.97 -5.78 17.71
C ARG H 183 -11.62 -5.56 19.06
N MET H 184 -11.78 -6.65 19.82
CA MET H 184 -12.19 -6.60 21.21
C MET H 184 -11.07 -7.11 22.09
N ARG H 185 -11.10 -6.70 23.36
CA ARG H 185 -10.11 -7.15 24.33
C ARG H 185 -10.82 -7.57 25.61
N PHE H 186 -10.56 -8.79 26.06
CA PHE H 186 -11.03 -9.30 27.35
C PHE H 186 -9.81 -9.40 28.26
N LYS H 187 -9.83 -8.65 29.37
CA LYS H 187 -8.68 -8.57 30.26
C LYS H 187 -8.66 -9.74 31.25
N LYS H 188 -8.54 -10.93 30.70
CA LYS H 188 -8.44 -12.16 31.48
C LYS H 188 -7.56 -13.15 30.72
N GLY H 189 -6.89 -14.01 31.47
CA GLY H 189 -6.09 -15.09 30.90
C GLY H 189 -6.89 -16.38 30.86
N ALA H 190 -6.75 -17.12 29.77
CA ALA H 190 -7.55 -18.31 29.58
C ALA H 190 -6.82 -19.32 28.69
N VAL H 191 -7.43 -20.49 28.57
CA VAL H 191 -6.93 -21.57 27.71
C VAL H 191 -8.08 -22.06 26.84
N LEU H 192 -7.72 -22.82 25.79
CA LEU H 192 -8.69 -23.46 24.91
C LEU H 192 -8.88 -24.92 25.30
N PRO H 193 -10.05 -25.49 25.03
CA PRO H 193 -10.26 -26.91 25.32
C PRO H 193 -9.46 -27.80 24.38
N ILE H 194 -9.10 -28.97 24.88
CA ILE H 194 -8.43 -30.00 24.09
C ILE H 194 -9.46 -31.11 23.83
N PRO H 195 -9.92 -31.29 22.58
CA PRO H 195 -10.90 -32.31 22.20
C PRO H 195 -10.49 -33.72 22.60
N MET I 2 -31.10 -84.88 -52.26
CA MET I 2 -31.02 -85.19 -50.84
C MET I 2 -29.86 -84.43 -50.20
N ALA I 3 -30.02 -84.04 -48.93
CA ALA I 3 -28.94 -83.42 -48.18
C ALA I 3 -27.86 -84.45 -47.88
N MET I 4 -26.66 -84.22 -48.41
CA MET I 4 -25.56 -85.17 -48.30
C MET I 4 -24.42 -84.58 -47.49
N PHE I 5 -23.75 -85.44 -46.72
CA PHE I 5 -22.61 -85.06 -45.92
C PHE I 5 -21.51 -86.09 -46.12
N TYR I 6 -20.31 -85.62 -46.46
CA TYR I 6 -19.18 -86.49 -46.72
C TYR I 6 -18.03 -86.14 -45.79
N ALA I 7 -17.42 -87.16 -45.20
CA ALA I 7 -16.33 -86.96 -44.25
C ALA I 7 -15.02 -86.77 -44.97
N HIS I 8 -14.27 -85.74 -44.58
CA HIS I 8 -12.95 -85.50 -45.19
C HIS I 8 -11.96 -86.60 -44.81
N ALA I 9 -12.14 -87.22 -43.64
CA ALA I 9 -11.28 -88.33 -43.25
C ALA I 9 -11.52 -89.55 -44.12
N LEU I 10 -12.65 -89.63 -44.82
CA LEU I 10 -12.98 -90.73 -45.71
C LEU I 10 -12.79 -90.36 -47.18
N GLY I 11 -11.93 -89.38 -47.45
CA GLY I 11 -11.67 -88.95 -48.82
C GLY I 11 -12.91 -88.45 -49.55
N GLY I 12 -13.79 -87.75 -48.84
CA GLY I 12 -15.03 -87.30 -49.44
C GLY I 12 -15.06 -85.83 -49.76
N TYR I 13 -13.89 -85.21 -49.89
CA TYR I 13 -13.84 -83.77 -50.16
C TYR I 13 -14.22 -83.48 -51.60
N ASP I 14 -15.02 -82.42 -51.78
CA ASP I 14 -15.41 -81.95 -53.10
C ASP I 14 -15.37 -80.42 -53.08
N GLU I 15 -14.54 -79.84 -53.96
CA GLU I 15 -14.45 -78.39 -54.03
C GLU I 15 -15.75 -77.75 -54.49
N ASN I 16 -16.60 -78.49 -55.18
CA ASN I 16 -17.87 -77.97 -55.67
C ASN I 16 -18.96 -77.99 -54.60
N LEU I 17 -18.66 -78.45 -53.39
CA LEU I 17 -19.60 -78.47 -52.28
C LEU I 17 -19.15 -77.48 -51.22
N HIS I 18 -20.05 -77.24 -50.26
CA HIS I 18 -19.70 -76.43 -49.10
C HIS I 18 -18.62 -77.13 -48.28
N ALA I 19 -17.72 -76.35 -47.70
CA ALA I 19 -16.54 -76.87 -47.03
C ALA I 19 -16.55 -76.40 -45.57
N PHE I 20 -16.51 -77.34 -44.65
CA PHE I 20 -16.41 -77.11 -43.22
C PHE I 20 -15.36 -78.06 -42.66
N PRO I 21 -14.87 -77.81 -41.42
CA PRO I 21 -13.88 -78.72 -40.83
C PRO I 21 -14.32 -80.18 -40.85
N GLY I 22 -13.73 -80.96 -41.75
CA GLY I 22 -14.00 -82.38 -41.84
C GLY I 22 -15.23 -82.76 -42.61
N ILE I 23 -15.90 -81.83 -43.27
CA ILE I 23 -17.18 -82.09 -43.93
C ILE I 23 -17.22 -81.36 -45.26
N SER I 24 -17.61 -82.08 -46.31
CA SER I 24 -18.08 -81.49 -47.55
C SER I 24 -19.54 -81.85 -47.71
N SER I 25 -20.39 -80.84 -47.92
CA SER I 25 -21.84 -81.05 -47.86
C SER I 25 -22.51 -80.25 -48.97
N THR I 26 -23.72 -80.70 -49.33
CA THR I 26 -24.54 -80.01 -50.31
C THR I 26 -25.33 -78.86 -49.69
N VAL I 27 -25.38 -78.75 -48.36
CA VAL I 27 -26.06 -77.66 -47.67
C VAL I 27 -25.11 -77.05 -46.66
N ALA I 28 -25.41 -75.83 -46.26
CA ALA I 28 -24.63 -75.08 -45.27
C ALA I 28 -25.53 -74.81 -44.07
N ASN I 29 -25.43 -75.65 -43.05
CA ASN I 29 -26.23 -75.50 -41.85
C ASN I 29 -25.49 -74.67 -40.81
N ASP I 30 -26.19 -73.73 -40.20
CA ASP I 30 -25.62 -72.90 -39.13
C ASP I 30 -25.78 -73.64 -37.81
N VAL I 31 -24.68 -74.19 -37.30
CA VAL I 31 -24.73 -75.04 -36.12
C VAL I 31 -24.57 -74.27 -34.82
N ARG I 32 -24.49 -72.94 -34.87
CA ARG I 32 -24.40 -72.15 -33.65
C ARG I 32 -25.72 -72.10 -32.88
N LYS I 33 -26.84 -72.31 -33.56
CA LYS I 33 -28.16 -72.10 -32.98
C LYS I 33 -28.68 -73.28 -32.18
N TYR I 34 -28.02 -74.44 -32.24
CA TYR I 34 -28.52 -75.64 -31.57
C TYR I 34 -27.97 -75.72 -30.16
N SER I 35 -28.85 -76.07 -29.21
CA SER I 35 -28.43 -76.37 -27.85
C SER I 35 -28.42 -77.86 -27.56
N VAL I 36 -29.16 -78.66 -28.33
CA VAL I 36 -29.17 -80.11 -28.20
C VAL I 36 -29.09 -80.74 -29.59
N VAL I 37 -28.49 -81.91 -29.66
CA VAL I 37 -28.40 -82.70 -30.88
C VAL I 37 -28.80 -84.13 -30.54
N SER I 38 -29.04 -84.93 -31.58
CA SER I 38 -29.39 -86.33 -31.42
C SER I 38 -28.56 -87.19 -32.35
N VAL I 39 -27.98 -88.26 -31.81
CA VAL I 39 -27.22 -89.23 -32.59
C VAL I 39 -27.74 -90.61 -32.22
N TYR I 40 -28.35 -91.30 -33.19
CA TYR I 40 -28.90 -92.65 -32.99
C TYR I 40 -29.92 -92.66 -31.85
N ASN I 41 -30.84 -91.71 -31.90
CA ASN I 41 -31.96 -91.61 -30.96
C ASN I 41 -31.49 -91.37 -29.53
N ASN I 42 -30.36 -90.68 -29.37
CA ASN I 42 -29.85 -90.27 -28.07
C ASN I 42 -29.62 -88.76 -28.08
N LYS I 43 -30.20 -88.07 -27.11
CA LYS I 43 -30.06 -86.62 -27.03
C LYS I 43 -28.84 -86.24 -26.19
N TYR I 44 -28.09 -85.25 -26.68
CA TYR I 44 -26.89 -84.76 -26.00
C TYR I 44 -26.92 -83.25 -25.92
N ASP I 45 -26.45 -82.71 -24.81
CA ASP I 45 -26.42 -81.27 -24.60
C ASP I 45 -25.15 -80.67 -25.17
N ILE I 46 -25.29 -79.53 -25.83
CA ILE I 46 -24.15 -78.83 -26.42
C ILE I 46 -23.49 -77.98 -25.34
N VAL I 47 -22.16 -78.04 -25.29
CA VAL I 47 -21.42 -77.36 -24.23
C VAL I 47 -21.51 -75.85 -24.41
N LYS I 48 -21.81 -75.16 -23.32
CA LYS I 48 -21.96 -73.71 -23.35
C LYS I 48 -20.61 -73.04 -23.04
N ASP I 49 -20.29 -72.00 -23.81
CA ASP I 49 -19.13 -71.13 -23.56
C ASP I 49 -17.81 -71.88 -23.64
N LYS I 50 -17.77 -72.98 -24.40
CA LYS I 50 -16.53 -73.70 -24.62
C LYS I 50 -16.66 -74.46 -25.93
N TYR I 51 -15.59 -74.45 -26.73
CA TYR I 51 -15.69 -74.96 -28.09
C TYR I 51 -14.51 -75.87 -28.42
N MET I 52 -14.39 -76.26 -29.69
CA MET I 52 -13.33 -77.16 -30.13
C MET I 52 -12.80 -76.67 -31.46
N TRP I 53 -11.52 -76.29 -31.49
CA TRP I 53 -10.90 -75.88 -32.73
C TRP I 53 -10.65 -77.11 -33.60
N CYS I 54 -11.40 -77.23 -34.70
CA CYS I 54 -11.31 -78.38 -35.59
C CYS I 54 -10.82 -77.92 -36.95
N TYR I 55 -9.99 -78.73 -37.58
CA TYR I 55 -9.40 -78.38 -38.86
C TYR I 55 -9.18 -79.64 -39.69
N SER I 56 -9.24 -79.46 -41.01
CA SER I 56 -8.87 -80.52 -41.95
C SER I 56 -8.01 -79.89 -43.05
N GLN I 57 -7.05 -80.67 -43.53
CA GLN I 57 -6.12 -80.23 -44.58
C GLN I 57 -6.33 -81.13 -45.79
N VAL I 58 -6.89 -80.58 -46.85
CA VAL I 58 -7.20 -81.36 -48.06
C VAL I 58 -6.83 -80.55 -49.29
N ASN I 59 -6.11 -81.18 -50.22
CA ASN I 59 -5.77 -80.60 -51.51
C ASN I 59 -5.08 -79.24 -51.35
N LYS I 60 -4.07 -79.21 -50.46
CA LYS I 60 -3.28 -78.02 -50.17
C LYS I 60 -4.17 -76.84 -49.74
N ARG I 61 -5.27 -77.14 -49.05
CA ARG I 61 -6.19 -76.13 -48.55
C ARG I 61 -6.48 -76.41 -47.09
N TYR I 62 -6.32 -75.39 -46.25
CA TYR I 62 -6.56 -75.50 -44.81
C TYR I 62 -7.92 -74.92 -44.47
N ILE I 63 -8.69 -75.67 -43.68
CA ILE I 63 -10.05 -75.30 -43.30
C ILE I 63 -10.18 -75.52 -41.81
N GLY I 64 -10.15 -74.43 -41.03
CA GLY I 64 -10.31 -74.51 -39.60
C GLY I 64 -11.38 -73.56 -39.10
N ALA I 65 -11.93 -73.89 -37.93
CA ALA I 65 -13.00 -73.10 -37.33
C ALA I 65 -13.24 -73.56 -35.90
N LEU I 66 -13.78 -72.65 -35.09
CA LEU I 66 -14.27 -73.01 -33.77
C LEU I 66 -15.69 -73.55 -33.90
N LEU I 67 -15.91 -74.77 -33.42
CA LEU I 67 -17.17 -75.46 -33.60
C LEU I 67 -17.84 -75.77 -32.27
N PRO I 68 -19.17 -75.80 -32.23
CA PRO I 68 -19.85 -76.27 -31.01
C PRO I 68 -19.54 -77.74 -30.75
N MET I 69 -19.65 -78.14 -29.49
CA MET I 69 -19.38 -79.52 -29.10
C MET I 69 -20.39 -79.96 -28.06
N PHE I 70 -20.71 -81.25 -28.09
CA PHE I 70 -21.64 -81.85 -27.15
C PHE I 70 -20.95 -82.99 -26.40
N GLU I 71 -21.43 -83.27 -25.19
CA GLU I 71 -20.82 -84.28 -24.35
C GLU I 71 -21.51 -85.62 -24.57
N CYS I 72 -20.70 -86.65 -24.85
CA CYS I 72 -21.21 -88.00 -25.09
C CYS I 72 -20.16 -89.00 -24.67
N ASN I 73 -20.48 -89.81 -23.67
CA ASN I 73 -19.54 -90.83 -23.19
C ASN I 73 -19.50 -92.06 -24.10
N GLU I 74 -20.49 -92.23 -24.97
CA GLU I 74 -20.54 -93.38 -25.85
C GLU I 74 -19.65 -93.17 -27.08
N TYR I 75 -19.42 -94.25 -27.81
CA TYR I 75 -18.57 -94.24 -28.99
C TYR I 75 -19.40 -93.87 -30.21
N LEU I 76 -18.99 -92.83 -30.92
CA LEU I 76 -19.61 -92.43 -32.17
C LEU I 76 -18.56 -92.49 -33.28
N GLN I 77 -18.99 -92.92 -34.45
CA GLN I 77 -18.09 -93.18 -35.56
C GLN I 77 -18.09 -92.02 -36.55
N ILE I 78 -16.94 -91.78 -37.17
CA ILE I 78 -16.84 -90.72 -38.16
C ILE I 78 -17.79 -91.00 -39.30
N GLY I 79 -18.60 -90.02 -39.66
CA GLY I 79 -19.62 -90.16 -40.67
C GLY I 79 -21.01 -90.39 -40.12
N ASP I 80 -21.13 -90.75 -38.85
CA ASP I 80 -22.44 -91.00 -38.26
C ASP I 80 -23.30 -89.74 -38.34
N PRO I 81 -24.56 -89.86 -38.76
CA PRO I 81 -25.38 -88.65 -38.93
C PRO I 81 -25.78 -88.03 -37.61
N ILE I 82 -25.66 -86.71 -37.53
CA ILE I 82 -26.16 -85.92 -36.40
C ILE I 82 -27.49 -85.30 -36.80
N HIS I 83 -28.51 -85.50 -35.99
CA HIS I 83 -29.84 -84.97 -36.25
C HIS I 83 -30.19 -83.88 -35.25
N ASP I 84 -31.17 -83.06 -35.63
CA ASP I 84 -31.78 -82.12 -34.70
C ASP I 84 -32.99 -82.81 -34.06
N GLN I 85 -33.78 -82.05 -33.28
CA GLN I 85 -34.93 -82.66 -32.61
C GLN I 85 -36.07 -82.96 -33.56
N GLU I 86 -36.06 -82.37 -34.75
CA GLU I 86 -37.08 -82.64 -35.75
C GLU I 86 -36.79 -83.87 -36.60
N GLY I 87 -35.65 -84.53 -36.37
CA GLY I 87 -35.25 -85.64 -37.20
C GLY I 87 -34.49 -85.25 -38.45
N ASN I 88 -34.20 -83.98 -38.65
CA ASN I 88 -33.45 -83.52 -39.81
C ASN I 88 -31.95 -83.68 -39.54
N GLN I 89 -31.25 -84.32 -40.47
CA GLN I 89 -29.80 -84.42 -40.36
C GLN I 89 -29.17 -83.03 -40.55
N ILE I 90 -28.29 -82.65 -39.64
CA ILE I 90 -27.64 -81.35 -39.70
C ILE I 90 -26.13 -81.45 -39.90
N SER I 91 -25.51 -82.57 -39.60
CA SER I 91 -24.05 -82.72 -39.65
C SER I 91 -23.73 -84.20 -39.49
N ILE I 92 -22.42 -84.49 -39.47
CA ILE I 92 -21.93 -85.83 -39.18
C ILE I 92 -20.83 -85.72 -38.13
N ILE I 93 -20.61 -86.83 -37.42
CA ILE I 93 -19.52 -86.91 -36.46
C ILE I 93 -18.20 -86.66 -37.18
N THR I 94 -17.34 -85.83 -36.58
CA THR I 94 -16.10 -85.45 -37.22
C THR I 94 -14.90 -85.62 -36.29
N TYR I 95 -14.85 -84.83 -35.22
CA TYR I 95 -13.72 -84.82 -34.32
C TYR I 95 -14.19 -85.02 -32.88
N ARG I 96 -13.33 -85.63 -32.07
CA ARG I 96 -13.66 -85.90 -30.68
C ARG I 96 -12.47 -85.54 -29.79
N HIS I 97 -12.78 -85.09 -28.58
CA HIS I 97 -11.79 -84.84 -27.53
C HIS I 97 -12.33 -85.56 -26.29
N LYS I 98 -11.94 -86.83 -26.14
CA LYS I 98 -12.46 -87.69 -25.09
C LYS I 98 -13.98 -87.78 -25.16
N ASN I 99 -14.68 -87.13 -24.22
CA ASN I 99 -16.13 -87.20 -24.14
C ASN I 99 -16.81 -86.01 -24.81
N TYR I 100 -16.12 -85.33 -25.73
CA TYR I 100 -16.68 -84.16 -26.40
C TYR I 100 -16.55 -84.33 -27.91
N TYR I 101 -17.67 -84.16 -28.62
CA TYR I 101 -17.73 -84.36 -30.06
C TYR I 101 -18.09 -83.05 -30.74
N ALA I 102 -17.38 -82.73 -31.82
CA ALA I 102 -17.61 -81.49 -32.55
C ALA I 102 -18.86 -81.58 -33.42
N LEU I 103 -19.50 -80.44 -33.60
CA LEU I 103 -20.67 -80.29 -34.47
C LEU I 103 -20.27 -79.34 -35.60
N SER I 104 -19.81 -79.91 -36.70
CA SER I 104 -19.22 -79.13 -37.77
C SER I 104 -20.30 -78.53 -38.68
N GLY I 105 -19.92 -77.45 -39.35
CA GLY I 105 -20.82 -76.67 -40.16
C GLY I 105 -20.45 -75.20 -40.06
N ILE I 106 -21.41 -74.33 -40.39
CA ILE I 106 -21.21 -72.91 -40.16
C ILE I 106 -21.11 -72.70 -38.65
N GLY I 107 -19.89 -72.68 -38.14
CA GLY I 107 -19.64 -72.54 -36.71
C GLY I 107 -19.28 -71.12 -36.34
N TYR I 108 -18.28 -70.98 -35.47
CA TYR I 108 -17.87 -69.67 -35.01
C TYR I 108 -16.64 -69.17 -35.76
N GLU I 109 -15.75 -68.47 -35.07
CA GLU I 109 -14.58 -67.88 -35.72
C GLU I 109 -13.75 -68.95 -36.41
N SER I 110 -13.29 -68.64 -37.62
CA SER I 110 -12.69 -69.63 -38.51
C SER I 110 -11.40 -69.11 -39.12
N LEU I 111 -10.70 -70.00 -39.81
CA LEU I 111 -9.45 -69.69 -40.49
C LEU I 111 -9.33 -70.53 -41.75
N ASP I 112 -9.03 -69.87 -42.87
CA ASP I 112 -8.82 -70.55 -44.14
C ASP I 112 -7.48 -70.13 -44.71
N LEU I 113 -6.70 -71.11 -45.19
CA LEU I 113 -5.37 -70.83 -45.72
C LEU I 113 -5.17 -71.47 -47.09
N HIS I 121 1.16 -75.25 -37.48
CA HIS I 121 1.24 -76.06 -36.26
C HIS I 121 0.23 -75.58 -35.22
N HIS I 122 -0.26 -76.51 -34.41
CA HIS I 122 -1.27 -76.23 -33.41
C HIS I 122 -0.72 -76.52 -32.02
N HIS I 123 -1.11 -75.70 -31.05
CA HIS I 123 -0.58 -75.81 -29.69
C HIS I 123 -1.68 -75.60 -28.68
N VAL I 124 -1.60 -76.33 -27.57
CA VAL I 124 -2.46 -76.08 -26.42
C VAL I 124 -1.86 -74.93 -25.62
N LEU I 125 -2.58 -73.82 -25.54
CA LEU I 125 -2.07 -72.63 -24.87
C LEU I 125 -2.28 -72.75 -23.37
N GLU I 126 -1.19 -72.72 -22.61
CA GLU I 126 -1.27 -72.81 -21.16
C GLU I 126 -1.93 -71.55 -20.59
N THR I 127 -2.62 -71.73 -19.46
CA THR I 127 -3.35 -70.62 -18.86
C THR I 127 -2.39 -69.61 -18.26
N GLY I 128 -2.69 -68.33 -18.45
CA GLY I 128 -1.83 -67.24 -18.00
C GLY I 128 -0.67 -66.94 -18.92
N ASN I 129 -0.59 -67.61 -20.07
CA ASN I 129 0.53 -67.48 -20.99
C ASN I 129 0.22 -66.45 -22.07
N ALA I 130 1.27 -65.80 -22.57
CA ALA I 130 1.16 -64.84 -23.66
C ALA I 130 1.93 -65.35 -24.87
N VAL I 131 1.57 -64.84 -26.04
CA VAL I 131 2.07 -65.38 -27.31
C VAL I 131 2.78 -64.28 -28.08
N TYR I 132 3.94 -64.63 -28.64
CA TYR I 132 4.58 -63.85 -29.70
C TYR I 132 5.23 -64.82 -30.66
N GLY I 133 4.78 -64.80 -31.92
CA GLY I 133 5.47 -65.55 -32.94
C GLY I 133 5.31 -67.05 -32.77
N LYS I 134 6.44 -67.75 -32.59
CA LYS I 134 6.46 -69.20 -32.53
C LYS I 134 6.51 -69.74 -31.10
N VAL I 135 6.69 -68.89 -30.09
CA VAL I 135 6.89 -69.33 -28.72
C VAL I 135 5.82 -68.71 -27.83
N GLN I 136 5.61 -69.33 -26.67
CA GLN I 136 4.67 -68.86 -25.66
C GLN I 136 5.36 -68.87 -24.30
N HIS I 137 5.37 -67.72 -23.63
CA HIS I 137 5.93 -67.60 -22.28
C HIS I 137 5.21 -66.47 -21.57
N ASP I 138 5.63 -66.19 -20.33
CA ASP I 138 4.95 -65.19 -19.53
C ASP I 138 5.02 -63.81 -20.18
N TYR I 139 4.15 -62.92 -19.72
CA TYR I 139 3.97 -61.63 -20.39
C TYR I 139 5.25 -60.80 -20.38
N SER I 140 6.03 -60.88 -19.29
CA SER I 140 7.23 -60.06 -19.19
C SER I 140 8.27 -60.49 -20.22
N THR I 141 8.46 -61.80 -20.40
CA THR I 141 9.41 -62.28 -21.40
C THR I 141 8.91 -62.03 -22.81
N ILE I 142 7.60 -62.15 -23.03
CA ILE I 142 7.05 -61.95 -24.36
C ILE I 142 7.14 -60.48 -24.76
N LYS I 143 6.85 -59.56 -23.82
CA LYS I 143 7.03 -58.14 -24.11
C LYS I 143 8.48 -57.82 -24.44
N GLU I 144 9.42 -58.41 -23.70
CA GLU I 144 10.84 -58.22 -24.01
C GLU I 144 11.21 -58.90 -25.33
N LYS I 145 10.57 -60.03 -25.65
CA LYS I 145 10.83 -60.69 -26.92
C LYS I 145 10.33 -59.85 -28.09
N ALA I 146 9.14 -59.25 -27.95
CA ALA I 146 8.61 -58.39 -29.01
C ALA I 146 9.47 -57.15 -29.20
N LYS I 147 10.01 -56.61 -28.10
CA LYS I 147 10.88 -55.44 -28.21
C LYS I 147 12.19 -55.80 -28.90
N GLU I 148 12.70 -57.00 -28.67
CA GLU I 148 13.93 -57.43 -29.33
C GLU I 148 13.71 -57.64 -30.83
N MET I 149 12.65 -58.39 -31.18
CA MET I 149 12.41 -58.72 -32.58
C MET I 149 11.91 -57.52 -33.38
N ASN I 150 11.41 -56.47 -32.72
CA ASN I 150 10.83 -55.34 -33.44
C ASN I 150 11.87 -54.63 -34.30
N ALA I 151 13.12 -54.62 -33.89
CA ALA I 151 14.18 -54.00 -34.67
C ALA I 151 14.45 -54.80 -35.95
N ILE I 158 6.20 -67.43 -43.08
CA ILE I 158 6.54 -68.76 -43.59
C ILE I 158 5.88 -69.84 -42.77
N ASP I 159 5.33 -69.47 -41.61
CA ASP I 159 4.73 -70.44 -40.70
C ASP I 159 3.56 -69.80 -39.97
N TYR I 160 2.51 -70.59 -39.75
CA TYR I 160 1.38 -70.21 -38.92
C TYR I 160 1.37 -71.08 -37.67
N HIS I 161 0.81 -70.54 -36.59
CA HIS I 161 0.78 -71.24 -35.31
C HIS I 161 -0.54 -70.95 -34.61
N VAL I 162 -1.35 -71.98 -34.46
CA VAL I 162 -2.66 -71.87 -33.81
C VAL I 162 -2.49 -72.16 -32.33
N TRP I 163 -3.00 -71.26 -31.49
CA TRP I 163 -2.86 -71.35 -30.04
C TRP I 163 -4.25 -71.47 -29.44
N ILE I 164 -4.56 -72.64 -28.88
CA ILE I 164 -5.88 -72.94 -28.34
C ILE I 164 -5.77 -72.93 -26.82
N GLY I 165 -6.39 -71.92 -26.20
CA GLY I 165 -6.36 -71.76 -24.76
C GLY I 165 -7.74 -71.93 -24.14
N ASP I 166 -7.76 -71.92 -22.80
CA ASP I 166 -9.01 -72.18 -22.08
C ASP I 166 -9.97 -71.00 -22.17
N CYS I 167 -9.46 -69.79 -22.39
CA CYS I 167 -10.31 -68.61 -22.49
C CYS I 167 -10.02 -67.77 -23.73
N ILE I 168 -9.02 -68.13 -24.52
CA ILE I 168 -8.59 -67.30 -25.66
C ILE I 168 -7.98 -68.21 -26.71
N CYS I 169 -8.12 -67.80 -27.97
CA CYS I 169 -7.50 -68.50 -29.10
C CYS I 169 -6.87 -67.47 -30.03
N GLN I 170 -5.66 -67.77 -30.49
CA GLN I 170 -4.89 -66.85 -31.32
C GLN I 170 -4.12 -67.63 -32.37
N VAL I 171 -3.92 -67.00 -33.53
CA VAL I 171 -2.99 -67.48 -34.53
C VAL I 171 -1.95 -66.40 -34.76
N THR I 172 -0.75 -66.82 -35.14
CA THR I 172 0.35 -65.91 -35.40
C THR I 172 1.09 -66.35 -36.66
N ALA I 173 1.68 -65.38 -37.35
CA ALA I 173 2.45 -65.63 -38.56
C ALA I 173 3.87 -65.12 -38.35
N VAL I 174 4.86 -65.95 -38.70
CA VAL I 174 6.26 -65.61 -38.52
C VAL I 174 6.96 -65.67 -39.88
N ASP I 175 8.10 -65.00 -39.95
CA ASP I 175 8.98 -65.08 -41.10
C ASP I 175 10.08 -66.12 -40.80
N VAL I 176 11.20 -66.05 -41.52
CA VAL I 176 12.25 -67.03 -41.31
C VAL I 176 12.93 -66.82 -39.96
N HIS I 177 12.90 -65.59 -39.44
CA HIS I 177 13.52 -65.27 -38.16
C HIS I 177 12.60 -65.52 -36.96
N GLY I 178 11.36 -65.94 -37.20
CA GLY I 178 10.41 -66.12 -36.13
C GLY I 178 9.71 -64.87 -35.66
N LYS I 179 9.97 -63.72 -36.30
CA LYS I 179 9.33 -62.48 -35.90
C LYS I 179 7.86 -62.47 -36.30
N GLU I 180 7.01 -62.02 -35.38
CA GLU I 180 5.57 -62.03 -35.61
C GLU I 180 5.20 -60.97 -36.63
N ILE I 181 4.48 -61.39 -37.69
CA ILE I 181 4.07 -60.50 -38.76
C ILE I 181 2.58 -60.22 -38.64
N MET I 182 1.83 -61.18 -38.10
CA MET I 182 0.38 -61.07 -38.03
C MET I 182 -0.12 -61.82 -36.80
N ARG I 183 -1.24 -61.35 -36.25
CA ARG I 183 -1.86 -62.00 -35.11
C ARG I 183 -3.36 -61.71 -35.12
N MET I 184 -4.15 -62.75 -34.92
CA MET I 184 -5.59 -62.63 -34.72
C MET I 184 -5.94 -63.18 -33.34
N ARG I 185 -7.06 -62.71 -32.79
CA ARG I 185 -7.51 -63.13 -31.47
C ARG I 185 -8.98 -63.49 -31.53
N PHE I 186 -9.33 -64.64 -30.94
CA PHE I 186 -10.71 -65.09 -30.84
C PHE I 186 -11.07 -65.14 -29.36
N LYS I 187 -12.03 -64.30 -28.95
CA LYS I 187 -12.43 -64.20 -27.55
C LYS I 187 -13.38 -65.35 -27.19
N LYS I 188 -12.86 -66.57 -27.31
CA LYS I 188 -13.58 -67.78 -26.98
C LYS I 188 -12.60 -68.83 -26.47
N GLY I 189 -13.05 -69.65 -25.54
CA GLY I 189 -12.24 -70.74 -25.01
C GLY I 189 -12.55 -72.04 -25.73
N ALA I 190 -11.52 -72.84 -25.96
CA ALA I 190 -11.68 -74.05 -26.76
C ALA I 190 -10.61 -75.07 -26.37
N VAL I 191 -10.76 -76.26 -26.94
CA VAL I 191 -9.80 -77.36 -26.80
C VAL I 191 -9.48 -77.88 -28.20
N LEU I 192 -8.41 -78.73 -28.28
CA LEU I 192 -7.97 -79.38 -29.50
C LEU I 192 -8.43 -80.83 -29.52
N PRO I 193 -8.69 -81.38 -30.71
CA PRO I 193 -9.14 -82.77 -30.80
C PRO I 193 -8.00 -83.74 -30.53
N ILE I 194 -8.36 -84.91 -30.02
CA ILE I 194 -7.44 -86.01 -29.76
C ILE I 194 -7.70 -87.08 -30.84
N PRO I 195 -6.75 -87.35 -31.73
CA PRO I 195 -6.91 -88.31 -32.83
C PRO I 195 -7.28 -89.72 -32.34
N MET J 2 -0.69 -44.10 -11.16
CA MET J 2 -1.91 -43.54 -11.74
C MET J 2 -2.21 -44.16 -13.10
N ALA J 3 -3.49 -44.38 -13.39
CA ALA J 3 -3.89 -44.90 -14.69
C ALA J 3 -3.78 -43.81 -15.75
N MET J 4 -2.93 -44.02 -16.74
CA MET J 4 -2.67 -43.05 -17.79
C MET J 4 -3.14 -43.58 -19.14
N PHE J 5 -3.76 -42.70 -19.92
CA PHE J 5 -4.27 -43.05 -21.25
C PHE J 5 -3.85 -41.97 -22.24
N TYR J 6 -3.25 -42.39 -23.35
CA TYR J 6 -2.77 -41.48 -24.38
C TYR J 6 -3.41 -41.84 -25.71
N ALA J 7 -3.92 -40.82 -26.42
CA ALA J 7 -4.57 -41.03 -27.70
C ALA J 7 -3.54 -41.13 -28.81
N HIS J 8 -3.69 -42.14 -29.67
CA HIS J 8 -2.79 -42.29 -30.81
C HIS J 8 -2.93 -41.15 -31.81
N ALA J 9 -4.15 -40.64 -31.98
CA ALA J 9 -4.37 -39.52 -32.90
C ALA J 9 -3.64 -38.27 -32.46
N LEU J 10 -3.34 -38.14 -31.17
CA LEU J 10 -2.59 -37.01 -30.63
C LEU J 10 -1.12 -37.32 -30.42
N GLY J 11 -0.58 -38.30 -31.16
CA GLY J 11 0.82 -38.66 -31.04
C GLY J 11 1.21 -39.20 -29.68
N GLY J 12 0.30 -39.95 -29.04
CA GLY J 12 0.57 -40.45 -27.70
C GLY J 12 0.96 -41.91 -27.66
N TYR J 13 1.39 -42.46 -28.80
CA TYR J 13 1.75 -43.87 -28.83
C TYR J 13 3.06 -44.13 -28.11
N ASP J 14 3.08 -45.18 -27.29
CA ASP J 14 4.29 -45.61 -26.59
C ASP J 14 4.38 -47.12 -26.74
N GLU J 15 5.48 -47.59 -27.34
CA GLU J 15 5.63 -49.02 -27.59
C GLU J 15 5.79 -49.80 -26.29
N ASN J 16 6.30 -49.17 -25.24
CA ASN J 16 6.49 -49.81 -23.95
C ASN J 16 5.21 -49.87 -23.11
N LEU J 17 4.09 -49.43 -23.65
CA LEU J 17 2.81 -49.48 -22.96
C LEU J 17 1.89 -50.50 -23.62
N HIS J 18 0.74 -50.71 -22.99
CA HIS J 18 -0.30 -51.54 -23.58
C HIS J 18 -0.88 -50.84 -24.80
N ALA J 19 -1.21 -51.62 -25.82
CA ALA J 19 -1.62 -51.08 -27.11
C ALA J 19 -3.02 -51.58 -27.46
N PHE J 20 -3.94 -50.65 -27.65
CA PHE J 20 -5.30 -50.91 -28.10
C PHE J 20 -5.62 -49.95 -29.23
N PRO J 21 -6.70 -50.19 -29.99
CA PRO J 21 -7.07 -49.25 -31.05
C PRO J 21 -7.23 -47.83 -30.56
N GLY J 22 -6.28 -46.96 -30.90
CA GLY J 22 -6.35 -45.56 -30.58
C GLY J 22 -5.87 -45.17 -29.20
N ILE J 23 -5.35 -46.12 -28.41
CA ILE J 23 -4.95 -45.85 -27.03
C ILE J 23 -3.65 -46.57 -26.72
N SER J 24 -2.74 -45.86 -26.06
CA SER J 24 -1.65 -46.47 -25.32
C SER J 24 -1.88 -46.18 -23.84
N SER J 25 -1.74 -47.21 -22.99
CA SER J 25 -2.14 -47.10 -21.60
C SER J 25 -1.17 -47.84 -20.70
N THR J 26 -1.13 -47.41 -19.44
CA THR J 26 -0.38 -48.12 -18.41
C THR J 26 -1.16 -49.29 -17.82
N VAL J 27 -2.45 -49.42 -18.15
CA VAL J 27 -3.27 -50.52 -17.68
C VAL J 27 -3.99 -51.13 -18.87
N ALA J 28 -4.39 -52.40 -18.71
CA ALA J 28 -5.10 -53.16 -19.74
C ALA J 28 -6.45 -53.57 -19.16
N ASN J 29 -7.45 -52.72 -19.36
CA ASN J 29 -8.79 -52.97 -18.86
C ASN J 29 -9.58 -53.81 -19.86
N ASP J 30 -10.35 -54.77 -19.32
CA ASP J 30 -11.22 -55.61 -20.14
C ASP J 30 -12.56 -54.90 -20.26
N VAL J 31 -12.82 -54.29 -21.43
CA VAL J 31 -14.00 -53.46 -21.61
C VAL J 31 -15.21 -54.25 -22.08
N ARG J 32 -15.10 -55.56 -22.23
CA ARG J 32 -16.25 -56.36 -22.62
C ARG J 32 -17.30 -56.44 -21.52
N LYS J 33 -16.90 -56.26 -20.26
CA LYS J 33 -17.77 -56.52 -19.12
C LYS J 33 -18.69 -55.36 -18.78
N TYR J 34 -18.55 -54.21 -19.42
CA TYR J 34 -19.36 -53.05 -19.07
C TYR J 34 -20.60 -52.97 -19.95
N SER J 35 -21.72 -52.60 -19.33
CA SER J 35 -22.96 -52.35 -20.05
C SER J 35 -23.29 -50.88 -20.15
N VAL J 36 -22.74 -50.04 -19.26
CA VAL J 36 -22.93 -48.60 -19.29
C VAL J 36 -21.59 -47.93 -19.02
N VAL J 37 -21.48 -46.69 -19.50
CA VAL J 37 -20.29 -45.87 -19.30
C VAL J 37 -20.73 -44.47 -18.92
N SER J 38 -19.78 -43.69 -18.40
CA SER J 38 -20.04 -42.32 -17.98
C SER J 38 -18.94 -41.41 -18.50
N VAL J 39 -19.35 -40.32 -19.15
CA VAL J 39 -18.45 -39.28 -19.62
C VAL J 39 -18.99 -37.95 -19.11
N TYR J 40 -18.29 -37.35 -18.15
CA TYR J 40 -18.67 -36.06 -17.57
C TYR J 40 -20.06 -36.11 -16.96
N ASN J 41 -20.21 -37.00 -15.98
CA ASN J 41 -21.43 -37.15 -15.17
C ASN J 41 -22.64 -37.57 -16.02
N ASN J 42 -22.41 -38.13 -17.20
CA ASN J 42 -23.50 -38.52 -18.09
C ASN J 42 -23.38 -40.00 -18.44
N LYS J 43 -24.43 -40.76 -18.11
CA LYS J 43 -24.46 -42.20 -18.40
C LYS J 43 -24.97 -42.45 -19.81
N TYR J 44 -24.39 -43.46 -20.45
CA TYR J 44 -24.79 -43.87 -21.79
C TYR J 44 -24.75 -45.40 -21.85
N ASP J 45 -25.74 -45.98 -22.54
CA ASP J 45 -25.86 -47.43 -22.62
C ASP J 45 -25.03 -47.99 -23.76
N ILE J 46 -24.41 -49.14 -23.53
CA ILE J 46 -23.58 -49.79 -24.54
C ILE J 46 -24.45 -50.63 -25.46
N VAL J 47 -24.18 -50.56 -26.76
CA VAL J 47 -25.02 -51.21 -27.75
C VAL J 47 -24.91 -52.72 -27.63
N LYS J 48 -26.06 -53.40 -27.68
CA LYS J 48 -26.11 -54.85 -27.58
C LYS J 48 -25.95 -55.47 -28.96
N ASP J 49 -25.06 -56.46 -29.06
CA ASP J 49 -24.89 -57.28 -30.26
C ASP J 49 -24.45 -56.48 -31.49
N LYS J 50 -23.90 -55.28 -31.28
CA LYS J 50 -23.36 -54.48 -32.37
C LYS J 50 -22.09 -53.78 -31.87
N TYR J 51 -21.07 -53.76 -32.71
CA TYR J 51 -19.77 -53.26 -32.29
C TYR J 51 -19.18 -52.31 -33.32
N MET J 52 -17.94 -51.89 -33.13
CA MET J 52 -17.27 -50.99 -34.06
C MET J 52 -15.84 -51.46 -34.29
N TRP J 53 -15.48 -51.65 -35.55
CA TRP J 53 -14.11 -52.04 -35.89
C TRP J 53 -13.23 -50.79 -35.90
N CYS J 54 -12.35 -50.68 -34.92
CA CYS J 54 -11.47 -49.53 -34.80
C CYS J 54 -10.03 -49.97 -34.97
N TYR J 55 -9.23 -49.08 -35.56
CA TYR J 55 -7.85 -49.43 -35.86
C TYR J 55 -6.98 -48.18 -35.82
N SER J 56 -5.71 -48.38 -35.49
CA SER J 56 -4.69 -47.34 -35.52
C SER J 56 -3.45 -47.88 -36.22
N GLN J 57 -2.75 -46.98 -36.90
CA GLN J 57 -1.54 -47.33 -37.64
C GLN J 57 -0.42 -46.42 -37.14
N VAL J 58 0.44 -46.96 -36.27
CA VAL J 58 1.50 -46.20 -35.63
C VAL J 58 2.81 -46.98 -35.73
N ASN J 59 3.87 -46.31 -36.18
CA ASN J 59 5.21 -46.88 -36.26
C ASN J 59 5.21 -48.20 -37.03
N LYS J 60 4.59 -48.17 -38.21
CA LYS J 60 4.53 -49.33 -39.11
C LYS J 60 3.90 -50.54 -38.44
N ARG J 61 3.00 -50.30 -37.49
CA ARG J 61 2.29 -51.35 -36.78
C ARG J 61 0.79 -51.08 -36.84
N TYR J 62 0.02 -52.10 -37.19
CA TYR J 62 -1.42 -52.00 -37.32
C TYR J 62 -2.08 -52.63 -36.10
N ILE J 63 -3.02 -51.90 -35.48
CA ILE J 63 -3.68 -52.34 -34.26
C ILE J 63 -5.19 -52.21 -34.50
N GLY J 64 -5.85 -53.32 -34.83
CA GLY J 64 -7.28 -53.33 -35.05
C GLY J 64 -7.97 -54.31 -34.14
N ALA J 65 -9.23 -54.02 -33.83
CA ALA J 65 -10.03 -54.86 -32.94
C ALA J 65 -11.48 -54.43 -33.03
N LEU J 66 -12.37 -55.36 -32.67
CA LEU J 66 -13.79 -55.08 -32.52
C LEU J 66 -14.04 -54.59 -31.09
N LEU J 67 -14.61 -53.39 -30.96
CA LEU J 67 -14.77 -52.78 -29.65
C LEU J 67 -16.24 -52.53 -29.36
N PRO J 68 -16.63 -52.53 -28.08
CA PRO J 68 -18.00 -52.13 -27.74
C PRO J 68 -18.22 -50.65 -28.03
N MET J 69 -19.49 -50.28 -28.12
CA MET J 69 -19.85 -48.89 -28.42
C MET J 69 -21.10 -48.50 -27.67
N PHE J 70 -21.18 -47.21 -27.32
CA PHE J 70 -22.31 -46.66 -26.58
C PHE J 70 -22.91 -45.50 -27.35
N GLU J 71 -24.19 -45.26 -27.11
CA GLU J 71 -24.94 -44.23 -27.84
C GLU J 71 -24.88 -42.91 -27.09
N CYS J 72 -24.57 -41.84 -27.81
CA CYS J 72 -24.49 -40.50 -27.23
C CYS J 72 -24.72 -39.48 -28.34
N ASN J 73 -25.81 -38.72 -28.21
CA ASN J 73 -26.11 -37.69 -29.20
C ASN J 73 -25.26 -36.43 -29.03
N GLU J 74 -24.58 -36.28 -27.91
CA GLU J 74 -23.72 -35.12 -27.68
C GLU J 74 -22.37 -35.31 -28.37
N TYR J 75 -21.59 -34.22 -28.40
CA TYR J 75 -20.28 -34.22 -29.02
C TYR J 75 -19.21 -34.45 -27.95
N LEU J 76 -18.38 -35.46 -28.17
CA LEU J 76 -17.26 -35.77 -27.28
C LEU J 76 -15.97 -35.76 -28.10
N GLN J 77 -14.97 -35.03 -27.62
CA GLN J 77 -13.72 -34.90 -28.35
C GLN J 77 -12.73 -35.98 -27.94
N ILE J 78 -11.80 -36.26 -28.85
CA ILE J 78 -10.80 -37.30 -28.62
C ILE J 78 -9.99 -36.98 -27.38
N GLY J 79 -9.79 -37.99 -26.53
CA GLY J 79 -9.05 -37.84 -25.30
C GLY J 79 -9.90 -37.65 -24.07
N ASP J 80 -11.20 -37.39 -24.23
CA ASP J 80 -12.08 -37.24 -23.08
C ASP J 80 -12.11 -38.54 -22.26
N PRO J 81 -11.97 -38.47 -20.95
CA PRO J 81 -11.93 -39.69 -20.15
C PRO J 81 -13.29 -40.37 -20.07
N ILE J 82 -13.28 -41.70 -20.17
CA ILE J 82 -14.47 -42.52 -20.02
C ILE J 82 -14.38 -43.22 -18.66
N HIS J 83 -15.41 -43.07 -17.84
CA HIS J 83 -15.43 -43.62 -16.49
C HIS J 83 -16.45 -44.75 -16.39
N ASP J 84 -16.28 -45.56 -15.36
CA ASP J 84 -17.27 -46.57 -15.01
C ASP J 84 -18.24 -45.98 -13.98
N GLN J 85 -19.11 -46.81 -13.42
CA GLN J 85 -20.07 -46.31 -12.44
C GLN J 85 -19.43 -46.01 -11.09
N GLU J 86 -18.24 -46.55 -10.82
CA GLU J 86 -17.55 -46.30 -9.56
C GLU J 86 -16.62 -45.10 -9.63
N GLY J 87 -16.64 -44.35 -10.73
CA GLY J 87 -15.77 -43.19 -10.87
C GLY J 87 -14.37 -43.51 -11.37
N ASN J 88 -14.04 -44.78 -11.59
CA ASN J 88 -12.74 -45.15 -12.11
C ASN J 88 -12.67 -44.89 -13.61
N GLN J 89 -11.54 -44.37 -14.07
CA GLN J 89 -11.32 -44.18 -15.49
C GLN J 89 -10.94 -45.50 -16.14
N ILE J 90 -11.54 -45.81 -17.28
CA ILE J 90 -11.34 -47.08 -17.95
C ILE J 90 -10.88 -46.93 -19.39
N SER J 91 -11.05 -45.77 -20.02
CA SER J 91 -10.69 -45.56 -21.42
C SER J 91 -10.84 -44.08 -21.72
N ILE J 92 -10.60 -43.71 -22.98
CA ILE J 92 -10.82 -42.36 -23.47
C ILE J 92 -11.57 -42.44 -24.78
N ILE J 93 -12.12 -41.29 -25.19
CA ILE J 93 -12.81 -41.20 -26.47
C ILE J 93 -11.82 -41.41 -27.60
N THR J 94 -12.14 -42.32 -28.51
CA THR J 94 -11.27 -42.61 -29.64
C THR J 94 -11.98 -42.40 -30.96
N TYR J 95 -12.94 -43.22 -31.32
CA TYR J 95 -13.57 -43.17 -32.63
C TYR J 95 -15.09 -42.98 -32.50
N ARG J 96 -15.71 -42.62 -33.61
CA ARG J 96 -17.12 -42.25 -33.61
C ARG J 96 -17.75 -42.65 -34.93
N HIS J 97 -18.98 -43.18 -34.86
CA HIS J 97 -19.81 -43.47 -36.02
C HIS J 97 -21.20 -42.94 -35.71
N LYS J 98 -21.56 -41.80 -36.29
CA LYS J 98 -22.84 -41.12 -36.05
C LYS J 98 -22.95 -40.87 -34.54
N ASN J 99 -23.93 -41.45 -33.84
CA ASN J 99 -24.11 -41.25 -32.41
C ASN J 99 -23.49 -42.39 -31.59
N TYR J 100 -22.54 -43.11 -32.16
CA TYR J 100 -21.90 -44.24 -31.49
C TYR J 100 -20.43 -43.93 -31.25
N TYR J 101 -19.97 -44.16 -30.03
CA TYR J 101 -18.58 -43.95 -29.66
C TYR J 101 -17.96 -45.26 -29.22
N ALA J 102 -16.74 -45.51 -29.67
CA ALA J 102 -16.05 -46.74 -29.34
C ALA J 102 -15.50 -46.70 -27.91
N LEU J 103 -15.45 -47.88 -27.28
CA LEU J 103 -14.86 -48.06 -25.96
C LEU J 103 -13.63 -48.94 -26.15
N SER J 104 -12.46 -48.31 -26.24
CA SER J 104 -11.24 -49.01 -26.61
C SER J 104 -10.56 -49.63 -25.40
N GLY J 105 -9.92 -50.76 -25.64
CA GLY J 105 -9.29 -51.54 -24.58
C GLY J 105 -9.20 -53.00 -25.01
N ILE J 106 -9.09 -53.88 -24.02
CA ILE J 106 -9.17 -55.30 -24.30
C ILE J 106 -10.60 -55.60 -24.73
N GLY J 107 -10.84 -55.64 -26.03
CA GLY J 107 -12.18 -55.83 -26.56
C GLY J 107 -12.42 -57.21 -27.11
N TYR J 108 -13.05 -57.30 -28.27
CA TYR J 108 -13.36 -58.59 -28.87
C TYR J 108 -12.32 -58.96 -29.91
N GLU J 109 -12.74 -59.68 -30.96
CA GLU J 109 -11.80 -60.18 -31.97
C GLU J 109 -10.94 -59.05 -32.52
N SER J 110 -9.62 -59.28 -32.56
CA SER J 110 -8.65 -58.25 -32.90
C SER J 110 -7.76 -58.71 -34.04
N LEU J 111 -6.96 -57.77 -34.54
CA LEU J 111 -6.05 -58.03 -35.65
C LEU J 111 -4.85 -57.10 -35.52
N ASP J 112 -3.66 -57.67 -35.40
CA ASP J 112 -2.42 -56.92 -35.34
C ASP J 112 -1.55 -57.26 -36.54
N LEU J 113 -0.90 -56.25 -37.10
CA LEU J 113 -0.07 -56.45 -38.29
C LEU J 113 1.29 -55.78 -38.14
N HIS J 121 -6.58 -51.82 -46.43
CA HIS J 121 -7.82 -51.18 -46.84
C HIS J 121 -9.03 -51.79 -46.13
N HIS J 122 -10.01 -50.95 -45.81
CA HIS J 122 -11.21 -51.37 -45.11
C HIS J 122 -12.44 -51.11 -45.97
N HIS J 123 -13.43 -51.98 -45.85
CA HIS J 123 -14.63 -51.90 -46.68
C HIS J 123 -15.87 -52.15 -45.83
N VAL J 124 -16.97 -51.55 -46.24
CA VAL J 124 -18.28 -51.83 -45.67
C VAL J 124 -18.91 -52.96 -46.47
N LEU J 125 -19.10 -54.11 -45.82
CA LEU J 125 -19.61 -55.30 -46.50
C LEU J 125 -21.11 -55.20 -46.67
N GLU J 126 -21.57 -55.19 -47.93
CA GLU J 126 -22.99 -55.19 -48.21
C GLU J 126 -23.63 -56.47 -47.68
N THR J 127 -24.87 -56.35 -47.20
CA THR J 127 -25.54 -57.49 -46.58
C THR J 127 -25.91 -58.53 -47.62
N GLY J 128 -25.73 -59.80 -47.27
CA GLY J 128 -25.97 -60.91 -48.18
C GLY J 128 -24.84 -61.19 -49.14
N ASN J 129 -23.72 -60.47 -49.02
CA ASN J 129 -22.60 -60.56 -49.95
C ASN J 129 -21.53 -61.51 -49.41
N ALA J 130 -20.80 -62.13 -50.33
CA ALA J 130 -19.70 -63.03 -50.00
C ALA J 130 -18.38 -62.43 -50.45
N VAL J 131 -17.29 -62.92 -49.86
CA VAL J 131 -15.98 -62.32 -50.03
C VAL J 131 -15.03 -63.36 -50.61
N TYR J 132 -14.27 -62.96 -51.64
CA TYR J 132 -13.12 -63.71 -52.12
C TYR J 132 -12.05 -62.71 -52.52
N GLY J 133 -10.90 -62.79 -51.85
CA GLY J 133 -9.77 -61.94 -52.20
C GLY J 133 -10.00 -60.46 -51.99
N LYS J 134 -10.06 -59.72 -53.09
CA LYS J 134 -10.21 -58.26 -53.05
C LYS J 134 -11.60 -57.79 -53.50
N VAL J 135 -12.49 -58.70 -53.87
CA VAL J 135 -13.78 -58.34 -54.44
C VAL J 135 -14.89 -58.95 -53.59
N GLN J 136 -16.05 -58.30 -53.61
CA GLN J 136 -17.25 -58.78 -52.93
C GLN J 136 -18.41 -58.78 -53.92
N HIS J 137 -19.02 -59.95 -54.13
CA HIS J 137 -20.20 -60.08 -54.96
C HIS J 137 -20.97 -61.31 -54.51
N ASP J 138 -22.08 -61.60 -55.19
CA ASP J 138 -22.97 -62.66 -54.76
C ASP J 138 -22.25 -64.02 -54.73
N TYR J 139 -22.88 -64.98 -54.03
CA TYR J 139 -22.21 -66.24 -53.74
C TYR J 139 -21.87 -67.01 -55.01
N SER J 140 -22.74 -66.95 -56.02
CA SER J 140 -22.49 -67.69 -57.25
C SER J 140 -21.29 -67.12 -58.00
N THR J 141 -21.18 -65.79 -58.07
CA THR J 141 -20.02 -65.19 -58.72
C THR J 141 -18.74 -65.47 -57.93
N ILE J 142 -18.83 -65.47 -56.61
CA ILE J 142 -17.66 -65.70 -55.77
C ILE J 142 -17.18 -67.14 -55.88
N LYS J 143 -18.12 -68.09 -55.88
CA LYS J 143 -17.75 -69.50 -56.00
C LYS J 143 -17.06 -69.78 -57.34
N GLU J 144 -17.58 -69.19 -58.43
CA GLU J 144 -16.94 -69.34 -59.72
C GLU J 144 -15.60 -68.62 -59.77
N LYS J 145 -15.52 -67.44 -59.15
CA LYS J 145 -14.28 -66.69 -59.11
C LYS J 145 -13.20 -67.44 -58.32
N ALA J 146 -13.59 -68.08 -57.22
CA ALA J 146 -12.64 -68.87 -56.44
C ALA J 146 -12.23 -70.14 -57.18
N LYS J 147 -13.14 -70.74 -57.94
CA LYS J 147 -12.78 -71.93 -58.72
C LYS J 147 -11.77 -71.59 -59.80
N GLU J 148 -11.90 -70.42 -60.41
CA GLU J 148 -11.01 -70.04 -61.50
C GLU J 148 -9.57 -69.89 -61.00
N MET J 149 -9.37 -69.08 -59.97
CA MET J 149 -8.04 -68.84 -59.43
C MET J 149 -7.56 -69.95 -58.51
N ASN J 150 -8.33 -71.04 -58.38
CA ASN J 150 -7.94 -72.16 -57.54
C ASN J 150 -6.80 -72.95 -58.17
N ILE J 158 0.18 -59.48 -50.40
CA ILE J 158 0.75 -58.13 -50.49
C ILE J 158 -0.22 -57.10 -49.94
N ASP J 159 -1.47 -57.52 -49.73
CA ASP J 159 -2.50 -56.61 -49.24
C ASP J 159 -3.48 -57.37 -48.36
N TYR J 160 -3.97 -56.69 -47.33
CA TYR J 160 -5.05 -57.17 -46.49
C TYR J 160 -6.29 -56.32 -46.72
N HIS J 161 -7.46 -56.91 -46.48
CA HIS J 161 -8.73 -56.22 -46.71
C HIS J 161 -9.71 -56.59 -45.60
N VAL J 162 -10.15 -55.60 -44.84
CA VAL J 162 -11.05 -55.79 -43.71
C VAL J 162 -12.47 -55.54 -44.20
N TRP J 163 -13.33 -56.54 -44.06
CA TRP J 163 -14.71 -56.49 -44.49
C TRP J 163 -15.59 -56.42 -43.25
N ILE J 164 -16.29 -55.30 -43.09
CA ILE J 164 -17.14 -55.06 -41.93
C ILE J 164 -18.59 -55.07 -42.39
N GLY J 165 -19.35 -56.08 -41.97
CA GLY J 165 -20.72 -56.24 -42.38
C GLY J 165 -21.68 -56.21 -41.20
N ASP J 166 -22.97 -56.20 -41.53
CA ASP J 166 -24.01 -56.09 -40.51
C ASP J 166 -24.09 -57.35 -39.65
N CYS J 167 -23.79 -58.52 -40.22
CA CYS J 167 -23.85 -59.77 -39.49
C CYS J 167 -22.52 -60.50 -39.40
N ILE J 168 -21.50 -60.06 -40.13
CA ILE J 168 -20.25 -60.82 -40.21
C ILE J 168 -19.11 -59.84 -40.51
N CYS J 169 -17.91 -60.20 -40.03
CA CYS J 169 -16.70 -59.45 -40.30
C CYS J 169 -15.62 -60.42 -40.76
N GLN J 170 -14.91 -60.04 -41.83
CA GLN J 170 -13.88 -60.89 -42.40
C GLN J 170 -12.67 -60.05 -42.78
N VAL J 171 -11.51 -60.69 -42.78
CA VAL J 171 -10.26 -60.08 -43.23
C VAL J 171 -9.56 -61.07 -44.16
N THR J 172 -9.23 -60.61 -45.37
CA THR J 172 -8.61 -61.44 -46.38
C THR J 172 -7.23 -60.92 -46.73
N ALA J 173 -6.40 -61.81 -47.28
CA ALA J 173 -5.06 -61.48 -47.73
C ALA J 173 -4.90 -61.93 -49.17
N VAL J 174 -4.33 -61.07 -50.00
CA VAL J 174 -4.20 -61.34 -51.43
C VAL J 174 -2.73 -61.22 -51.83
N ASP J 175 -2.39 -61.90 -52.92
CA ASP J 175 -1.06 -61.80 -53.51
C ASP J 175 -1.08 -60.73 -54.60
N VAL J 176 -0.10 -60.76 -55.52
CA VAL J 176 -0.08 -59.78 -56.59
C VAL J 176 -1.18 -60.05 -57.62
N HIS J 177 -1.65 -61.29 -57.72
CA HIS J 177 -2.69 -61.66 -58.67
C HIS J 177 -4.09 -61.52 -58.10
N GLY J 178 -4.23 -61.15 -56.83
CA GLY J 178 -5.52 -61.06 -56.19
C GLY J 178 -6.04 -62.37 -55.62
N LYS J 179 -5.27 -63.44 -55.68
CA LYS J 179 -5.72 -64.72 -55.12
C LYS J 179 -5.73 -64.65 -53.61
N GLU J 180 -6.79 -65.20 -53.01
CA GLU J 180 -6.94 -65.16 -51.56
C GLU J 180 -5.99 -66.16 -50.92
N ILE J 181 -5.05 -65.66 -50.12
CA ILE J 181 -4.11 -66.52 -49.42
C ILE J 181 -4.59 -66.87 -48.01
N MET J 182 -5.44 -66.04 -47.42
CA MET J 182 -5.84 -66.22 -46.04
C MET J 182 -7.25 -65.66 -45.86
N ARG J 183 -7.98 -66.24 -44.91
CA ARG J 183 -9.33 -65.79 -44.60
C ARG J 183 -9.64 -66.04 -43.13
N MET J 184 -10.10 -65.01 -42.44
CA MET J 184 -10.59 -65.10 -41.08
C MET J 184 -12.05 -64.66 -41.03
N ARG J 185 -12.77 -65.18 -40.05
CA ARG J 185 -14.18 -64.81 -39.86
C ARG J 185 -14.41 -64.46 -38.40
N PHE J 186 -15.01 -63.29 -38.18
CA PHE J 186 -15.45 -62.87 -36.85
C PHE J 186 -16.97 -62.89 -36.84
N LYS J 187 -17.55 -63.78 -36.03
CA LYS J 187 -19.00 -63.98 -36.02
C LYS J 187 -19.69 -62.88 -35.21
N LYS J 188 -19.51 -61.65 -35.69
CA LYS J 188 -20.09 -60.47 -35.07
C LYS J 188 -20.36 -59.44 -36.15
N GLY J 189 -21.40 -58.64 -35.93
CA GLY J 189 -21.72 -57.52 -36.81
C GLY J 189 -21.19 -56.23 -36.23
N ALA J 190 -20.67 -55.36 -37.10
CA ALA J 190 -20.04 -54.13 -36.65
C ALA J 190 -20.14 -53.07 -37.74
N VAL J 191 -19.64 -51.88 -37.43
CA VAL J 191 -19.56 -50.77 -38.37
C VAL J 191 -18.16 -50.18 -38.28
N LEU J 192 -17.83 -49.35 -39.29
CA LEU J 192 -16.56 -48.65 -39.38
C LEU J 192 -16.71 -47.20 -38.92
N PRO J 193 -15.66 -46.61 -38.35
CA PRO J 193 -15.75 -45.23 -37.88
C PRO J 193 -15.84 -44.24 -39.04
N ILE J 194 -16.46 -43.10 -38.75
CA ILE J 194 -16.54 -41.99 -39.69
C ILE J 194 -15.63 -40.89 -39.17
N PRO J 195 -14.54 -40.54 -39.89
CA PRO J 195 -13.57 -39.53 -39.46
C PRO J 195 -14.20 -38.16 -39.21
#